data_2WES
#
_entry.id   2WES
#
_cell.length_a   137.570
_cell.length_b   137.570
_cell.length_c   309.121
_cell.angle_alpha   90.00
_cell.angle_beta   90.00
_cell.angle_gamma   90.00
#
_symmetry.space_group_name_H-M   'P 43 21 2'
#
loop_
_entity.id
_entity.type
_entity.pdbx_description
1 polymer 'TRYPTOPHAN 5-HALOGENASE'
2 non-polymer 'FLAVIN-ADENINE DINUCLEOTIDE'
3 non-polymer 'CHLORIDE ION'
4 water water
#
_entity_poly.entity_id   1
_entity_poly.type   'polypeptide(L)'
_entity_poly.pdbx_seq_one_letter_code
;MIRSVVIVGGGTAGWMTASYLKAAFDDRIDVTLVESGNVRRIGVGQATFSTVRHFFDYLGLDEREWLPRCAGGYKLGIRF
ENWSEPGEYFYHPFERLRVVDGFNMAEWWLAVGDRRTSFSEACYLTHRLCEAKRAPRMLDGSLFASQVDESLGRSTLAEQ
RAQFPYAYHFDADEVARYLSEYAIARGVRHVVDDVQHVGQDERGWISGVHTKQHGEISGDLFVDCTGFRGLLINQTLGGR
FQSFSDVLPNNRAVALRVPRENDEDMRPYTTATAMSAGWMWTIPLFKRDGNGYVYSDEFISPEEAERELRSTVAPGRDDL
EANHIQMRIGRNERTWINNCVAVGLSAAFVEPLESTGIFFIQHAIEQLVKHFPGERWDPVLISAYNERMAHMVDGVKEFL
VLHYKGAQREDTPYWKAAKTRAMPDGLARKLELSASHLLDEQTIYPYYHGFETYSWITMNLGLGIVPERPRPALLHMDPA
PALAEFERLRREGDELIAALPSCYEYLASIQ
;
_entity_poly.pdbx_strand_id   A,B,C,D
#
loop_
_chem_comp.id
_chem_comp.type
_chem_comp.name
_chem_comp.formula
CL non-polymer 'CHLORIDE ION' 'Cl -1'
FAD non-polymer 'FLAVIN-ADENINE DINUCLEOTIDE' 'C27 H33 N9 O15 P2'
#
# COMPACT_ATOMS: atom_id res chain seq x y z
N MET A 1 -30.88 -50.47 5.53
CA MET A 1 -30.45 -49.59 4.38
C MET A 1 -31.33 -48.33 4.22
N ILE A 2 -30.72 -47.14 4.12
CA ILE A 2 -31.50 -45.94 3.80
C ILE A 2 -31.56 -45.70 2.27
N ARG A 3 -32.59 -45.05 1.78
CA ARG A 3 -32.83 -45.09 0.34
C ARG A 3 -32.68 -43.72 -0.33
N SER A 4 -33.08 -42.68 0.37
CA SER A 4 -33.28 -41.44 -0.28
C SER A 4 -32.59 -40.24 0.35
N VAL A 5 -31.98 -39.44 -0.53
CA VAL A 5 -31.27 -38.25 -0.14
C VAL A 5 -31.93 -37.04 -0.76
N VAL A 6 -32.14 -36.02 0.06
CA VAL A 6 -32.64 -34.76 -0.43
C VAL A 6 -31.60 -33.70 -0.21
N ILE A 7 -31.10 -33.13 -1.31
CA ILE A 7 -30.14 -32.04 -1.25
C ILE A 7 -30.89 -30.71 -1.46
N VAL A 8 -30.67 -29.77 -0.54
CA VAL A 8 -31.26 -28.47 -0.67
C VAL A 8 -30.14 -27.52 -1.01
N GLY A 9 -30.20 -26.97 -2.23
CA GLY A 9 -29.20 -26.02 -2.72
C GLY A 9 -28.55 -26.53 -3.98
N GLY A 10 -28.45 -25.66 -4.99
CA GLY A 10 -27.85 -26.05 -6.26
C GLY A 10 -26.64 -25.22 -6.65
N GLY A 11 -25.80 -24.86 -5.68
CA GLY A 11 -24.51 -24.28 -6.00
C GLY A 11 -23.53 -25.39 -6.31
N THR A 12 -22.24 -25.09 -6.24
CA THR A 12 -21.22 -26.14 -6.41
C THR A 12 -21.37 -27.28 -5.39
N ALA A 13 -21.72 -26.92 -4.15
CA ALA A 13 -21.84 -27.89 -3.08
C ALA A 13 -22.93 -28.92 -3.40
N GLY A 14 -24.14 -28.45 -3.66
CA GLY A 14 -25.24 -29.29 -4.07
C GLY A 14 -24.94 -30.21 -5.25
N TRP A 15 -24.39 -29.65 -6.33
CA TRP A 15 -24.19 -30.48 -7.53
C TRP A 15 -23.00 -31.46 -7.41
N MET A 16 -21.95 -31.04 -6.71
CA MET A 16 -20.87 -31.99 -6.39
C MET A 16 -21.40 -33.17 -5.59
N THR A 17 -22.22 -32.89 -4.58
CA THR A 17 -22.79 -33.94 -3.77
C THR A 17 -23.68 -34.88 -4.59
N ALA A 18 -24.61 -34.29 -5.35
CA ALA A 18 -25.53 -35.07 -6.24
C ALA A 18 -24.74 -35.98 -7.14
N SER A 19 -23.78 -35.41 -7.86
CA SER A 19 -22.96 -36.17 -8.80
C SER A 19 -22.19 -37.29 -8.14
N TYR A 20 -21.49 -36.95 -7.06
CA TYR A 20 -20.66 -37.91 -6.37
C TYR A 20 -21.49 -39.07 -5.84
N LEU A 21 -22.64 -38.79 -5.24
CA LEU A 21 -23.52 -39.85 -4.73
C LEU A 21 -23.94 -40.82 -5.83
N LYS A 22 -24.27 -40.26 -7.01
CA LYS A 22 -24.63 -41.10 -8.14
C LYS A 22 -23.47 -41.91 -8.63
N ALA A 23 -22.28 -41.31 -8.66
CA ALA A 23 -21.11 -42.01 -9.13
C ALA A 23 -20.77 -43.13 -8.18
N ALA A 24 -21.02 -42.93 -6.88
CA ALA A 24 -20.67 -43.90 -5.84
C ALA A 24 -21.66 -45.04 -5.79
N PHE A 25 -22.95 -44.72 -5.86
CA PHE A 25 -23.97 -45.69 -5.52
C PHE A 25 -24.88 -46.06 -6.70
N ASP A 26 -24.74 -45.32 -7.80
CA ASP A 26 -25.61 -45.44 -8.98
C ASP A 26 -27.10 -45.56 -8.63
N ASP A 27 -27.75 -46.64 -9.04
CA ASP A 27 -29.19 -46.77 -8.80
C ASP A 27 -29.53 -47.35 -7.41
N ARG A 28 -28.50 -47.56 -6.59
CA ARG A 28 -28.73 -47.96 -5.20
C ARG A 28 -28.91 -46.79 -4.24
N ILE A 29 -29.17 -45.61 -4.78
CA ILE A 29 -29.55 -44.44 -3.99
C ILE A 29 -30.51 -43.55 -4.82
N ASP A 30 -31.54 -43.01 -4.18
CA ASP A 30 -32.38 -42.02 -4.86
C ASP A 30 -32.02 -40.63 -4.30
N VAL A 31 -31.81 -39.70 -5.24
CA VAL A 31 -31.35 -38.37 -4.93
C VAL A 31 -32.26 -37.33 -5.59
N THR A 32 -32.72 -36.39 -4.80
CA THR A 32 -33.48 -35.24 -5.25
C THR A 32 -32.73 -33.98 -4.81
N LEU A 33 -32.59 -33.03 -5.73
CA LEU A 33 -32.02 -31.72 -5.43
C LEU A 33 -33.03 -30.61 -5.69
N VAL A 34 -33.19 -29.77 -4.67
CA VAL A 34 -34.10 -28.66 -4.70
C VAL A 34 -33.26 -27.39 -4.60
N GLU A 35 -33.44 -26.51 -5.59
CA GLU A 35 -32.75 -25.23 -5.60
C GLU A 35 -33.66 -24.10 -6.00
N SER A 36 -33.46 -22.96 -5.35
CA SER A 36 -34.20 -21.75 -5.63
C SER A 36 -33.89 -21.21 -7.02
N GLY A 37 -34.95 -20.78 -7.72
CA GLY A 37 -34.83 -20.07 -8.99
C GLY A 37 -34.48 -18.60 -8.86
N ASN A 38 -34.48 -18.06 -7.65
CA ASN A 38 -34.17 -16.66 -7.47
C ASN A 38 -33.09 -16.27 -6.46
N VAL A 39 -32.73 -17.17 -5.53
CA VAL A 39 -31.51 -16.94 -4.73
C VAL A 39 -30.31 -17.48 -5.51
N ARG A 40 -29.41 -16.56 -5.89
CA ARG A 40 -28.26 -16.91 -6.75
C ARG A 40 -27.14 -17.62 -5.99
N ARG A 41 -26.57 -18.64 -6.62
CA ARG A 41 -25.36 -19.27 -6.12
C ARG A 41 -24.15 -18.36 -6.33
N ILE A 42 -23.13 -18.54 -5.50
CA ILE A 42 -21.87 -17.83 -5.65
C ILE A 42 -21.28 -18.16 -7.01
N GLY A 43 -20.99 -17.15 -7.82
CA GLY A 43 -20.65 -17.36 -9.24
C GLY A 43 -19.28 -16.91 -9.77
N VAL A 44 -18.38 -16.50 -8.88
CA VAL A 44 -17.07 -15.99 -9.28
C VAL A 44 -16.17 -17.05 -9.98
N GLY A 45 -15.07 -16.60 -10.58
CA GLY A 45 -13.97 -17.50 -10.95
C GLY A 45 -13.32 -18.04 -9.69
N GLN A 46 -13.00 -19.34 -9.67
CA GLN A 46 -12.45 -19.99 -8.48
C GLN A 46 -11.19 -20.81 -8.73
N ALA A 47 -10.33 -20.85 -7.72
CA ALA A 47 -9.14 -21.69 -7.70
C ALA A 47 -9.37 -22.98 -6.89
N THR A 48 -8.62 -24.03 -7.18
CA THR A 48 -8.82 -25.30 -6.48
C THR A 48 -7.54 -25.83 -5.83
N PHE A 49 -7.64 -26.96 -5.13
CA PHE A 49 -6.54 -27.53 -4.40
C PHE A 49 -6.21 -28.86 -5.05
N SER A 50 -5.07 -29.45 -4.74
CA SER A 50 -4.59 -30.63 -5.52
C SER A 50 -5.46 -31.86 -5.55
N THR A 51 -6.35 -32.00 -4.58
CA THR A 51 -7.16 -33.20 -4.51
C THR A 51 -8.27 -33.20 -5.54
N VAL A 52 -8.52 -32.03 -6.15
CA VAL A 52 -9.67 -31.92 -7.04
C VAL A 52 -9.65 -32.87 -8.27
N ARG A 53 -8.48 -33.24 -8.76
CA ARG A 53 -8.36 -34.22 -9.85
C ARG A 53 -9.06 -35.51 -9.49
N HIS A 54 -9.03 -35.88 -8.21
CA HIS A 54 -9.62 -37.16 -7.76
C HIS A 54 -11.12 -37.12 -7.89
N PHE A 55 -11.69 -35.95 -7.67
CA PHE A 55 -13.12 -35.79 -7.76
C PHE A 55 -13.59 -36.03 -9.21
N PHE A 56 -12.96 -35.37 -10.16
CA PHE A 56 -13.28 -35.60 -11.58
C PHE A 56 -12.95 -37.02 -12.07
N ASP A 57 -11.82 -37.59 -11.66
CA ASP A 57 -11.52 -39.01 -11.96
C ASP A 57 -12.64 -39.93 -11.44
N TYR A 58 -13.11 -39.66 -10.23
CA TYR A 58 -14.09 -40.50 -9.63
C TYR A 58 -15.39 -40.48 -10.44
N LEU A 59 -15.72 -39.30 -10.93
CA LEU A 59 -16.86 -39.08 -11.81
C LEU A 59 -16.68 -39.67 -13.22
N GLY A 60 -15.46 -40.11 -13.53
CA GLY A 60 -15.10 -40.65 -14.83
C GLY A 60 -14.87 -39.59 -15.92
N LEU A 61 -14.51 -38.38 -15.50
CA LEU A 61 -14.38 -37.25 -16.40
C LEU A 61 -12.93 -36.85 -16.59
N ASP A 62 -12.49 -36.88 -17.84
CA ASP A 62 -11.15 -36.42 -18.20
C ASP A 62 -11.12 -34.90 -18.21
N GLU A 63 -9.99 -34.31 -17.87
CA GLU A 63 -9.87 -32.85 -17.92
C GLU A 63 -10.14 -32.20 -19.28
N ARG A 64 -9.76 -32.88 -20.38
CA ARG A 64 -10.04 -32.40 -21.73
C ARG A 64 -11.53 -32.24 -21.96
N GLU A 65 -12.31 -33.00 -21.21
CA GLU A 65 -13.76 -32.99 -21.34
C GLU A 65 -14.35 -31.84 -20.52
N TRP A 66 -14.03 -31.78 -19.24
CA TRP A 66 -14.74 -30.86 -18.35
C TRP A 66 -14.18 -29.45 -18.26
N LEU A 67 -12.88 -29.33 -18.37
CA LEU A 67 -12.21 -28.03 -18.23
C LEU A 67 -12.60 -26.93 -19.23
N PRO A 68 -12.63 -27.24 -20.56
CA PRO A 68 -13.09 -26.23 -21.52
C PRO A 68 -14.53 -25.78 -21.29
N ARG A 69 -15.36 -26.67 -20.76
CA ARG A 69 -16.76 -26.32 -20.53
C ARG A 69 -17.00 -25.45 -19.31
N CYS A 70 -15.94 -25.22 -18.54
CA CYS A 70 -16.01 -24.37 -17.38
C CYS A 70 -15.10 -23.14 -17.44
N ALA A 71 -14.79 -22.68 -18.65
CA ALA A 71 -13.88 -21.56 -18.87
C ALA A 71 -12.55 -21.79 -18.14
N GLY A 72 -12.13 -23.05 -18.08
CA GLY A 72 -11.03 -23.50 -17.22
C GLY A 72 -9.61 -23.05 -17.51
N GLY A 73 -8.85 -22.85 -16.44
CA GLY A 73 -7.41 -22.64 -16.54
C GLY A 73 -6.63 -23.58 -15.63
N TYR A 74 -5.31 -23.52 -15.71
CA TYR A 74 -4.39 -24.29 -14.86
C TYR A 74 -3.88 -23.53 -13.64
N LYS A 75 -3.80 -24.25 -12.52
CA LYS A 75 -3.18 -23.72 -11.33
C LYS A 75 -2.01 -24.58 -10.89
N LEU A 76 -0.82 -24.04 -11.06
CA LEU A 76 0.39 -24.77 -10.72
C LEU A 76 0.79 -24.42 -9.32
N GLY A 77 0.13 -23.40 -8.80
CA GLY A 77 0.43 -22.92 -7.48
C GLY A 77 -0.09 -21.52 -7.25
N ILE A 78 0.43 -20.88 -6.24
CA ILE A 78 -0.01 -19.55 -5.90
C ILE A 78 1.19 -18.66 -5.82
N ARG A 79 1.11 -17.53 -6.52
CA ARG A 79 2.14 -16.52 -6.40
C ARG A 79 1.76 -15.48 -5.35
N PHE A 80 2.55 -15.40 -4.30
CA PHE A 80 2.33 -14.44 -3.21
C PHE A 80 3.15 -13.17 -3.41
N GLU A 81 2.43 -12.07 -3.54
CA GLU A 81 3.04 -10.80 -3.94
C GLU A 81 2.85 -9.69 -2.90
N ASN A 82 3.94 -9.05 -2.52
CA ASN A 82 3.91 -7.91 -1.61
C ASN A 82 3.56 -8.17 -0.17
N TRP A 83 3.71 -9.41 0.28
CA TRP A 83 3.38 -9.72 1.68
C TRP A 83 4.45 -9.12 2.60
N SER A 84 5.61 -8.81 2.04
CA SER A 84 6.61 -8.07 2.77
C SER A 84 6.93 -6.65 2.25
N GLU A 85 7.32 -6.54 0.98
CA GLU A 85 7.77 -5.27 0.41
C GLU A 85 7.23 -5.18 -1.01
N PRO A 86 6.95 -3.96 -1.48
CA PRO A 86 6.46 -3.77 -2.85
C PRO A 86 7.42 -4.32 -3.89
N GLY A 87 6.89 -5.06 -4.86
CA GLY A 87 7.71 -5.68 -5.88
C GLY A 87 8.40 -7.01 -5.52
N GLU A 88 8.18 -7.51 -4.31
CA GLU A 88 8.73 -8.82 -3.92
C GLU A 88 7.67 -9.93 -3.92
N TYR A 89 8.06 -11.17 -4.29
CA TYR A 89 7.10 -12.28 -4.36
C TYR A 89 7.77 -13.64 -4.25
N PHE A 90 6.94 -14.69 -4.14
CA PHE A 90 7.38 -16.08 -4.17
C PHE A 90 6.22 -16.97 -4.51
N TYR A 91 6.52 -18.20 -4.91
CA TYR A 91 5.52 -19.17 -5.24
C TYR A 91 5.29 -20.14 -4.09
N HIS A 92 4.02 -20.53 -3.92
CA HIS A 92 3.64 -21.77 -3.24
C HIS A 92 3.11 -22.69 -4.33
N PRO A 93 3.95 -23.56 -4.85
CA PRO A 93 3.63 -24.50 -5.92
C PRO A 93 3.08 -25.82 -5.41
N PHE A 94 2.40 -26.56 -6.27
CA PHE A 94 1.95 -27.92 -6.01
C PHE A 94 3.06 -28.83 -6.49
N GLU A 95 4.01 -29.08 -5.61
CA GLU A 95 5.15 -29.91 -5.95
C GLU A 95 5.82 -30.36 -4.66
N ARG A 96 6.10 -31.65 -4.57
CA ARG A 96 6.78 -32.16 -3.41
C ARG A 96 8.27 -31.91 -3.52
N LEU A 97 8.92 -31.66 -2.38
CA LEU A 97 10.34 -31.42 -2.33
C LEU A 97 11.05 -32.74 -2.58
N ARG A 98 12.14 -32.69 -3.33
CA ARG A 98 13.00 -33.86 -3.40
C ARG A 98 13.81 -34.02 -2.12
N VAL A 99 14.26 -35.25 -1.89
CA VAL A 99 15.01 -35.63 -0.70
C VAL A 99 16.39 -36.13 -1.11
N VAL A 100 17.44 -35.54 -0.55
CA VAL A 100 18.81 -36.02 -0.79
C VAL A 100 19.48 -36.41 0.53
N ASP A 101 19.89 -37.67 0.62
CA ASP A 101 20.58 -38.23 1.79
C ASP A 101 19.81 -37.98 3.09
N GLY A 102 18.49 -38.20 3.04
CA GLY A 102 17.65 -38.05 4.22
C GLY A 102 17.12 -36.65 4.53
N PHE A 103 17.58 -35.63 3.80
CA PHE A 103 17.09 -34.27 4.03
C PHE A 103 16.43 -33.71 2.77
N ASN A 104 15.34 -32.95 2.94
CA ASN A 104 14.69 -32.36 1.77
C ASN A 104 15.50 -31.16 1.26
N MET A 105 15.20 -30.73 0.03
CA MET A 105 15.94 -29.68 -0.63
C MET A 105 15.86 -28.36 0.09
N ALA A 106 14.80 -28.13 0.85
CA ALA A 106 14.69 -26.92 1.67
C ALA A 106 15.81 -26.87 2.71
N GLU A 107 16.03 -27.99 3.42
CA GLU A 107 17.14 -28.08 4.39
C GLU A 107 18.49 -27.84 3.69
N TRP A 108 18.68 -28.50 2.56
CA TRP A 108 19.88 -28.25 1.75
C TRP A 108 20.02 -26.80 1.23
N TRP A 109 18.91 -26.21 0.82
CA TRP A 109 18.91 -24.83 0.37
C TRP A 109 19.45 -23.89 1.44
N LEU A 110 19.01 -24.07 2.69
CA LEU A 110 19.47 -23.24 3.80
C LEU A 110 20.97 -23.39 4.05
N ALA A 111 21.50 -24.58 3.75
CA ALA A 111 22.89 -24.91 4.03
C ALA A 111 23.84 -24.54 2.91
N VAL A 112 23.41 -24.75 1.66
CA VAL A 112 24.30 -24.59 0.50
C VAL A 112 23.74 -23.83 -0.73
N GLY A 113 22.73 -22.95 -0.54
CA GLY A 113 22.17 -22.17 -1.66
C GLY A 113 22.87 -20.86 -2.00
N THR A 117 19.37 -16.30 -5.60
CA THR A 117 18.35 -17.32 -5.87
C THR A 117 17.40 -17.58 -4.68
N SER A 118 16.11 -17.37 -4.92
CA SER A 118 15.09 -17.62 -3.91
C SER A 118 14.88 -19.10 -3.69
N PHE A 119 14.28 -19.44 -2.56
CA PHE A 119 14.00 -20.82 -2.21
C PHE A 119 13.18 -21.57 -3.26
N SER A 120 12.05 -21.00 -3.70
CA SER A 120 11.18 -21.73 -4.63
C SER A 120 11.86 -21.90 -5.98
N GLU A 121 12.58 -20.87 -6.39
CA GLU A 121 13.33 -20.94 -7.62
C GLU A 121 14.39 -22.04 -7.59
N ALA A 122 15.09 -22.18 -6.47
CA ALA A 122 16.07 -23.25 -6.33
C ALA A 122 15.42 -24.63 -6.24
N CYS A 123 14.31 -24.74 -5.52
CA CYS A 123 13.79 -26.05 -5.13
C CYS A 123 12.71 -26.67 -5.99
N TYR A 124 12.01 -25.86 -6.78
CA TYR A 124 10.86 -26.37 -7.53
C TYR A 124 10.90 -26.12 -9.05
N LEU A 125 10.71 -27.17 -9.83
CA LEU A 125 10.47 -27.01 -11.27
C LEU A 125 9.35 -26.05 -11.60
N THR A 126 8.21 -26.23 -10.91
CA THR A 126 7.02 -25.40 -11.05
C THR A 126 7.34 -23.92 -11.04
N HIS A 127 8.35 -23.50 -10.29
CA HIS A 127 8.71 -22.09 -10.27
C HIS A 127 8.98 -21.57 -11.70
N ARG A 128 9.76 -22.33 -12.45
CA ARG A 128 10.14 -21.97 -13.81
C ARG A 128 8.95 -22.03 -14.72
N LEU A 129 8.14 -23.08 -14.59
CA LEU A 129 6.91 -23.20 -15.37
C LEU A 129 5.99 -21.97 -15.20
N CYS A 130 5.90 -21.47 -13.97
CA CYS A 130 5.06 -20.32 -13.71
C CYS A 130 5.64 -19.07 -14.35
N GLU A 131 6.95 -18.90 -14.21
CA GLU A 131 7.63 -17.73 -14.73
C GLU A 131 7.55 -17.64 -16.28
N ALA A 132 7.59 -18.80 -16.92
CA ALA A 132 7.46 -18.92 -18.35
C ALA A 132 6.03 -19.14 -18.84
N LYS A 133 5.05 -19.09 -17.92
CA LYS A 133 3.65 -19.27 -18.25
C LYS A 133 3.37 -20.53 -19.06
N ARG A 134 4.04 -21.62 -18.70
CA ARG A 134 3.83 -22.92 -19.35
C ARG A 134 2.57 -23.65 -18.85
N ALA A 135 2.00 -24.46 -19.74
CA ALA A 135 0.99 -25.44 -19.38
C ALA A 135 1.69 -26.65 -18.80
N PRO A 136 0.98 -27.42 -17.95
CA PRO A 136 1.60 -28.63 -17.41
C PRO A 136 1.58 -29.80 -18.39
N ARG A 137 1.03 -29.60 -19.56
CA ARG A 137 0.99 -30.69 -20.55
C ARG A 137 1.64 -30.32 -21.86
N MET A 138 2.27 -31.29 -22.51
CA MET A 138 2.74 -31.18 -23.89
C MET A 138 1.53 -31.19 -24.80
N LEU A 139 1.70 -30.66 -26.00
CA LEU A 139 0.61 -30.60 -26.97
C LEU A 139 -0.02 -31.96 -27.25
N ASP A 140 0.75 -33.04 -27.12
CA ASP A 140 0.19 -34.38 -27.35
C ASP A 140 -0.66 -34.88 -26.18
N GLY A 141 -0.76 -34.06 -25.14
CA GLY A 141 -1.57 -34.38 -23.98
C GLY A 141 -0.81 -35.01 -22.81
N SER A 142 0.45 -35.35 -23.01
CA SER A 142 1.22 -35.99 -21.95
C SER A 142 1.67 -34.99 -20.86
N LEU A 143 1.72 -35.51 -19.65
CA LEU A 143 2.13 -34.79 -18.46
C LEU A 143 3.61 -34.43 -18.52
N PHE A 144 3.96 -33.24 -18.06
CA PHE A 144 5.36 -32.80 -18.09
C PHE A 144 6.29 -33.68 -17.26
N ALA A 145 5.76 -34.30 -16.21
CA ALA A 145 6.53 -35.20 -15.34
C ALA A 145 7.34 -36.26 -16.10
N SER A 146 6.82 -36.71 -17.24
CA SER A 146 7.56 -37.65 -18.10
C SER A 146 8.42 -36.94 -19.14
N GLU A 159 0.48 -41.37 -9.27
CA GLU A 159 1.13 -41.67 -10.53
C GLU A 159 2.41 -40.80 -10.60
N GLN A 160 2.63 -40.10 -11.72
CA GLN A 160 3.56 -38.99 -11.82
C GLN A 160 2.78 -37.70 -11.55
N ARG A 161 1.45 -37.84 -11.56
CA ARG A 161 0.53 -36.77 -11.21
C ARG A 161 0.61 -36.34 -9.74
N ALA A 162 0.98 -37.28 -8.85
CA ALA A 162 1.10 -37.01 -7.42
C ALA A 162 2.33 -36.18 -7.09
N GLN A 163 3.39 -36.35 -7.90
CA GLN A 163 4.65 -35.64 -7.72
C GLN A 163 4.55 -34.14 -8.06
N PHE A 164 3.67 -33.81 -9.01
CA PHE A 164 3.34 -32.43 -9.39
C PHE A 164 1.81 -32.27 -9.46
N PRO A 165 1.17 -32.19 -8.30
CA PRO A 165 -0.29 -32.29 -8.27
C PRO A 165 -0.99 -30.96 -8.49
N TYR A 166 -0.91 -30.48 -9.73
CA TYR A 166 -1.50 -29.21 -10.13
C TYR A 166 -3.00 -29.24 -10.01
N ALA A 167 -3.59 -28.06 -9.85
CA ALA A 167 -5.04 -27.92 -9.84
C ALA A 167 -5.54 -26.95 -10.93
N TYR A 168 -6.73 -26.39 -10.74
CA TYR A 168 -7.42 -25.68 -11.80
C TYR A 168 -7.98 -24.36 -11.34
N HIS A 169 -8.24 -23.50 -12.34
CA HIS A 169 -9.10 -22.34 -12.19
C HIS A 169 -10.35 -22.60 -13.03
N PHE A 170 -11.50 -22.19 -12.51
CA PHE A 170 -12.68 -22.27 -13.34
C PHE A 170 -13.79 -21.33 -12.90
N ASP A 171 -14.83 -21.27 -13.73
CA ASP A 171 -16.02 -20.49 -13.46
C ASP A 171 -16.99 -21.30 -12.62
N ALA A 172 -17.37 -20.76 -11.47
CA ALA A 172 -18.21 -21.46 -10.50
C ALA A 172 -19.60 -21.80 -11.02
N ASP A 173 -20.23 -20.85 -11.73
CA ASP A 173 -21.50 -21.09 -12.41
C ASP A 173 -21.39 -22.18 -13.43
N GLU A 174 -20.36 -22.14 -14.25
CA GLU A 174 -20.22 -23.12 -15.29
C GLU A 174 -20.08 -24.53 -14.71
N VAL A 175 -19.22 -24.68 -13.70
CA VAL A 175 -19.00 -26.00 -13.13
C VAL A 175 -20.30 -26.56 -12.49
N ALA A 176 -21.07 -25.68 -11.83
CA ALA A 176 -22.35 -26.12 -11.31
C ALA A 176 -23.29 -26.61 -12.40
N ARG A 177 -23.32 -25.84 -13.50
CA ARG A 177 -24.16 -26.09 -14.64
C ARG A 177 -23.80 -27.43 -15.24
N TYR A 178 -22.50 -27.62 -15.42
CA TYR A 178 -21.95 -28.86 -15.94
C TYR A 178 -22.24 -30.07 -15.04
N LEU A 179 -22.12 -29.88 -13.73
CA LEU A 179 -22.40 -30.99 -12.82
C LEU A 179 -23.89 -31.32 -12.70
N SER A 180 -24.76 -30.29 -12.70
CA SER A 180 -26.22 -30.57 -12.74
C SER A 180 -26.61 -31.45 -13.92
N GLU A 181 -25.99 -31.21 -15.05
CA GLU A 181 -26.18 -32.02 -16.24
C GLU A 181 -25.70 -33.46 -16.04
N TYR A 182 -24.49 -33.62 -15.53
CA TYR A 182 -23.95 -34.93 -15.18
C TYR A 182 -24.91 -35.68 -14.28
N ALA A 183 -25.37 -35.02 -13.21
CA ALA A 183 -26.21 -35.66 -12.19
C ALA A 183 -27.62 -35.96 -12.67
N ILE A 184 -28.19 -35.02 -13.42
CA ILE A 184 -29.54 -35.21 -13.96
C ILE A 184 -29.53 -36.32 -14.99
N ALA A 185 -28.44 -36.41 -15.77
CA ALA A 185 -28.29 -37.49 -16.75
C ALA A 185 -28.27 -38.84 -16.05
N ARG A 186 -27.95 -38.84 -14.76
CA ARG A 186 -27.88 -40.09 -13.99
C ARG A 186 -29.01 -40.30 -13.00
N GLY A 187 -30.12 -39.59 -13.18
CA GLY A 187 -31.34 -39.89 -12.42
C GLY A 187 -31.59 -39.02 -11.20
N VAL A 188 -30.82 -37.96 -11.01
CA VAL A 188 -31.15 -37.03 -9.94
C VAL A 188 -32.44 -36.27 -10.30
N ARG A 189 -33.42 -36.31 -9.41
CA ARG A 189 -34.63 -35.52 -9.58
C ARG A 189 -34.28 -34.05 -9.27
N HIS A 190 -34.69 -33.16 -10.15
CA HIS A 190 -34.38 -31.75 -10.02
C HIS A 190 -35.65 -30.94 -9.82
N VAL A 191 -35.68 -30.16 -8.74
CA VAL A 191 -36.82 -29.33 -8.43
C VAL A 191 -36.34 -27.89 -8.27
N VAL A 192 -36.93 -26.98 -9.05
CA VAL A 192 -36.56 -25.58 -8.97
C VAL A 192 -37.71 -24.90 -8.26
N ASP A 193 -37.45 -24.44 -7.05
CA ASP A 193 -38.48 -23.94 -6.11
C ASP A 193 -37.79 -23.39 -4.85
N ASP A 194 -38.53 -22.61 -4.07
CA ASP A 194 -38.01 -22.17 -2.78
C ASP A 194 -38.50 -23.03 -1.64
N VAL A 195 -37.58 -23.44 -0.77
CA VAL A 195 -37.96 -24.06 0.47
C VAL A 195 -38.42 -22.98 1.43
N GLN A 196 -39.66 -23.10 1.91
CA GLN A 196 -40.25 -22.07 2.77
C GLN A 196 -40.22 -22.46 4.23
N HIS A 197 -40.27 -23.76 4.49
CA HIS A 197 -40.34 -24.29 5.85
C HIS A 197 -39.68 -25.64 5.83
N VAL A 198 -38.95 -25.94 6.89
CA VAL A 198 -38.36 -27.25 7.11
C VAL A 198 -39.08 -27.96 8.26
N GLY A 199 -39.65 -29.12 7.98
CA GLY A 199 -40.41 -29.84 8.99
C GLY A 199 -39.50 -30.69 9.85
N GLN A 200 -39.86 -30.82 11.12
CA GLN A 200 -39.18 -31.71 12.07
C GLN A 200 -40.17 -32.62 12.78
N ASP A 201 -39.79 -33.89 12.96
CA ASP A 201 -40.58 -34.84 13.72
C ASP A 201 -40.43 -34.59 15.25
N GLU A 202 -41.01 -35.47 16.07
CA GLU A 202 -41.04 -35.33 17.54
C GLU A 202 -39.64 -35.30 18.14
N ARG A 203 -38.72 -35.95 17.48
CA ARG A 203 -37.35 -36.03 17.99
C ARG A 203 -36.46 -34.93 17.48
N GLY A 204 -36.96 -34.03 16.63
CA GLY A 204 -36.11 -32.98 16.08
C GLY A 204 -35.45 -33.35 14.77
N TRP A 205 -35.75 -34.54 14.29
CA TRP A 205 -35.21 -34.96 13.01
C TRP A 205 -35.98 -34.29 11.88
N ILE A 206 -35.30 -33.99 10.79
CA ILE A 206 -35.96 -33.39 9.64
C ILE A 206 -36.87 -34.44 8.99
N SER A 207 -38.13 -34.06 8.79
CA SER A 207 -39.14 -34.93 8.14
C SER A 207 -39.33 -34.61 6.67
N GLY A 208 -39.14 -33.34 6.31
CA GLY A 208 -39.21 -32.91 4.92
C GLY A 208 -39.04 -31.41 4.75
N VAL A 209 -38.89 -31.00 3.51
CA VAL A 209 -38.83 -29.55 3.18
C VAL A 209 -40.07 -29.11 2.38
N HIS A 210 -40.72 -28.03 2.83
CA HIS A 210 -41.97 -27.57 2.22
C HIS A 210 -41.69 -26.50 1.18
N THR A 211 -42.02 -26.78 -0.06
CA THR A 211 -41.76 -25.83 -1.15
C THR A 211 -43.00 -24.98 -1.50
N LYS A 212 -42.80 -23.87 -2.20
CA LYS A 212 -43.91 -23.03 -2.69
C LYS A 212 -44.87 -23.75 -3.61
N GLN A 213 -44.35 -24.49 -4.59
CA GLN A 213 -45.17 -25.03 -5.67
C GLN A 213 -45.11 -26.55 -5.85
N HIS A 214 -44.28 -27.24 -5.07
CA HIS A 214 -44.13 -28.69 -5.22
C HIS A 214 -44.46 -29.50 -3.96
N GLY A 215 -45.13 -28.87 -3.00
CA GLY A 215 -45.46 -29.52 -1.73
C GLY A 215 -44.25 -29.90 -0.87
N GLU A 216 -44.44 -30.94 -0.08
CA GLU A 216 -43.39 -31.46 0.79
C GLU A 216 -42.51 -32.45 0.04
N ILE A 217 -41.20 -32.27 0.17
CA ILE A 217 -40.24 -33.24 -0.33
C ILE A 217 -39.54 -33.89 0.87
N SER A 218 -39.62 -35.21 0.91
CA SER A 218 -39.07 -35.99 2.01
C SER A 218 -38.02 -36.99 1.53
N GLY A 219 -37.26 -37.50 2.49
CA GLY A 219 -36.24 -38.50 2.26
C GLY A 219 -35.64 -38.89 3.59
N ASP A 220 -34.68 -39.79 3.54
CA ASP A 220 -34.04 -40.31 4.75
C ASP A 220 -32.97 -39.35 5.24
N LEU A 221 -32.18 -38.85 4.32
CA LEU A 221 -31.03 -37.99 4.58
C LEU A 221 -31.13 -36.64 3.87
N PHE A 222 -30.87 -35.59 4.64
CA PHE A 222 -30.96 -34.22 4.15
C PHE A 222 -29.58 -33.62 4.13
N VAL A 223 -29.16 -33.16 2.96
CA VAL A 223 -27.91 -32.46 2.83
C VAL A 223 -28.17 -30.97 2.69
N ASP A 224 -27.63 -30.20 3.63
CA ASP A 224 -27.76 -28.76 3.60
C ASP A 224 -26.68 -28.10 2.74
N CYS A 225 -27.06 -27.68 1.54
CA CYS A 225 -26.14 -26.98 0.63
C CYS A 225 -26.68 -25.57 0.32
N THR A 226 -27.30 -24.93 1.32
CA THR A 226 -27.92 -23.64 1.17
C THR A 226 -26.96 -22.46 1.32
N GLY A 227 -25.65 -22.70 1.43
CA GLY A 227 -24.67 -21.60 1.60
C GLY A 227 -24.60 -21.02 3.01
N PHE A 228 -23.98 -19.84 3.14
CA PHE A 228 -23.83 -19.11 4.42
C PHE A 228 -25.03 -19.11 5.35
N ARG A 229 -26.18 -19.19 4.73
CA ARG A 229 -27.49 -19.18 5.34
C ARG A 229 -27.75 -20.36 6.31
N GLY A 230 -27.20 -21.53 5.99
CA GLY A 230 -27.37 -22.74 6.75
C GLY A 230 -28.81 -22.97 7.16
N LEU A 231 -29.70 -23.01 6.15
CA LEU A 231 -31.13 -23.06 6.40
C LEU A 231 -31.52 -24.22 7.31
N LEU A 232 -30.93 -25.41 7.05
CA LEU A 232 -31.23 -26.61 7.80
C LEU A 232 -30.35 -26.73 9.04
N ILE A 233 -29.04 -26.72 8.84
CA ILE A 233 -28.09 -26.98 9.92
C ILE A 233 -28.11 -25.90 11.01
N ASN A 234 -28.24 -24.64 10.61
CA ASN A 234 -28.30 -23.54 11.59
C ASN A 234 -29.71 -23.02 11.89
N GLN A 235 -30.49 -22.72 10.87
CA GLN A 235 -31.79 -22.06 11.13
C GLN A 235 -32.86 -23.03 11.65
N THR A 236 -32.79 -24.29 11.23
CA THR A 236 -33.75 -25.28 11.66
C THR A 236 -33.24 -26.05 12.87
N LEU A 237 -32.01 -26.59 12.77
CA LEU A 237 -31.50 -27.48 13.81
C LEU A 237 -30.83 -26.79 14.98
N GLY A 238 -30.47 -25.51 14.83
CA GLY A 238 -29.85 -24.74 15.93
C GLY A 238 -28.41 -25.13 16.14
N GLY A 239 -27.79 -25.70 15.10
CA GLY A 239 -26.36 -25.92 15.10
C GLY A 239 -25.60 -24.67 15.50
N ARG A 240 -24.57 -24.85 16.32
CA ARG A 240 -23.76 -23.71 16.73
C ARG A 240 -22.67 -23.43 15.75
N PHE A 241 -22.56 -22.16 15.36
CA PHE A 241 -21.52 -21.71 14.46
C PHE A 241 -20.43 -21.01 15.25
N GLN A 242 -19.21 -21.49 15.05
CA GLN A 242 -18.00 -20.99 15.72
C GLN A 242 -17.26 -20.04 14.76
N SER A 243 -17.32 -18.76 15.07
CA SER A 243 -16.68 -17.72 14.26
C SER A 243 -15.17 -17.74 14.43
N PHE A 244 -14.42 -17.51 13.36
CA PHE A 244 -12.94 -17.35 13.43
C PHE A 244 -12.50 -15.88 13.39
N SER A 245 -13.46 -14.95 13.54
CA SER A 245 -13.13 -13.51 13.43
C SER A 245 -12.04 -12.99 14.34
N ASP A 246 -11.93 -13.57 15.52
CA ASP A 246 -10.91 -13.20 16.47
C ASP A 246 -9.48 -13.44 15.96
N VAL A 247 -9.28 -14.45 15.10
CA VAL A 247 -7.94 -14.74 14.58
C VAL A 247 -7.82 -14.41 13.09
N LEU A 248 -8.96 -14.34 12.40
CA LEU A 248 -9.00 -14.06 10.95
C LEU A 248 -10.14 -13.10 10.66
N PRO A 249 -9.86 -11.79 10.74
CA PRO A 249 -10.93 -10.80 10.69
C PRO A 249 -11.57 -10.55 9.31
N ASN A 250 -10.93 -10.93 8.21
CA ASN A 250 -11.52 -10.62 6.90
C ASN A 250 -12.98 -11.11 6.81
N ASN A 251 -13.88 -10.25 6.40
CA ASN A 251 -15.31 -10.60 6.46
C ASN A 251 -16.10 -10.18 5.21
N ARG A 252 -15.42 -9.54 4.28
CA ARG A 252 -16.05 -9.12 3.03
C ARG A 252 -15.13 -9.26 1.83
N ALA A 253 -15.75 -9.29 0.66
CA ALA A 253 -15.05 -9.32 -0.61
C ALA A 253 -15.75 -8.44 -1.65
N VAL A 254 -14.95 -7.93 -2.59
CA VAL A 254 -15.47 -7.28 -3.75
C VAL A 254 -14.69 -7.83 -4.94
N ALA A 255 -15.43 -8.22 -5.97
CA ALA A 255 -14.85 -8.86 -7.15
C ALA A 255 -15.16 -8.14 -8.49
N LEU A 256 -14.19 -8.19 -9.39
CA LEU A 256 -14.36 -7.68 -10.75
C LEU A 256 -13.99 -8.76 -11.72
N ARG A 257 -14.64 -8.75 -12.85
CA ARG A 257 -14.31 -9.65 -13.90
C ARG A 257 -13.65 -8.82 -15.00
N VAL A 258 -12.38 -9.10 -15.30
CA VAL A 258 -11.60 -8.28 -16.22
C VAL A 258 -11.17 -9.07 -17.46
N PRO A 259 -11.77 -8.79 -18.64
CA PRO A 259 -11.35 -9.40 -19.91
C PRO A 259 -9.85 -9.27 -20.21
N ARG A 260 -9.30 -10.28 -20.88
CA ARG A 260 -7.87 -10.26 -21.20
C ARG A 260 -7.67 -9.81 -22.65
N GLU A 261 -6.87 -8.75 -22.80
CA GLU A 261 -6.50 -8.19 -24.11
C GLU A 261 -5.75 -9.23 -24.91
N ASN A 262 -4.61 -9.67 -24.37
CA ASN A 262 -3.70 -10.60 -25.02
C ASN A 262 -3.78 -11.98 -24.35
N ASP A 263 -4.37 -12.94 -25.05
CA ASP A 263 -4.45 -14.36 -24.64
C ASP A 263 -3.19 -14.89 -23.97
N GLU A 264 -2.03 -14.52 -24.50
CA GLU A 264 -0.76 -15.04 -23.99
C GLU A 264 -0.34 -14.42 -22.66
N ASP A 265 -1.11 -13.46 -22.17
CA ASP A 265 -0.96 -12.99 -20.80
C ASP A 265 -1.48 -14.02 -19.78
N MET A 266 -2.06 -15.13 -20.25
CA MET A 266 -2.69 -16.10 -19.36
C MET A 266 -1.67 -16.82 -18.48
N ARG A 267 -1.80 -16.65 -17.18
CA ARG A 267 -0.89 -17.29 -16.20
C ARG A 267 -1.43 -18.60 -15.62
N PRO A 268 -0.56 -19.62 -15.50
CA PRO A 268 -0.96 -20.91 -15.00
C PRO A 268 -0.84 -21.00 -13.46
N TYR A 269 -1.29 -19.94 -12.79
CA TYR A 269 -1.32 -19.88 -11.35
C TYR A 269 -2.21 -18.74 -10.82
N THR A 270 -2.62 -18.88 -9.57
CA THR A 270 -3.39 -17.87 -8.88
C THR A 270 -2.39 -16.90 -8.32
N THR A 271 -2.77 -15.64 -8.22
CA THR A 271 -1.94 -14.65 -7.59
C THR A 271 -2.63 -14.11 -6.34
N ALA A 272 -1.91 -14.00 -5.24
CA ALA A 272 -2.48 -13.43 -4.03
C ALA A 272 -1.63 -12.25 -3.64
N THR A 273 -2.19 -11.07 -3.83
CA THR A 273 -1.45 -9.82 -3.67
C THR A 273 -1.92 -9.10 -2.43
N ALA A 274 -1.01 -8.85 -1.51
CA ALA A 274 -1.38 -8.19 -0.27
C ALA A 274 -1.76 -6.75 -0.60
N MET A 275 -2.86 -6.27 -0.03
CA MET A 275 -3.33 -4.93 -0.31
C MET A 275 -3.23 -4.15 0.96
N SER A 276 -3.86 -2.99 1.02
CA SER A 276 -3.68 -2.11 2.18
C SER A 276 -4.43 -2.61 3.42
N ALA A 277 -5.55 -3.28 3.20
CA ALA A 277 -6.34 -3.78 4.31
C ALA A 277 -6.91 -5.17 4.08
N GLY A 278 -6.09 -6.05 3.51
CA GLY A 278 -6.52 -7.39 3.09
C GLY A 278 -5.63 -7.83 1.95
N TRP A 279 -6.19 -8.61 1.04
CA TRP A 279 -5.44 -9.11 -0.11
C TRP A 279 -6.36 -9.34 -1.30
N MET A 280 -5.74 -9.52 -2.47
CA MET A 280 -6.51 -9.61 -3.69
C MET A 280 -6.11 -10.83 -4.49
N TRP A 281 -7.11 -11.54 -4.99
CA TRP A 281 -6.83 -12.68 -5.85
C TRP A 281 -6.83 -12.28 -7.33
N THR A 282 -6.04 -13.00 -8.11
CA THR A 282 -6.16 -12.97 -9.53
C THR A 282 -6.30 -14.41 -9.96
N ILE A 283 -7.44 -14.76 -10.54
CA ILE A 283 -7.72 -16.11 -11.00
C ILE A 283 -7.89 -16.08 -12.52
N PRO A 284 -6.89 -16.58 -13.25
CA PRO A 284 -6.95 -16.61 -14.72
C PRO A 284 -7.87 -17.68 -15.32
N LEU A 285 -9.02 -17.25 -15.81
CA LEU A 285 -9.88 -18.12 -16.61
C LEU A 285 -9.47 -18.07 -18.07
N PHE A 286 -10.12 -18.88 -18.91
CA PHE A 286 -9.78 -18.98 -20.32
C PHE A 286 -9.85 -17.64 -21.09
N LYS A 287 -10.91 -16.85 -20.90
CA LYS A 287 -11.07 -15.61 -21.68
C LYS A 287 -10.81 -14.36 -20.86
N ARG A 288 -10.68 -14.52 -19.55
CA ARG A 288 -10.66 -13.38 -18.64
C ARG A 288 -9.98 -13.70 -17.30
N ASP A 289 -9.67 -12.65 -16.52
CA ASP A 289 -9.14 -12.79 -15.18
C ASP A 289 -10.21 -12.34 -14.17
N GLY A 290 -10.42 -13.15 -13.12
CA GLY A 290 -11.21 -12.69 -11.98
C GLY A 290 -10.28 -12.04 -10.98
N ASN A 291 -10.70 -10.94 -10.38
CA ASN A 291 -9.94 -10.28 -9.34
C ASN A 291 -10.86 -9.96 -8.19
N GLY A 292 -10.40 -10.22 -6.97
CA GLY A 292 -11.21 -10.00 -5.81
C GLY A 292 -10.40 -9.45 -4.67
N TYR A 293 -10.95 -8.44 -4.00
CA TYR A 293 -10.30 -7.90 -2.83
C TYR A 293 -11.02 -8.47 -1.60
N VAL A 294 -10.28 -9.25 -0.81
CA VAL A 294 -10.79 -9.81 0.43
C VAL A 294 -10.27 -8.91 1.54
N TYR A 295 -11.14 -8.48 2.42
CA TYR A 295 -10.79 -7.45 3.39
C TYR A 295 -11.64 -7.49 4.68
N SER A 296 -11.17 -6.76 5.68
CA SER A 296 -11.91 -6.60 6.90
C SER A 296 -12.55 -5.20 6.91
N ASP A 297 -13.85 -5.16 7.14
CA ASP A 297 -14.52 -3.88 7.18
C ASP A 297 -14.28 -3.11 8.45
N GLU A 298 -13.46 -3.65 9.34
CA GLU A 298 -12.99 -2.88 10.47
C GLU A 298 -11.97 -1.82 10.01
N PHE A 299 -11.22 -2.13 8.96
CA PHE A 299 -10.08 -1.33 8.55
C PHE A 299 -10.30 -0.51 7.28
N ILE A 300 -11.34 -0.86 6.51
CA ILE A 300 -11.63 -0.25 5.23
C ILE A 300 -13.11 -0.46 4.89
N SER A 301 -13.76 0.58 4.40
CA SER A 301 -15.16 0.46 3.97
C SER A 301 -15.32 -0.28 2.63
N PRO A 302 -16.51 -0.82 2.37
CA PRO A 302 -16.76 -1.51 1.10
C PRO A 302 -16.56 -0.60 -0.13
N GLU A 303 -16.87 0.67 0.04
CA GLU A 303 -16.63 1.69 -0.99
C GLU A 303 -15.14 1.93 -1.18
N GLU A 304 -14.39 2.11 -0.08
CA GLU A 304 -12.94 2.33 -0.15
C GLU A 304 -12.29 1.12 -0.84
N ALA A 305 -12.81 -0.07 -0.53
CA ALA A 305 -12.24 -1.33 -1.04
C ALA A 305 -12.45 -1.49 -2.54
N GLU A 306 -13.65 -1.16 -3.00
CA GLU A 306 -13.92 -1.11 -4.43
C GLU A 306 -13.01 -0.14 -5.19
N ARG A 307 -12.81 1.06 -4.63
CA ARG A 307 -11.92 2.04 -5.25
C ARG A 307 -10.50 1.53 -5.36
N GLU A 308 -9.97 0.92 -4.29
CA GLU A 308 -8.61 0.39 -4.27
C GLU A 308 -8.47 -0.74 -5.30
N LEU A 309 -9.50 -1.59 -5.35
CA LEU A 309 -9.48 -2.68 -6.28
C LEU A 309 -9.48 -2.18 -7.72
N ARG A 310 -10.45 -1.33 -8.04
CA ARG A 310 -10.51 -0.66 -9.37
C ARG A 310 -9.22 0.01 -9.80
N SER A 311 -8.60 0.77 -8.89
CA SER A 311 -7.33 1.43 -9.17
C SER A 311 -6.24 0.48 -9.56
N THR A 312 -6.24 -0.70 -8.96
CA THR A 312 -5.14 -1.64 -9.09
C THR A 312 -5.24 -2.48 -10.37
N VAL A 313 -6.44 -2.87 -10.74
CA VAL A 313 -6.57 -3.83 -11.84
C VAL A 313 -7.35 -3.35 -13.04
N ALA A 314 -8.18 -2.33 -12.85
CA ALA A 314 -8.97 -1.81 -13.95
C ALA A 314 -9.29 -0.32 -13.82
N PRO A 315 -8.26 0.54 -13.82
CA PRO A 315 -8.53 1.97 -13.65
C PRO A 315 -9.39 2.55 -14.79
N GLY A 316 -10.41 3.32 -14.42
CA GLY A 316 -11.29 3.97 -15.39
C GLY A 316 -12.36 3.07 -16.00
N ARG A 317 -12.32 1.78 -15.71
CA ARG A 317 -13.23 0.81 -16.32
C ARG A 317 -14.57 0.70 -15.59
N ASP A 318 -15.28 1.81 -15.50
CA ASP A 318 -16.57 1.82 -14.80
C ASP A 318 -17.70 1.10 -15.53
N ASP A 319 -17.43 0.65 -16.77
CA ASP A 319 -18.31 -0.32 -17.44
C ASP A 319 -18.37 -1.66 -16.67
N LEU A 320 -17.29 -2.02 -15.97
CA LEU A 320 -17.24 -3.29 -15.25
C LEU A 320 -17.92 -3.22 -13.89
N GLU A 321 -18.87 -4.12 -13.69
CA GLU A 321 -19.65 -4.17 -12.47
C GLU A 321 -18.93 -4.88 -11.31
N ALA A 322 -18.99 -4.27 -10.13
CA ALA A 322 -18.38 -4.79 -8.92
C ALA A 322 -19.37 -5.70 -8.17
N ASN A 323 -18.89 -6.84 -7.74
CA ASN A 323 -19.72 -7.79 -7.01
C ASN A 323 -19.32 -7.80 -5.53
N HIS A 324 -20.24 -7.42 -4.65
CA HIS A 324 -19.96 -7.31 -3.21
C HIS A 324 -20.54 -8.48 -2.44
N ILE A 325 -19.77 -9.03 -1.52
CA ILE A 325 -20.14 -10.27 -0.82
C ILE A 325 -19.71 -10.20 0.64
N GLN A 326 -20.63 -10.50 1.54
CA GLN A 326 -20.32 -10.72 2.96
C GLN A 326 -20.03 -12.19 3.19
N MET A 327 -18.98 -12.47 3.96
CA MET A 327 -18.55 -13.85 4.17
C MET A 327 -18.85 -14.28 5.62
N ARG A 328 -19.31 -15.52 5.80
CA ARG A 328 -19.44 -16.04 7.15
C ARG A 328 -18.23 -16.93 7.39
N ILE A 329 -17.33 -16.50 8.29
CA ILE A 329 -16.05 -17.15 8.47
C ILE A 329 -16.02 -17.99 9.74
N GLY A 330 -15.81 -19.28 9.58
CA GLY A 330 -15.71 -20.16 10.72
C GLY A 330 -16.24 -21.52 10.37
N ARG A 331 -16.76 -22.20 11.38
CA ARG A 331 -17.35 -23.52 11.15
C ARG A 331 -18.41 -23.88 12.15
N ASN A 332 -19.34 -24.70 11.70
CA ASN A 332 -20.26 -25.34 12.62
C ASN A 332 -19.48 -26.26 13.57
N GLU A 333 -19.87 -26.29 14.84
CA GLU A 333 -19.33 -27.29 15.79
C GLU A 333 -19.53 -28.69 15.25
N ARG A 334 -20.71 -28.96 14.73
CA ARG A 334 -21.00 -30.23 14.09
C ARG A 334 -21.67 -29.96 12.76
N THR A 335 -21.15 -30.56 11.70
CA THR A 335 -21.76 -30.39 10.38
C THR A 335 -22.78 -31.44 10.12
N TRP A 336 -22.78 -32.49 10.95
CA TRP A 336 -23.81 -33.54 10.88
C TRP A 336 -24.61 -33.60 12.22
N ILE A 337 -25.87 -33.18 12.14
CA ILE A 337 -26.79 -33.25 13.26
C ILE A 337 -28.04 -34.01 12.81
N ASN A 338 -28.49 -34.94 13.65
CA ASN A 338 -29.62 -35.81 13.32
C ASN A 338 -29.43 -36.42 11.93
N ASN A 339 -30.39 -36.21 11.03
CA ASN A 339 -30.31 -36.74 9.67
C ASN A 339 -29.94 -35.62 8.65
N CYS A 340 -29.21 -34.62 9.13
CA CYS A 340 -28.84 -33.54 8.28
C CYS A 340 -27.32 -33.35 8.29
N VAL A 341 -26.72 -33.35 7.10
CA VAL A 341 -25.29 -33.06 6.93
C VAL A 341 -25.12 -31.78 6.10
N ALA A 342 -24.31 -30.86 6.60
CA ALA A 342 -24.00 -29.61 5.92
C ALA A 342 -22.77 -29.84 5.07
N VAL A 343 -22.84 -29.41 3.81
CA VAL A 343 -21.72 -29.48 2.84
C VAL A 343 -21.55 -28.11 2.18
N GLY A 344 -20.32 -27.59 2.18
CA GLY A 344 -20.02 -26.28 1.62
C GLY A 344 -20.14 -25.17 2.62
N LEU A 345 -20.55 -23.99 2.15
CA LEU A 345 -20.56 -22.78 2.96
C LEU A 345 -21.52 -22.87 4.14
N SER A 346 -22.50 -23.78 4.07
CA SER A 346 -23.40 -24.00 5.21
C SER A 346 -22.64 -24.66 6.37
N ALA A 347 -21.64 -25.46 6.02
CA ALA A 347 -20.82 -26.18 7.00
C ALA A 347 -19.74 -25.29 7.58
N ALA A 348 -18.99 -24.61 6.72
CA ALA A 348 -17.78 -23.88 7.14
C ALA A 348 -17.26 -23.02 5.99
N PHE A 349 -16.37 -22.09 6.31
CA PHE A 349 -15.72 -21.30 5.30
C PHE A 349 -14.60 -20.52 5.92
N VAL A 350 -13.46 -20.50 5.22
CA VAL A 350 -12.40 -19.53 5.52
C VAL A 350 -12.07 -18.74 4.23
N GLU A 351 -11.42 -17.59 4.37
CA GLU A 351 -11.12 -16.77 3.20
C GLU A 351 -10.35 -17.59 2.18
N PRO A 352 -10.53 -17.28 0.89
CA PRO A 352 -9.94 -18.11 -0.17
C PRO A 352 -8.45 -17.95 -0.38
N LEU A 353 -7.72 -17.59 0.68
CA LEU A 353 -6.27 -17.39 0.58
C LEU A 353 -5.53 -18.62 0.05
N GLU A 354 -6.05 -19.81 0.31
CA GLU A 354 -5.37 -21.02 -0.17
C GLU A 354 -6.35 -21.91 -0.92
N SER A 355 -7.38 -21.28 -1.50
CA SER A 355 -8.36 -22.01 -2.34
C SER A 355 -8.86 -23.30 -1.70
N THR A 356 -9.63 -23.18 -0.62
CA THR A 356 -10.07 -24.37 0.11
C THR A 356 -11.55 -24.72 0.07
N GLY A 357 -12.40 -23.81 -0.40
CA GLY A 357 -13.84 -24.03 -0.46
C GLY A 357 -14.28 -25.33 -1.12
N ILE A 358 -13.80 -25.56 -2.34
CA ILE A 358 -14.15 -26.77 -3.05
C ILE A 358 -13.49 -28.00 -2.44
N PHE A 359 -12.26 -27.82 -1.95
CA PHE A 359 -11.60 -28.85 -1.16
C PHE A 359 -12.48 -29.31 0.04
N PHE A 360 -13.00 -28.36 0.82
CA PHE A 360 -13.90 -28.73 1.93
C PHE A 360 -15.14 -29.48 1.42
N ILE A 361 -15.64 -29.10 0.24
CA ILE A 361 -16.83 -29.73 -0.28
C ILE A 361 -16.50 -31.17 -0.58
N GLN A 362 -15.45 -31.38 -1.37
CA GLN A 362 -15.06 -32.72 -1.83
C GLN A 362 -14.75 -33.63 -0.65
N HIS A 363 -13.97 -33.13 0.31
CA HIS A 363 -13.62 -33.97 1.43
C HIS A 363 -14.86 -34.32 2.29
N ALA A 364 -15.76 -33.34 2.48
CA ALA A 364 -17.02 -33.61 3.18
C ALA A 364 -17.82 -34.70 2.51
N ILE A 365 -17.76 -34.72 1.18
CA ILE A 365 -18.55 -35.64 0.40
C ILE A 365 -17.93 -37.04 0.41
N GLU A 366 -16.63 -37.10 0.15
CA GLU A 366 -15.87 -38.33 0.20
C GLU A 366 -16.05 -39.00 1.55
N GLN A 367 -15.93 -38.23 2.62
CA GLN A 367 -16.16 -38.75 3.95
C GLN A 367 -17.63 -39.03 4.25
N LEU A 368 -18.56 -38.37 3.56
CA LEU A 368 -19.98 -38.73 3.72
C LEU A 368 -20.22 -40.12 3.17
N VAL A 369 -19.65 -40.42 2.01
CA VAL A 369 -19.77 -41.76 1.48
C VAL A 369 -19.16 -42.78 2.45
N LYS A 370 -17.98 -42.46 3.00
CA LYS A 370 -17.32 -43.38 3.94
C LYS A 370 -18.14 -43.60 5.20
N HIS A 371 -18.80 -42.53 5.66
CA HIS A 371 -19.59 -42.56 6.88
C HIS A 371 -21.08 -42.59 6.56
N PHE A 372 -21.44 -43.10 5.39
CA PHE A 372 -22.83 -43.14 4.98
C PHE A 372 -23.63 -43.93 6.02
N PRO A 373 -24.80 -43.39 6.42
CA PRO A 373 -25.58 -44.04 7.48
C PRO A 373 -26.36 -45.26 6.98
N GLY A 374 -26.54 -46.24 7.86
CA GLY A 374 -27.49 -47.30 7.64
C GLY A 374 -28.74 -46.92 8.41
N GLU A 375 -29.73 -47.80 8.43
CA GLU A 375 -31.01 -47.60 9.15
C GLU A 375 -30.89 -47.27 10.64
N ARG A 376 -29.84 -47.74 11.29
CA ARG A 376 -29.64 -47.46 12.71
C ARG A 376 -29.04 -46.11 13.08
N TRP A 377 -28.56 -45.39 12.08
CA TRP A 377 -27.90 -44.12 12.31
C TRP A 377 -26.91 -44.14 13.46
N ASP A 378 -25.81 -44.85 13.28
CA ASP A 378 -24.80 -45.05 14.29
C ASP A 378 -24.19 -43.72 14.77
N PRO A 379 -24.52 -43.29 16.00
CA PRO A 379 -23.99 -42.01 16.53
C PRO A 379 -22.49 -41.98 16.69
N VAL A 380 -21.85 -43.15 16.80
CA VAL A 380 -20.40 -43.22 16.94
C VAL A 380 -19.79 -42.91 15.59
N LEU A 381 -20.42 -43.43 14.54
CA LEU A 381 -19.96 -43.16 13.17
C LEU A 381 -20.12 -41.68 12.81
N ILE A 382 -21.25 -41.11 13.22
CA ILE A 382 -21.52 -39.69 12.94
C ILE A 382 -20.52 -38.76 13.64
N SER A 383 -20.24 -39.11 14.90
CA SER A 383 -19.29 -38.41 15.73
C SER A 383 -17.88 -38.42 15.11
N ALA A 384 -17.50 -39.56 14.53
CA ALA A 384 -16.22 -39.66 13.88
C ALA A 384 -16.18 -38.72 12.65
N TYR A 385 -17.30 -38.65 11.89
CA TYR A 385 -17.42 -37.76 10.76
C TYR A 385 -17.27 -36.30 11.22
N ASN A 386 -18.00 -35.92 12.26
CA ASN A 386 -17.87 -34.57 12.79
C ASN A 386 -16.45 -34.18 13.22
N GLU A 387 -15.71 -35.11 13.85
CA GLU A 387 -14.31 -34.84 14.23
C GLU A 387 -13.44 -34.58 13.02
N ARG A 388 -13.50 -35.46 12.03
CA ARG A 388 -12.81 -35.26 10.79
C ARG A 388 -13.10 -33.87 10.17
N MET A 389 -14.39 -33.44 10.13
CA MET A 389 -14.70 -32.16 9.48
C MET A 389 -14.16 -31.00 10.29
N ALA A 390 -14.17 -31.14 11.62
CA ALA A 390 -13.66 -30.10 12.48
C ALA A 390 -12.18 -29.93 12.26
N HIS A 391 -11.46 -31.05 12.22
CA HIS A 391 -10.00 -31.01 12.04
C HIS A 391 -9.63 -30.41 10.68
N MET A 392 -10.35 -30.79 9.65
CA MET A 392 -10.09 -30.35 8.29
C MET A 392 -10.04 -28.84 8.25
N VAL A 393 -11.02 -28.18 8.87
CA VAL A 393 -11.12 -26.75 8.81
C VAL A 393 -10.17 -26.08 9.82
N ASP A 394 -10.08 -26.62 11.04
CA ASP A 394 -9.14 -26.09 12.03
C ASP A 394 -7.69 -26.13 11.58
N GLY A 395 -7.30 -27.18 10.86
CA GLY A 395 -5.93 -27.22 10.31
C GLY A 395 -5.67 -26.12 9.32
N VAL A 396 -6.61 -25.89 8.40
CA VAL A 396 -6.50 -24.82 7.44
C VAL A 396 -6.51 -23.48 8.16
N LYS A 397 -7.36 -23.34 9.19
CA LYS A 397 -7.47 -22.05 9.88
C LYS A 397 -6.11 -21.66 10.43
N GLU A 398 -5.44 -22.64 11.02
CA GLU A 398 -4.13 -22.42 11.63
C GLU A 398 -3.07 -22.10 10.58
N PHE A 399 -3.11 -22.79 9.45
CA PHE A 399 -2.25 -22.52 8.33
C PHE A 399 -2.46 -21.07 7.82
N LEU A 400 -3.72 -20.64 7.73
CA LEU A 400 -3.97 -19.28 7.25
C LEU A 400 -3.44 -18.23 8.20
N VAL A 401 -3.60 -18.45 9.51
CA VAL A 401 -3.09 -17.47 10.48
C VAL A 401 -1.58 -17.40 10.31
N LEU A 402 -0.94 -18.53 10.02
CA LEU A 402 0.50 -18.51 9.77
C LEU A 402 0.85 -17.48 8.65
N HIS A 403 -0.04 -17.33 7.66
CA HIS A 403 0.25 -16.47 6.51
C HIS A 403 0.34 -15.02 7.02
N TYR A 404 -0.60 -14.65 7.88
CA TYR A 404 -0.62 -13.31 8.44
C TYR A 404 0.48 -13.05 9.44
N LYS A 405 0.88 -14.09 10.16
CA LYS A 405 1.99 -13.97 11.09
C LYS A 405 3.32 -13.91 10.36
N GLY A 406 3.45 -14.58 9.22
CA GLY A 406 4.69 -14.53 8.46
C GLY A 406 4.89 -13.24 7.65
N ALA A 407 3.81 -12.53 7.37
CA ALA A 407 3.86 -11.33 6.54
C ALA A 407 4.67 -10.26 7.26
N GLN A 408 5.70 -9.77 6.60
CA GLN A 408 6.63 -8.87 7.28
C GLN A 408 6.21 -7.41 7.19
N ARG A 409 5.33 -7.10 6.25
CA ARG A 409 4.89 -5.73 6.09
C ARG A 409 4.08 -5.21 7.29
N GLU A 410 4.30 -3.95 7.65
CA GLU A 410 3.72 -3.31 8.84
C GLU A 410 3.35 -1.87 8.52
N ASP A 411 2.82 -1.65 7.33
CA ASP A 411 2.72 -0.30 6.76
C ASP A 411 1.35 0.36 6.88
N THR A 412 0.35 -0.38 7.34
CA THR A 412 -0.98 0.19 7.54
C THR A 412 -1.49 -0.34 8.86
N PRO A 413 -2.55 0.27 9.43
CA PRO A 413 -3.11 -0.27 10.67
C PRO A 413 -3.51 -1.75 10.58
N TYR A 414 -3.95 -2.17 9.40
CA TYR A 414 -4.33 -3.55 9.19
C TYR A 414 -3.16 -4.50 9.42
N TRP A 415 -2.01 -4.20 8.80
CA TRP A 415 -0.85 -5.06 8.91
C TRP A 415 -0.20 -5.03 10.30
N LYS A 416 -0.31 -3.89 10.98
CA LYS A 416 0.18 -3.74 12.34
C LYS A 416 -0.66 -4.59 13.29
N ALA A 417 -1.96 -4.61 13.03
CA ALA A 417 -2.89 -5.37 13.81
C ALA A 417 -2.78 -6.90 13.54
N ALA A 418 -2.43 -7.27 12.31
CA ALA A 418 -2.17 -8.66 12.00
C ALA A 418 -0.97 -9.18 12.79
N LYS A 419 0.02 -8.32 13.04
CA LYS A 419 1.22 -8.71 13.75
C LYS A 419 0.96 -9.10 15.21
N THR A 420 0.02 -8.43 15.87
CA THR A 420 -0.20 -8.63 17.32
C THR A 420 -1.48 -9.38 17.65
N ARG A 421 -2.26 -9.74 16.63
CA ARG A 421 -3.53 -10.41 16.82
C ARG A 421 -3.33 -11.80 17.44
N ALA A 422 -4.25 -12.17 18.33
CA ALA A 422 -4.27 -13.52 18.95
C ALA A 422 -4.18 -14.65 17.90
N MET A 423 -3.61 -15.79 18.31
CA MET A 423 -3.44 -16.95 17.43
C MET A 423 -4.23 -18.15 17.95
N PRO A 424 -4.54 -19.12 17.07
CA PRO A 424 -5.05 -20.40 17.59
C PRO A 424 -4.01 -21.07 18.50
N ASP A 425 -4.49 -21.89 19.44
CA ASP A 425 -3.62 -22.78 20.21
C ASP A 425 -2.79 -23.62 19.27
N GLY A 426 -1.51 -23.72 19.54
CA GLY A 426 -0.71 -24.62 18.77
C GLY A 426 0.20 -23.90 17.80
N LEU A 427 -0.22 -22.72 17.35
CA LEU A 427 0.58 -21.96 16.41
C LEU A 427 1.83 -21.40 17.05
N ALA A 428 1.72 -20.91 18.28
CA ALA A 428 2.88 -20.33 18.97
C ALA A 428 4.05 -21.30 18.93
N ARG A 429 3.78 -22.55 19.27
CA ARG A 429 4.78 -23.58 19.28
C ARG A 429 5.37 -23.83 17.89
N LYS A 430 4.53 -23.84 16.87
CA LYS A 430 5.02 -23.99 15.50
C LYS A 430 5.94 -22.83 15.07
N LEU A 431 5.61 -21.61 15.47
CA LEU A 431 6.45 -20.45 15.19
C LEU A 431 7.79 -20.54 15.90
N GLU A 432 7.78 -20.97 17.18
CA GLU A 432 9.02 -21.19 17.92
C GLU A 432 9.90 -22.22 17.22
N LEU A 433 9.33 -23.35 16.86
CA LEU A 433 10.11 -24.37 16.18
C LEU A 433 10.74 -23.80 14.91
N SER A 434 9.95 -23.05 14.16
CA SER A 434 10.33 -22.52 12.86
C SER A 434 11.51 -21.55 12.90
N ALA A 435 11.71 -20.87 14.03
CA ALA A 435 12.83 -19.95 14.21
C ALA A 435 14.12 -20.74 14.41
N SER A 436 13.98 -22.02 14.75
CA SER A 436 15.14 -22.86 15.02
C SER A 436 15.39 -23.85 13.89
N HIS A 437 14.33 -24.44 13.34
CA HIS A 437 14.48 -25.41 12.25
C HIS A 437 13.14 -25.61 11.52
N LEU A 438 13.16 -26.34 10.41
CA LEU A 438 11.96 -26.47 9.62
C LEU A 438 10.88 -27.40 10.24
N LEU A 439 9.63 -26.98 10.08
CA LEU A 439 8.54 -27.84 10.46
C LEU A 439 8.62 -29.11 9.63
N ASP A 440 8.01 -30.19 10.13
CA ASP A 440 7.96 -31.44 9.39
C ASP A 440 6.66 -32.15 9.71
N GLU A 441 6.50 -33.37 9.20
CA GLU A 441 5.30 -34.16 9.40
C GLU A 441 4.85 -34.32 10.86
N GLN A 442 5.82 -34.30 11.78
CA GLN A 442 5.48 -34.46 13.19
C GLN A 442 5.09 -33.13 13.85
N THR A 443 5.47 -32.01 13.27
CA THR A 443 5.27 -30.74 13.97
C THR A 443 4.27 -29.80 13.31
N ILE A 444 3.80 -30.14 12.10
CA ILE A 444 2.68 -29.37 11.52
C ILE A 444 1.36 -29.82 12.17
N TYR A 445 0.23 -29.28 11.72
CA TYR A 445 -1.06 -29.71 12.24
C TYR A 445 -1.25 -31.20 11.92
N PRO A 446 -1.54 -32.02 12.96
CA PRO A 446 -1.38 -33.48 12.80
C PRO A 446 -2.51 -34.20 12.12
N TYR A 447 -3.69 -33.61 12.06
CA TYR A 447 -4.84 -34.29 11.42
C TYR A 447 -5.04 -33.79 10.00
N TYR A 448 -5.67 -34.59 9.18
CA TYR A 448 -5.77 -34.26 7.76
C TYR A 448 -6.45 -32.91 7.54
N HIS A 449 -5.78 -32.03 6.80
CA HIS A 449 -6.36 -30.72 6.46
C HIS A 449 -5.93 -30.32 5.04
N GLY A 450 -5.71 -31.31 4.19
CA GLY A 450 -5.35 -31.08 2.80
C GLY A 450 -3.85 -30.93 2.60
N PHE A 451 -3.30 -29.89 3.23
CA PHE A 451 -1.88 -29.51 3.07
C PHE A 451 -0.90 -30.44 3.75
N GLU A 452 0.26 -30.59 3.11
CA GLU A 452 1.36 -31.43 3.51
C GLU A 452 2.47 -30.55 4.03
N THR A 453 3.52 -31.19 4.56
CA THR A 453 4.65 -30.49 5.12
C THR A 453 5.22 -29.41 4.17
N TYR A 454 5.37 -29.74 2.88
CA TYR A 454 6.08 -28.82 2.00
C TYR A 454 5.35 -27.49 1.88
N SER A 455 4.04 -27.52 2.01
CA SER A 455 3.23 -26.32 2.03
C SER A 455 3.49 -25.43 3.21
N TRP A 456 3.55 -26.02 4.42
CA TRP A 456 3.89 -25.26 5.64
C TRP A 456 5.27 -24.64 5.51
N ILE A 457 6.23 -25.43 5.06
CA ILE A 457 7.62 -24.97 4.91
C ILE A 457 7.76 -23.84 3.88
N THR A 458 7.16 -24.08 2.72
CA THR A 458 7.20 -23.14 1.62
C THR A 458 6.63 -21.79 2.00
N MET A 459 5.49 -21.78 2.69
CA MET A 459 4.94 -20.50 3.17
C MET A 459 5.92 -19.84 4.14
N ASN A 460 6.48 -20.59 5.09
CA ASN A 460 7.40 -20.01 6.07
C ASN A 460 8.62 -19.36 5.40
N LEU A 461 9.26 -20.09 4.50
CA LEU A 461 10.45 -19.62 3.82
C LEU A 461 10.16 -18.46 2.88
N GLY A 462 9.04 -18.55 2.16
CA GLY A 462 8.56 -17.45 1.30
C GLY A 462 8.27 -16.16 2.04
N LEU A 463 7.65 -16.28 3.19
CA LEU A 463 7.23 -15.13 3.97
C LEU A 463 8.33 -14.57 4.84
N GLY A 464 9.35 -15.36 5.10
CA GLY A 464 10.49 -14.90 5.87
C GLY A 464 10.65 -15.49 7.26
N ILE A 465 9.90 -16.55 7.58
CA ILE A 465 10.08 -17.26 8.85
C ILE A 465 11.08 -18.37 8.64
N VAL A 466 12.34 -18.04 8.84
CA VAL A 466 13.48 -18.81 8.39
C VAL A 466 14.27 -19.26 9.63
N PRO A 467 14.74 -20.52 9.63
CA PRO A 467 15.63 -20.89 10.74
C PRO A 467 16.81 -19.94 10.83
N GLU A 468 17.24 -19.66 12.06
CA GLU A 468 18.35 -18.77 12.34
C GLU A 468 19.60 -19.28 11.60
N ARG A 469 19.79 -20.59 11.59
CA ARG A 469 20.95 -21.22 10.98
C ARG A 469 20.54 -22.53 10.33
N PRO A 470 21.36 -23.02 9.40
CA PRO A 470 21.07 -24.32 8.79
C PRO A 470 21.12 -25.47 9.79
N ARG A 471 20.57 -26.61 9.40
CA ARG A 471 20.61 -27.76 10.27
C ARG A 471 22.02 -28.28 10.54
N PRO A 472 22.42 -28.33 11.82
CA PRO A 472 23.83 -28.58 12.11
C PRO A 472 24.33 -29.89 11.49
N ALA A 473 23.48 -30.89 11.40
CA ALA A 473 23.90 -32.15 10.83
C ALA A 473 24.51 -32.00 9.45
N LEU A 474 24.02 -31.01 8.70
CA LEU A 474 24.44 -30.84 7.33
C LEU A 474 25.91 -30.47 7.20
N LEU A 475 26.42 -29.67 8.14
CA LEU A 475 27.85 -29.32 8.13
C LEU A 475 28.76 -30.55 8.23
N HIS A 476 28.26 -31.65 8.79
CA HIS A 476 29.02 -32.90 8.93
C HIS A 476 28.88 -33.80 7.71
N MET A 477 28.23 -33.32 6.65
CA MET A 477 27.92 -34.19 5.51
C MET A 477 28.49 -33.67 4.18
N ASP A 478 28.65 -34.58 3.23
CA ASP A 478 29.16 -34.22 1.90
C ASP A 478 28.08 -33.46 1.14
N PRO A 479 28.34 -32.20 0.75
CA PRO A 479 27.31 -31.39 0.08
C PRO A 479 27.12 -31.73 -1.40
N ALA A 480 28.00 -32.56 -1.95
CA ALA A 480 28.06 -32.78 -3.40
C ALA A 480 26.77 -33.28 -4.04
N PRO A 481 26.14 -34.30 -3.44
CA PRO A 481 24.88 -34.80 -4.00
C PRO A 481 23.72 -33.77 -4.05
N ALA A 482 23.58 -32.96 -3.01
CA ALA A 482 22.60 -31.89 -2.99
C ALA A 482 22.90 -30.85 -4.08
N LEU A 483 24.16 -30.45 -4.16
CA LEU A 483 24.59 -29.50 -5.19
C LEU A 483 24.28 -30.01 -6.61
N ALA A 484 24.46 -31.30 -6.80
CA ALA A 484 24.15 -31.96 -8.07
C ALA A 484 22.65 -31.95 -8.32
N GLU A 485 21.87 -32.20 -7.27
CA GLU A 485 20.42 -32.12 -7.37
C GLU A 485 19.94 -30.73 -7.74
N PHE A 486 20.52 -29.69 -7.12
CA PHE A 486 20.11 -28.32 -7.44
C PHE A 486 20.37 -28.03 -8.91
N GLU A 487 21.47 -28.56 -9.42
CA GLU A 487 21.85 -28.40 -10.81
C GLU A 487 20.93 -29.16 -11.73
N ARG A 488 20.58 -30.39 -11.36
CA ARG A 488 19.55 -31.12 -12.05
C ARG A 488 18.24 -30.33 -12.17
N LEU A 489 17.80 -29.74 -11.07
CA LEU A 489 16.56 -28.98 -11.07
C LEU A 489 16.62 -27.78 -12.02
N ARG A 490 17.73 -27.07 -12.01
CA ARG A 490 17.88 -25.92 -12.89
C ARG A 490 17.89 -26.35 -14.37
N ARG A 491 18.59 -27.45 -14.62
CA ARG A 491 18.66 -28.05 -15.94
C ARG A 491 17.32 -28.57 -16.47
N GLU A 492 16.64 -29.38 -15.66
CA GLU A 492 15.33 -29.92 -16.02
C GLU A 492 14.33 -28.79 -16.27
N GLY A 493 14.47 -27.72 -15.49
CA GLY A 493 13.66 -26.52 -15.64
C GLY A 493 13.82 -25.91 -17.01
N ASP A 494 15.07 -25.64 -17.36
CA ASP A 494 15.44 -25.09 -18.67
C ASP A 494 14.82 -25.89 -19.80
N GLU A 495 14.92 -27.22 -19.71
CA GLU A 495 14.41 -28.12 -20.73
C GLU A 495 12.90 -28.12 -20.86
N LEU A 496 12.21 -28.05 -19.72
CA LEU A 496 10.77 -28.07 -19.70
C LEU A 496 10.15 -26.81 -20.32
N ILE A 497 10.71 -25.65 -20.03
CA ILE A 497 10.14 -24.41 -20.58
C ILE A 497 10.43 -24.27 -22.10
N ALA A 498 11.43 -24.99 -22.59
CA ALA A 498 11.71 -25.04 -24.01
C ALA A 498 10.75 -25.99 -24.72
N ALA A 499 10.35 -27.07 -24.06
CA ALA A 499 9.51 -28.10 -24.68
C ALA A 499 7.98 -27.87 -24.55
N LEU A 500 7.55 -27.19 -23.50
CA LEU A 500 6.12 -27.06 -23.19
C LEU A 500 5.47 -25.88 -23.88
N PRO A 501 4.21 -26.04 -24.31
CA PRO A 501 3.43 -24.93 -24.84
C PRO A 501 3.09 -23.97 -23.72
N SER A 502 2.60 -22.78 -24.07
CA SER A 502 2.11 -21.84 -23.07
C SER A 502 0.82 -22.40 -22.47
N CYS A 503 0.41 -21.79 -21.36
CA CYS A 503 -0.83 -22.14 -20.69
C CYS A 503 -2.00 -21.98 -21.66
N TYR A 504 -2.11 -20.81 -22.28
CA TYR A 504 -3.14 -20.57 -23.29
C TYR A 504 -3.07 -21.52 -24.49
N GLU A 505 -1.86 -21.74 -25.01
CA GLU A 505 -1.69 -22.61 -26.17
C GLU A 505 -2.33 -23.95 -25.97
N TYR A 506 -2.00 -24.60 -24.87
CA TYR A 506 -2.56 -25.91 -24.62
C TYR A 506 -4.08 -25.87 -24.45
N LEU A 507 -4.57 -24.86 -23.76
CA LEU A 507 -6.01 -24.75 -23.54
C LEU A 507 -6.76 -24.51 -24.82
N ALA A 508 -6.24 -23.64 -25.69
CA ALA A 508 -6.84 -23.39 -27.00
C ALA A 508 -6.94 -24.68 -27.81
N SER A 509 -5.95 -25.54 -27.67
CA SER A 509 -5.87 -26.76 -28.48
C SER A 509 -6.86 -27.85 -28.08
N ILE A 510 -7.55 -27.67 -26.96
CA ILE A 510 -8.51 -28.66 -26.48
C ILE A 510 -9.92 -28.12 -26.38
N GLN A 511 -10.12 -26.83 -26.67
CA GLN A 511 -11.46 -26.22 -26.65
C GLN A 511 -12.42 -26.93 -27.63
N MET B 1 31.46 49.39 -8.09
CA MET B 1 31.28 47.95 -7.72
C MET B 1 31.83 47.64 -6.30
N ILE B 2 31.04 47.01 -5.45
CA ILE B 2 31.55 46.55 -4.15
C ILE B 2 32.09 45.12 -4.29
N ARG B 3 33.11 44.77 -3.51
CA ARG B 3 33.83 43.51 -3.76
C ARG B 3 33.57 42.40 -2.75
N SER B 4 33.41 42.77 -1.49
CA SER B 4 33.54 41.80 -0.41
C SER B 4 32.38 41.79 0.58
N VAL B 5 31.94 40.59 0.90
CA VAL B 5 30.87 40.36 1.84
C VAL B 5 31.42 39.59 3.04
N VAL B 6 31.08 40.04 4.23
CA VAL B 6 31.39 39.29 5.45
C VAL B 6 30.09 38.84 6.10
N ILE B 7 29.93 37.53 6.22
CA ILE B 7 28.76 36.96 6.86
C ILE B 7 29.16 36.55 8.28
N VAL B 8 28.39 37.00 9.26
CA VAL B 8 28.60 36.60 10.62
C VAL B 8 27.49 35.64 11.04
N GLY B 9 27.86 34.39 11.28
CA GLY B 9 26.90 33.39 11.69
C GLY B 9 26.92 32.24 10.71
N GLY B 10 26.93 31.02 11.22
CA GLY B 10 27.00 29.85 10.37
C GLY B 10 25.84 28.90 10.58
N GLY B 11 24.66 29.44 10.84
CA GLY B 11 23.46 28.60 10.85
C GLY B 11 23.00 28.36 9.42
N THR B 12 21.73 28.01 9.28
CA THR B 12 21.11 27.91 7.96
C THR B 12 21.13 29.28 7.24
N ALA B 13 20.85 30.36 7.96
CA ALA B 13 20.85 31.69 7.38
C ALA B 13 22.20 31.99 6.71
N GLY B 14 23.30 31.82 7.46
CA GLY B 14 24.62 32.16 6.99
C GLY B 14 25.03 31.33 5.80
N TRP B 15 24.81 30.02 5.85
CA TRP B 15 25.27 29.15 4.77
C TRP B 15 24.39 29.24 3.52
N MET B 16 23.08 29.43 3.69
CA MET B 16 22.24 29.77 2.55
C MET B 16 22.69 31.06 1.84
N THR B 17 22.99 32.10 2.60
CA THR B 17 23.50 33.35 2.03
C THR B 17 24.84 33.14 1.28
N ALA B 18 25.79 32.47 1.94
CA ALA B 18 27.10 32.25 1.35
C ALA B 18 26.98 31.48 0.03
N SER B 19 26.21 30.39 0.06
CA SER B 19 26.04 29.56 -1.13
C SER B 19 25.41 30.34 -2.27
N TYR B 20 24.33 31.04 -1.94
CA TYR B 20 23.58 31.74 -2.96
C TYR B 20 24.41 32.84 -3.60
N LEU B 21 25.13 33.61 -2.80
CA LEU B 21 25.97 34.65 -3.36
C LEU B 21 26.97 34.06 -4.35
N LYS B 22 27.57 32.93 -4.00
CA LYS B 22 28.54 32.32 -4.90
C LYS B 22 27.86 31.77 -6.16
N ALA B 23 26.65 31.21 -6.00
CA ALA B 23 25.93 30.72 -7.16
C ALA B 23 25.60 31.91 -8.07
N ALA B 24 25.27 33.05 -7.48
CA ALA B 24 24.81 34.19 -8.26
C ALA B 24 25.97 34.89 -8.93
N PHE B 25 27.06 35.09 -8.20
CA PHE B 25 28.12 35.99 -8.65
C PHE B 25 29.44 35.31 -8.91
N ASP B 26 29.51 34.02 -8.56
CA ASP B 26 30.74 33.21 -8.69
C ASP B 26 32.00 33.97 -8.22
N ASP B 27 32.99 34.14 -9.09
CA ASP B 27 34.22 34.79 -8.66
C ASP B 27 34.19 36.32 -8.77
N ARG B 28 33.02 36.87 -9.07
CA ARG B 28 32.86 38.32 -9.04
C ARG B 28 32.38 38.87 -7.67
N ILE B 29 32.51 38.05 -6.64
CA ILE B 29 32.26 38.48 -5.28
C ILE B 29 33.22 37.72 -4.36
N ASP B 30 33.79 38.38 -3.37
CA ASP B 30 34.54 37.68 -2.31
C ASP B 30 33.70 37.57 -1.04
N VAL B 31 33.60 36.34 -0.52
CA VAL B 31 32.74 36.05 0.62
C VAL B 31 33.53 35.38 1.74
N THR B 32 33.39 35.91 2.95
CA THR B 32 33.96 35.33 4.15
C THR B 32 32.85 35.09 5.16
N LEU B 33 32.76 33.88 5.68
CA LEU B 33 31.85 33.56 6.78
C LEU B 33 32.59 33.29 8.10
N VAL B 34 32.19 34.00 9.14
CA VAL B 34 32.70 33.84 10.48
C VAL B 34 31.61 33.23 11.36
N GLU B 35 31.90 32.09 11.96
CA GLU B 35 30.96 31.49 12.89
C GLU B 35 31.66 31.01 14.18
N SER B 36 30.94 31.11 15.29
CA SER B 36 31.44 30.69 16.57
C SER B 36 31.56 29.18 16.65
N GLY B 37 32.62 28.72 17.32
CA GLY B 37 32.82 27.30 17.59
C GLY B 37 32.05 26.83 18.81
N ASN B 38 31.50 27.76 19.59
CA ASN B 38 30.81 27.36 20.84
C ASN B 38 29.35 27.81 21.02
N VAL B 39 28.93 28.86 20.32
CA VAL B 39 27.49 29.20 20.26
C VAL B 39 26.83 28.33 19.19
N ARG B 40 25.92 27.46 19.63
CA ARG B 40 25.30 26.48 18.73
C ARG B 40 24.19 27.11 17.89
N ARG B 41 24.15 26.71 16.63
CA ARG B 41 23.03 27.06 15.76
C ARG B 41 21.79 26.25 16.14
N ILE B 42 20.62 26.78 15.83
CA ILE B 42 19.35 26.08 15.97
C ILE B 42 19.40 24.79 15.13
N GLY B 43 19.17 23.64 15.79
CA GLY B 43 19.43 22.34 15.17
C GLY B 43 18.29 21.35 14.97
N VAL B 44 17.06 21.79 15.23
CA VAL B 44 15.91 20.89 15.15
C VAL B 44 15.61 20.35 13.72
N GLY B 45 14.70 19.40 13.62
CA GLY B 45 14.08 19.10 12.34
C GLY B 45 13.24 20.28 11.91
N GLN B 46 13.28 20.62 10.63
CA GLN B 46 12.49 21.73 10.09
C GLN B 46 11.67 21.42 8.85
N ALA B 47 10.51 22.08 8.74
CA ALA B 47 9.65 22.00 7.56
C ALA B 47 9.89 23.23 6.69
N THR B 48 9.59 23.09 5.39
CA THR B 48 9.82 24.19 4.46
C THR B 48 8.57 24.58 3.67
N PHE B 49 8.70 25.63 2.86
CA PHE B 49 7.57 26.21 2.15
C PHE B 49 7.81 25.93 0.68
N SER B 50 6.80 26.13 -0.17
CA SER B 50 6.90 25.68 -1.58
C SER B 50 8.00 26.30 -2.42
N THR B 51 8.46 27.50 -2.06
CA THR B 51 9.47 28.18 -2.85
C THR B 51 10.84 27.52 -2.73
N VAL B 52 11.03 26.64 -1.76
CA VAL B 52 12.38 26.18 -1.44
C VAL B 52 13.03 25.42 -2.58
N ARG B 53 12.25 24.70 -3.41
CA ARG B 53 12.78 24.05 -4.63
C ARG B 53 13.64 24.98 -5.48
N HIS B 54 13.18 26.23 -5.61
CA HIS B 54 13.88 27.25 -6.39
C HIS B 54 15.29 27.54 -5.88
N PHE B 55 15.45 27.48 -4.55
CA PHE B 55 16.75 27.75 -3.94
C PHE B 55 17.73 26.63 -4.34
N PHE B 56 17.34 25.38 -4.15
CA PHE B 56 18.21 24.28 -4.56
C PHE B 56 18.43 24.23 -6.08
N ASP B 57 17.38 24.45 -6.88
CA ASP B 57 17.57 24.54 -8.33
C ASP B 57 18.62 25.60 -8.65
N TYR B 58 18.52 26.75 -7.99
CA TYR B 58 19.42 27.84 -8.28
C TYR B 58 20.89 27.48 -8.00
N LEU B 59 21.09 26.70 -6.94
CA LEU B 59 22.41 26.22 -6.56
C LEU B 59 22.88 25.11 -7.50
N GLY B 60 21.96 24.61 -8.33
CA GLY B 60 22.21 23.50 -9.27
C GLY B 60 22.17 22.13 -8.62
N LEU B 61 21.41 21.99 -7.54
CA LEU B 61 21.34 20.74 -6.79
C LEU B 61 20.02 20.01 -7.02
N ASP B 62 20.11 18.75 -7.44
CA ASP B 62 18.94 17.87 -7.54
C ASP B 62 18.55 17.31 -6.16
N GLU B 63 17.25 17.16 -5.91
CA GLU B 63 16.77 16.66 -4.62
C GLU B 63 17.34 15.30 -4.28
N ARG B 64 17.53 14.43 -5.27
CA ARG B 64 18.14 13.11 -5.07
C ARG B 64 19.53 13.21 -4.47
N GLU B 65 20.15 14.38 -4.65
CA GLU B 65 21.51 14.63 -4.22
C GLU B 65 21.52 15.14 -2.78
N TRP B 66 20.76 16.21 -2.53
CA TRP B 66 20.85 16.88 -1.25
C TRP B 66 19.98 16.31 -0.12
N LEU B 67 18.77 15.88 -0.46
CA LEU B 67 17.78 15.45 0.51
C LEU B 67 18.24 14.28 1.40
N PRO B 68 18.81 13.19 0.82
CA PRO B 68 19.30 12.09 1.67
C PRO B 68 20.40 12.52 2.64
N ARG B 69 21.21 13.49 2.22
CA ARG B 69 22.30 13.96 3.07
C ARG B 69 21.85 14.85 4.24
N CYS B 70 20.58 15.23 4.26
CA CYS B 70 20.02 16.02 5.34
C CYS B 70 18.89 15.32 6.12
N ALA B 71 18.92 13.99 6.15
CA ALA B 71 17.87 13.18 6.78
C ALA B 71 16.47 13.58 6.32
N GLY B 72 16.38 13.91 5.02
CA GLY B 72 15.21 14.56 4.46
C GLY B 72 13.94 13.72 4.35
N GLY B 73 12.80 14.41 4.41
CA GLY B 73 11.51 13.84 4.05
C GLY B 73 10.71 14.80 3.18
N TYR B 74 9.53 14.36 2.75
CA TYR B 74 8.64 15.18 1.94
C TYR B 74 7.55 15.84 2.74
N LYS B 75 7.23 17.07 2.32
CA LYS B 75 6.13 17.79 2.88
C LYS B 75 5.17 18.10 1.75
N LEU B 76 4.02 17.44 1.78
CA LEU B 76 2.96 17.72 0.81
C LEU B 76 2.05 18.82 1.34
N GLY B 77 2.15 19.11 2.64
CA GLY B 77 1.26 20.08 3.26
C GLY B 77 1.39 20.03 4.75
N ILE B 78 0.40 20.59 5.44
CA ILE B 78 0.30 20.53 6.87
C ILE B 78 -1.06 19.99 7.27
N ARG B 79 -1.05 18.99 8.16
CA ARG B 79 -2.26 18.49 8.78
C ARG B 79 -2.56 19.28 10.06
N PHE B 80 -3.71 19.95 10.09
CA PHE B 80 -4.13 20.69 11.27
C PHE B 80 -5.13 19.88 12.10
N GLU B 81 -4.74 19.53 13.33
CA GLU B 81 -5.46 18.59 14.15
C GLU B 81 -5.90 19.25 15.47
N ASN B 82 -7.17 19.09 15.80
CA ASN B 82 -7.74 19.49 17.10
C ASN B 82 -7.89 20.98 17.30
N TRP B 83 -7.85 21.76 16.23
CA TRP B 83 -7.99 23.21 16.37
C TRP B 83 -9.42 23.62 16.63
N SER B 84 -10.36 22.85 16.09
CA SER B 84 -11.76 23.20 16.21
C SER B 84 -12.56 22.07 16.89
N GLU B 85 -13.25 21.24 16.12
CA GLU B 85 -13.88 20.02 16.70
C GLU B 85 -12.81 19.05 17.23
N PRO B 86 -12.95 18.59 18.49
CA PRO B 86 -11.91 17.66 19.02
C PRO B 86 -11.75 16.42 18.14
N GLY B 87 -10.50 16.09 17.84
CA GLY B 87 -10.18 14.91 17.03
C GLY B 87 -10.30 15.13 15.53
N GLU B 88 -10.98 16.20 15.11
CA GLU B 88 -11.18 16.43 13.69
C GLU B 88 -9.97 17.15 13.14
N TYR B 89 -9.66 16.91 11.88
CA TYR B 89 -8.49 17.51 11.28
C TYR B 89 -8.76 17.85 9.81
N PHE B 90 -7.82 18.56 9.21
CA PHE B 90 -7.88 18.87 7.79
C PHE B 90 -6.46 19.15 7.30
N TYR B 91 -6.28 19.09 5.99
CA TYR B 91 -5.00 19.43 5.37
C TYR B 91 -4.96 20.83 4.78
N HIS B 92 -3.83 21.51 4.96
CA HIS B 92 -3.47 22.65 4.17
C HIS B 92 -2.37 22.19 3.22
N PRO B 93 -2.73 21.91 1.95
CA PRO B 93 -1.82 21.27 1.02
C PRO B 93 -1.07 22.29 0.17
N PHE B 94 0.01 21.86 -0.47
CA PHE B 94 0.65 22.62 -1.51
C PHE B 94 0.05 22.22 -2.84
N GLU B 95 -1.07 22.83 -3.19
CA GLU B 95 -1.83 22.45 -4.36
C GLU B 95 -2.82 23.56 -4.64
N ARG B 96 -2.82 24.04 -5.88
CA ARG B 96 -3.75 25.10 -6.27
C ARG B 96 -5.11 24.49 -6.51
N LEU B 97 -6.15 25.25 -6.17
CA LEU B 97 -7.52 24.89 -6.54
C LEU B 97 -7.73 24.91 -8.06
N ARG B 98 -8.46 23.91 -8.56
CA ARG B 98 -8.91 23.96 -9.94
C ARG B 98 -10.06 24.94 -10.10
N VAL B 99 -10.24 25.41 -11.34
CA VAL B 99 -11.27 26.41 -11.64
C VAL B 99 -12.22 25.80 -12.66
N VAL B 100 -13.52 25.91 -12.41
CA VAL B 100 -14.54 25.45 -13.33
C VAL B 100 -15.53 26.57 -13.59
N ASP B 101 -15.62 26.96 -14.88
CA ASP B 101 -16.51 28.03 -15.32
C ASP B 101 -16.34 29.32 -14.54
N GLY B 102 -15.09 29.67 -14.26
CA GLY B 102 -14.79 30.94 -13.63
C GLY B 102 -14.81 30.94 -12.12
N PHE B 103 -15.20 29.82 -11.50
CA PHE B 103 -15.16 29.72 -10.04
C PHE B 103 -14.26 28.58 -9.58
N ASN B 104 -13.53 28.79 -8.47
CA ASN B 104 -12.68 27.72 -7.93
C ASN B 104 -13.52 26.63 -7.24
N MET B 105 -12.92 25.45 -7.10
CA MET B 105 -13.59 24.28 -6.49
C MET B 105 -14.11 24.52 -5.08
N ALA B 106 -13.46 25.41 -4.33
CA ALA B 106 -13.98 25.80 -3.02
C ALA B 106 -15.36 26.47 -3.12
N GLU B 107 -15.54 27.38 -4.06
CA GLU B 107 -16.87 27.97 -4.28
C GLU B 107 -17.86 26.90 -4.66
N TRP B 108 -17.45 26.02 -5.57
CA TRP B 108 -18.32 24.95 -5.99
C TRP B 108 -18.64 24.02 -4.83
N TRP B 109 -17.65 23.75 -3.98
CA TRP B 109 -17.82 22.86 -2.86
C TRP B 109 -18.90 23.36 -1.94
N LEU B 110 -18.92 24.67 -1.73
CA LEU B 110 -19.94 25.25 -0.87
C LEU B 110 -21.34 25.13 -1.46
N ALA B 111 -21.42 25.12 -2.78
CA ALA B 111 -22.71 25.06 -3.47
C ALA B 111 -23.22 23.64 -3.66
N VAL B 112 -22.33 22.71 -4.01
CA VAL B 112 -22.76 21.38 -4.45
C VAL B 112 -21.99 20.18 -3.85
N GLY B 113 -21.35 20.35 -2.70
CA GLY B 113 -20.60 19.27 -2.07
C GLY B 113 -21.45 18.35 -1.20
N THR B 117 -18.12 14.38 3.38
CA THR B 117 -16.86 14.77 2.73
C THR B 117 -16.39 16.20 3.10
N SER B 118 -15.19 16.30 3.67
CA SER B 118 -14.58 17.57 4.01
C SER B 118 -14.06 18.33 2.78
N PHE B 119 -13.87 19.63 2.97
CA PHE B 119 -13.43 20.48 1.90
C PHE B 119 -12.11 20.00 1.25
N SER B 120 -11.09 19.71 2.08
CA SER B 120 -9.78 19.34 1.54
C SER B 120 -9.80 17.99 0.86
N GLU B 121 -10.59 17.07 1.39
CA GLU B 121 -10.78 15.77 0.75
C GLU B 121 -11.49 15.89 -0.60
N ALA B 122 -12.52 16.73 -0.68
CA ALA B 122 -13.20 16.96 -1.95
C ALA B 122 -12.33 17.68 -2.97
N CYS B 123 -11.56 18.69 -2.52
CA CYS B 123 -10.91 19.63 -3.46
C CYS B 123 -9.45 19.36 -3.86
N TYR B 124 -8.76 18.50 -3.11
CA TYR B 124 -7.33 18.30 -3.35
C TYR B 124 -6.88 16.86 -3.48
N LEU B 125 -6.12 16.55 -4.52
CA LEU B 125 -5.46 15.26 -4.65
C LEU B 125 -4.58 14.98 -3.43
N THR B 126 -3.86 16.01 -3.01
CA THR B 126 -2.86 15.91 -1.95
C THR B 126 -3.44 15.31 -0.65
N HIS B 127 -4.74 15.55 -0.43
CA HIS B 127 -5.42 14.95 0.70
C HIS B 127 -5.28 13.42 0.70
N ARG B 128 -5.58 12.80 -0.45
CA ARG B 128 -5.49 11.35 -0.54
C ARG B 128 -4.08 10.88 -0.40
N LEU B 129 -3.14 11.60 -1.01
CA LEU B 129 -1.73 11.24 -0.97
C LEU B 129 -1.21 11.23 0.45
N CYS B 130 -1.63 12.21 1.25
CA CYS B 130 -1.28 12.27 2.64
C CYS B 130 -1.88 11.14 3.43
N GLU B 131 -3.19 10.89 3.24
CA GLU B 131 -3.87 9.81 3.97
C GLU B 131 -3.21 8.46 3.71
N ALA B 132 -2.74 8.25 2.48
CA ALA B 132 -2.11 7.00 2.09
C ALA B 132 -0.58 7.01 2.27
N LYS B 133 -0.05 8.12 2.80
CA LYS B 133 1.38 8.26 3.04
C LYS B 133 2.23 8.07 1.78
N ARG B 134 1.76 8.57 0.65
CA ARG B 134 2.49 8.46 -0.60
C ARG B 134 3.67 9.43 -0.71
N ALA B 135 4.69 9.02 -1.43
CA ALA B 135 5.69 9.92 -1.94
C ALA B 135 5.14 10.67 -3.17
N PRO B 136 5.65 11.89 -3.45
CA PRO B 136 5.20 12.65 -4.63
C PRO B 136 5.88 12.21 -5.91
N ARG B 137 6.74 11.20 -5.83
CA ARG B 137 7.39 10.68 -7.02
C ARG B 137 7.21 9.18 -7.20
N MET B 138 7.08 8.75 -8.46
CA MET B 138 7.14 7.35 -8.84
C MET B 138 8.56 6.86 -8.62
N LEU B 139 8.71 5.54 -8.50
CA LEU B 139 10.03 4.94 -8.27
C LEU B 139 11.03 5.27 -9.38
N ASP B 140 10.55 5.50 -10.60
CA ASP B 140 11.44 5.93 -11.69
C ASP B 140 11.90 7.39 -11.58
N GLY B 141 11.41 8.10 -10.57
CA GLY B 141 11.81 9.49 -10.32
C GLY B 141 10.85 10.53 -10.83
N SER B 142 9.87 10.13 -11.63
CA SER B 142 8.94 11.07 -12.23
C SER B 142 7.93 11.61 -11.23
N LEU B 143 7.56 12.87 -11.43
CA LEU B 143 6.60 13.59 -10.63
C LEU B 143 5.19 13.03 -10.83
N PHE B 144 4.40 13.00 -9.75
CA PHE B 144 3.06 12.43 -9.83
C PHE B 144 2.13 13.20 -10.76
N ALA B 145 2.38 14.50 -10.90
CA ALA B 145 1.61 15.38 -11.77
C ALA B 145 1.39 14.81 -13.19
N SER B 146 2.38 14.08 -13.71
CA SER B 146 2.24 13.40 -15.01
C SER B 146 1.65 12.01 -14.84
N GLU B 159 6.36 24.55 -13.95
CA GLU B 159 6.27 23.32 -14.73
C GLU B 159 4.94 22.61 -14.35
N GLN B 160 4.98 21.31 -14.09
CA GLN B 160 3.90 20.60 -13.42
C GLN B 160 4.19 20.62 -11.90
N ARG B 161 5.42 21.03 -11.57
CA ARG B 161 5.86 21.26 -10.20
C ARG B 161 5.17 22.46 -9.52
N ALA B 162 4.75 23.45 -10.30
CA ALA B 162 4.04 24.63 -9.75
C ALA B 162 2.61 24.29 -9.32
N GLN B 163 2.00 23.33 -10.02
CA GLN B 163 0.62 22.91 -9.77
C GLN B 163 0.48 22.12 -8.45
N PHE B 164 1.53 21.37 -8.12
CA PHE B 164 1.65 20.66 -6.83
C PHE B 164 3.03 20.96 -6.20
N PRO B 165 3.19 22.18 -5.65
CA PRO B 165 4.51 22.62 -5.26
C PRO B 165 4.92 22.12 -3.86
N TYR B 166 5.15 20.82 -3.73
CA TYR B 166 5.53 20.21 -2.45
C TYR B 166 6.88 20.70 -1.94
N ALA B 167 7.07 20.62 -0.62
CA ALA B 167 8.32 21.01 0.02
C ALA B 167 8.94 19.84 0.80
N TYR B 168 9.81 20.17 1.76
CA TYR B 168 10.65 19.21 2.43
C TYR B 168 10.66 19.32 3.94
N HIS B 169 11.02 18.21 4.57
CA HIS B 169 11.43 18.19 5.96
C HIS B 169 12.91 17.89 5.94
N PHE B 170 13.66 18.51 6.83
CA PHE B 170 15.05 18.11 7.01
C PHE B 170 15.68 18.54 8.32
N ASP B 171 16.86 18.00 8.56
CA ASP B 171 17.65 18.30 9.74
C ASP B 171 18.43 19.61 9.50
N ALA B 172 18.15 20.60 10.36
CA ALA B 172 18.79 21.92 10.27
C ALA B 172 20.32 21.88 10.31
N ASP B 173 20.89 21.11 11.23
CA ASP B 173 22.33 20.93 11.29
C ASP B 173 22.88 20.34 10.00
N GLU B 174 22.25 19.28 9.51
CA GLU B 174 22.74 18.63 8.30
C GLU B 174 22.75 19.58 7.10
N VAL B 175 21.71 20.38 6.94
CA VAL B 175 21.62 21.23 5.77
C VAL B 175 22.67 22.32 5.85
N ALA B 176 22.87 22.88 7.03
CA ALA B 176 23.95 23.84 7.21
C ALA B 176 25.32 23.23 6.88
N ARG B 177 25.54 22.02 7.34
CA ARG B 177 26.79 21.29 7.11
C ARG B 177 26.99 21.08 5.59
N TYR B 178 25.95 20.59 4.95
CA TYR B 178 25.96 20.41 3.52
C TYR B 178 26.20 21.72 2.74
N LEU B 179 25.51 22.80 3.12
CA LEU B 179 25.71 24.07 2.42
C LEU B 179 27.09 24.67 2.66
N SER B 180 27.65 24.52 3.88
CA SER B 180 29.02 25.04 4.15
C SER B 180 30.00 24.38 3.21
N GLU B 181 29.80 23.10 2.99
CA GLU B 181 30.61 22.36 2.07
C GLU B 181 30.47 22.87 0.63
N TYR B 182 29.23 23.07 0.17
CA TYR B 182 28.97 23.68 -1.14
C TYR B 182 29.70 25.03 -1.29
N ALA B 183 29.53 25.89 -0.29
CA ALA B 183 30.04 27.25 -0.38
C ALA B 183 31.56 27.30 -0.26
N ILE B 184 32.12 26.52 0.67
CA ILE B 184 33.58 26.45 0.81
C ILE B 184 34.20 25.88 -0.48
N ALA B 185 33.55 24.88 -1.07
CA ALA B 185 34.04 24.33 -2.35
C ALA B 185 34.10 25.42 -3.44
N ARG B 186 33.34 26.48 -3.25
CA ARG B 186 33.29 27.55 -4.25
C ARG B 186 33.99 28.83 -3.84
N GLY B 187 34.89 28.74 -2.86
CA GLY B 187 35.73 29.89 -2.53
C GLY B 187 35.31 30.77 -1.35
N VAL B 188 34.32 30.35 -0.58
CA VAL B 188 34.00 31.09 0.63
C VAL B 188 35.10 30.87 1.67
N ARG B 189 35.69 31.94 2.17
CA ARG B 189 36.64 31.83 3.27
C ARG B 189 35.86 31.53 4.56
N HIS B 190 36.30 30.51 5.29
CA HIS B 190 35.64 30.08 6.53
C HIS B 190 36.51 30.38 7.73
N VAL B 191 35.97 31.12 8.69
CA VAL B 191 36.68 31.41 9.93
C VAL B 191 35.82 30.93 11.09
N VAL B 192 36.37 30.02 11.90
CA VAL B 192 35.71 29.56 13.11
C VAL B 192 36.32 30.31 14.30
N ASP B 193 35.54 31.23 14.88
CA ASP B 193 36.02 32.13 15.94
C ASP B 193 34.80 32.88 16.47
N ASP B 194 34.97 33.56 17.60
CA ASP B 194 33.92 34.42 18.11
C ASP B 194 34.23 35.84 17.77
N VAL B 195 33.21 36.55 17.31
CA VAL B 195 33.25 38.00 17.17
C VAL B 195 33.02 38.59 18.55
N GLN B 196 33.99 39.40 19.01
CA GLN B 196 33.93 40.02 20.33
C GLN B 196 33.48 41.47 20.31
N HIS B 197 33.76 42.16 19.20
CA HIS B 197 33.47 43.58 19.10
C HIS B 197 33.20 43.84 17.63
N VAL B 198 32.22 44.69 17.37
CA VAL B 198 31.97 45.15 16.02
C VAL B 198 32.36 46.61 15.93
N GLY B 199 33.31 46.91 15.06
CA GLY B 199 33.80 48.28 14.83
C GLY B 199 32.87 49.07 13.93
N GLN B 200 32.76 50.37 14.19
CA GLN B 200 32.01 51.32 13.37
C GLN B 200 32.88 52.53 13.03
N ASP B 201 32.76 53.06 11.80
CA ASP B 201 33.47 54.27 11.43
C ASP B 201 32.69 55.45 12.05
N GLU B 202 33.15 56.68 11.85
CA GLU B 202 32.48 57.85 12.37
C GLU B 202 31.02 58.06 11.90
N ARG B 203 30.65 57.47 10.75
CA ARG B 203 29.29 57.59 10.22
C ARG B 203 28.34 56.52 10.77
N GLY B 204 28.88 55.62 11.57
CA GLY B 204 28.10 54.53 12.16
C GLY B 204 28.09 53.30 11.27
N TRP B 205 28.81 53.36 10.15
CA TRP B 205 28.89 52.19 9.27
C TRP B 205 29.83 51.14 9.90
N ILE B 206 29.53 49.86 9.68
CA ILE B 206 30.39 48.82 10.21
C ILE B 206 31.69 48.79 9.41
N SER B 207 32.81 48.77 10.13
CA SER B 207 34.14 48.80 9.52
C SER B 207 34.80 47.43 9.55
N GLY B 208 34.44 46.65 10.56
CA GLY B 208 34.93 45.30 10.66
C GLY B 208 34.45 44.63 11.90
N VAL B 209 34.62 43.31 11.93
CA VAL B 209 34.34 42.51 13.10
C VAL B 209 35.65 41.98 13.75
N HIS B 210 35.77 42.14 15.06
CA HIS B 210 37.03 41.81 15.76
C HIS B 210 36.89 40.44 16.41
N THR B 211 37.72 39.51 15.97
CA THR B 211 37.66 38.16 16.51
C THR B 211 38.72 37.87 17.58
N LYS B 212 38.51 36.79 18.33
CA LYS B 212 39.43 36.40 19.41
C LYS B 212 40.83 36.05 18.91
N GLN B 213 40.89 35.28 17.83
CA GLN B 213 42.16 34.71 17.37
C GLN B 213 42.52 35.05 15.91
N HIS B 214 41.66 35.76 15.19
CA HIS B 214 41.93 36.06 13.77
C HIS B 214 41.94 37.55 13.43
N GLY B 215 42.05 38.39 14.45
CA GLY B 215 42.09 39.83 14.24
C GLY B 215 40.80 40.40 13.69
N GLU B 216 40.92 41.55 13.03
CA GLU B 216 39.79 42.21 12.39
C GLU B 216 39.51 41.63 11.01
N ILE B 217 38.24 41.33 10.77
CA ILE B 217 37.76 40.93 9.45
C ILE B 217 36.87 42.04 8.90
N SER B 218 37.25 42.53 7.71
CA SER B 218 36.57 43.63 7.06
C SER B 218 36.04 43.28 5.68
N GLY B 219 35.14 44.15 5.21
CA GLY B 219 34.54 44.00 3.89
C GLY B 219 33.57 45.14 3.64
N ASP B 220 32.98 45.14 2.46
CA ASP B 220 32.10 46.23 2.06
C ASP B 220 30.72 46.06 2.69
N LEU B 221 30.23 44.82 2.66
CA LEU B 221 28.89 44.49 3.10
C LEU B 221 28.92 43.40 4.21
N PHE B 222 28.16 43.66 5.27
CA PHE B 222 28.07 42.75 6.39
C PHE B 222 26.68 42.17 6.47
N VAL B 223 26.63 40.84 6.51
CA VAL B 223 25.36 40.17 6.65
C VAL B 223 25.24 39.61 8.07
N ASP B 224 24.22 40.05 8.80
CA ASP B 224 24.03 39.59 10.17
C ASP B 224 23.22 38.30 10.18
N CYS B 225 23.87 37.16 10.39
CA CYS B 225 23.18 35.89 10.54
C CYS B 225 23.43 35.31 11.95
N THR B 226 23.43 36.18 12.98
CA THR B 226 23.74 35.74 14.32
C THR B 226 22.53 35.25 15.13
N GLY B 227 21.38 35.05 14.48
CA GLY B 227 20.16 34.59 15.16
C GLY B 227 19.47 35.66 15.98
N PHE B 228 18.59 35.22 16.89
CA PHE B 228 17.80 36.09 17.80
C PHE B 228 18.57 37.25 18.44
N ARG B 229 19.84 37.02 18.60
CA ARG B 229 20.81 37.92 19.20
C ARG B 229 20.95 39.25 18.42
N GLY B 230 20.86 39.17 17.08
CA GLY B 230 21.07 40.31 16.19
C GLY B 230 22.27 41.14 16.62
N LEU B 231 23.43 40.48 16.68
CA LEU B 231 24.64 41.12 17.13
C LEU B 231 24.95 42.45 16.40
N LEU B 232 24.85 42.44 15.07
CA LEU B 232 25.14 43.61 14.25
C LEU B 232 23.96 44.53 14.17
N ILE B 233 22.82 44.00 13.71
CA ILE B 233 21.65 44.82 13.39
C ILE B 233 20.98 45.46 14.61
N ASN B 234 20.87 44.70 15.69
CA ASN B 234 20.34 45.24 16.97
C ASN B 234 21.38 45.73 17.98
N GLN B 235 22.35 44.89 18.29
CA GLN B 235 23.28 45.24 19.37
C GLN B 235 24.28 46.32 18.99
N THR B 236 24.82 46.26 17.77
CA THR B 236 25.71 47.29 17.27
C THR B 236 24.99 48.52 16.68
N LEU B 237 24.06 48.31 15.73
CA LEU B 237 23.39 49.42 15.02
C LEU B 237 22.15 50.01 15.67
N GLY B 238 21.60 49.34 16.69
CA GLY B 238 20.48 49.88 17.42
C GLY B 238 19.19 49.82 16.63
N GLY B 239 19.14 48.90 15.66
CA GLY B 239 17.90 48.68 14.94
C GLY B 239 16.76 48.42 15.91
N ARG B 240 15.60 48.99 15.64
CA ARG B 240 14.45 48.74 16.47
C ARG B 240 13.74 47.44 16.14
N PHE B 241 13.44 46.66 17.18
CA PHE B 241 12.70 45.43 16.98
C PHE B 241 11.26 45.59 17.41
N GLN B 242 10.37 45.16 16.53
CA GLN B 242 8.96 45.31 16.72
C GLN B 242 8.45 43.92 17.10
N SER B 243 8.07 43.80 18.37
CA SER B 243 7.48 42.58 18.89
C SER B 243 6.03 42.37 18.40
N PHE B 244 5.68 41.11 18.10
CA PHE B 244 4.30 40.75 17.77
C PHE B 244 3.55 40.09 18.94
N SER B 245 4.16 40.07 20.12
CA SER B 245 3.53 39.46 21.30
C SER B 245 2.10 39.86 21.60
N ASP B 246 1.71 41.08 21.29
CA ASP B 246 0.35 41.56 21.56
C ASP B 246 -0.70 40.78 20.75
N VAL B 247 -0.30 40.23 19.60
CA VAL B 247 -1.25 39.53 18.76
C VAL B 247 -0.92 38.04 18.65
N LEU B 248 0.34 37.70 18.90
CA LEU B 248 0.82 36.32 18.84
C LEU B 248 1.71 36.07 20.03
N PRO B 249 1.12 35.66 21.16
CA PRO B 249 1.88 35.56 22.43
C PRO B 249 2.85 34.38 22.58
N ASN B 250 2.71 33.31 21.80
CA ASN B 250 3.68 32.20 21.91
C ASN B 250 5.15 32.69 21.91
N ASN B 251 5.92 32.27 22.93
CA ASN B 251 7.26 32.82 23.15
C ASN B 251 8.31 31.79 23.50
N ARG B 252 7.89 30.53 23.62
CA ARG B 252 8.81 29.44 23.92
C ARG B 252 8.43 28.15 23.20
N ALA B 253 9.42 27.26 23.11
CA ALA B 253 9.23 25.92 22.56
C ALA B 253 10.02 24.90 23.38
N VAL B 254 9.48 23.68 23.41
CA VAL B 254 10.23 22.54 23.89
C VAL B 254 10.13 21.44 22.85
N ALA B 255 11.26 20.82 22.50
CA ALA B 255 11.31 19.84 21.41
C ALA B 255 11.90 18.49 21.84
N LEU B 256 11.38 17.42 21.25
CA LEU B 256 11.91 16.08 21.43
C LEU B 256 12.22 15.46 20.07
N ARG B 257 13.30 14.69 19.99
CA ARG B 257 13.56 13.87 18.83
C ARG B 257 13.22 12.40 19.12
N VAL B 258 12.17 11.91 18.47
CA VAL B 258 11.68 10.56 18.71
C VAL B 258 12.03 9.64 17.54
N PRO B 259 13.03 8.74 17.71
CA PRO B 259 13.41 7.86 16.59
C PRO B 259 12.24 6.98 16.18
N ARG B 260 12.13 6.70 14.89
CA ARG B 260 10.99 5.94 14.39
C ARG B 260 11.34 4.45 14.37
N GLU B 261 10.54 3.65 15.05
CA GLU B 261 10.78 2.22 15.08
C GLU B 261 10.34 1.59 13.75
N ASN B 262 9.19 2.02 13.25
CA ASN B 262 8.61 1.47 12.02
C ASN B 262 8.82 2.43 10.85
N ASP B 263 9.73 2.10 9.93
CA ASP B 263 10.01 2.99 8.81
C ASP B 263 8.76 3.50 8.11
N GLU B 264 7.78 2.63 7.92
CA GLU B 264 6.61 2.96 7.14
C GLU B 264 5.61 3.82 7.90
N ASP B 265 5.89 4.13 9.16
CA ASP B 265 5.09 5.14 9.88
C ASP B 265 5.33 6.55 9.34
N MET B 266 6.27 6.68 8.42
CA MET B 266 6.70 7.97 7.91
C MET B 266 5.65 8.67 7.05
N ARG B 267 5.25 9.86 7.52
CA ARG B 267 4.19 10.65 6.90
C ARG B 267 4.78 11.77 6.02
N PRO B 268 4.23 11.96 4.81
CA PRO B 268 4.78 12.96 3.87
C PRO B 268 4.16 14.35 4.10
N TYR B 269 4.11 14.76 5.35
CA TYR B 269 3.54 16.03 5.76
C TYR B 269 3.90 16.39 7.21
N THR B 270 3.81 17.67 7.52
CA THR B 270 3.93 18.20 8.85
C THR B 270 2.58 18.13 9.54
N THR B 271 2.57 17.91 10.84
CA THR B 271 1.33 17.90 11.58
C THR B 271 1.38 19.07 12.55
N ALA B 272 0.28 19.79 12.68
CA ALA B 272 0.21 20.83 13.67
C ALA B 272 -0.99 20.58 14.56
N THR B 273 -0.73 20.14 15.80
CA THR B 273 -1.78 19.66 16.69
C THR B 273 -1.99 20.66 17.80
N ALA B 274 -3.19 21.21 17.89
CA ALA B 274 -3.46 22.19 18.93
C ALA B 274 -3.42 21.51 20.28
N MET B 275 -2.74 22.14 21.24
CA MET B 275 -2.53 21.58 22.59
C MET B 275 -3.30 22.43 23.58
N SER B 276 -2.99 22.31 24.86
CA SER B 276 -3.79 23.00 25.87
C SER B 276 -3.47 24.48 25.89
N ALA B 277 -2.21 24.83 25.61
CA ALA B 277 -1.76 26.23 25.72
C ALA B 277 -0.78 26.62 24.60
N GLY B 278 -1.07 26.16 23.38
CA GLY B 278 -0.24 26.38 22.21
C GLY B 278 -0.51 25.27 21.22
N TRP B 279 0.51 24.85 20.47
CA TRP B 279 0.34 23.73 19.55
C TRP B 279 1.66 22.99 19.40
N MET B 280 1.57 21.81 18.81
CA MET B 280 2.73 20.97 18.66
C MET B 280 2.97 20.58 17.21
N TRP B 281 4.22 20.59 16.80
CA TRP B 281 4.58 20.12 15.48
C TRP B 281 5.07 18.70 15.48
N THR B 282 4.84 18.00 14.38
CA THR B 282 5.46 16.73 14.12
C THR B 282 6.11 16.89 12.76
N ILE B 283 7.43 16.77 12.73
CA ILE B 283 8.18 16.89 11.49
C ILE B 283 8.90 15.58 11.18
N PRO B 284 8.37 14.83 10.19
CA PRO B 284 8.95 13.52 9.86
C PRO B 284 10.26 13.59 9.08
N LEU B 285 11.36 13.29 9.76
CA LEU B 285 12.64 13.04 9.09
C LEU B 285 12.80 11.58 8.68
N PHE B 286 13.91 11.27 8.04
CA PHE B 286 14.10 9.94 7.45
C PHE B 286 14.06 8.82 8.50
N LYS B 287 14.64 9.09 9.67
CA LYS B 287 14.79 8.10 10.73
C LYS B 287 14.17 8.48 12.07
N ARG B 288 13.69 9.71 12.17
CA ARG B 288 13.15 10.19 13.45
C ARG B 288 12.02 11.16 13.14
N ASP B 289 11.09 11.29 14.06
CA ASP B 289 10.11 12.36 14.03
C ASP B 289 10.57 13.40 15.04
N GLY B 290 10.62 14.67 14.63
CA GLY B 290 10.82 15.76 15.58
C GLY B 290 9.48 16.25 16.05
N ASN B 291 9.33 16.47 17.36
CA ASN B 291 8.10 17.01 17.94
C ASN B 291 8.41 18.20 18.77
N GLY B 292 7.63 19.26 18.64
CA GLY B 292 7.86 20.46 19.43
C GLY B 292 6.58 21.09 19.87
N TYR B 293 6.56 21.56 21.11
CA TYR B 293 5.38 22.19 21.66
C TYR B 293 5.69 23.67 21.73
N VAL B 294 4.97 24.44 20.93
CA VAL B 294 5.13 25.89 20.88
C VAL B 294 4.05 26.47 21.76
N TYR B 295 4.42 27.36 22.69
CA TYR B 295 3.49 27.78 23.73
C TYR B 295 3.76 29.21 24.25
N SER B 296 2.82 29.76 24.99
CA SER B 296 3.01 30.99 25.69
C SER B 296 3.26 30.74 27.17
N ASP B 297 4.38 31.21 27.71
CA ASP B 297 4.66 30.98 29.13
C ASP B 297 3.73 31.78 30.04
N GLU B 298 2.87 32.62 29.47
CA GLU B 298 1.85 33.27 30.27
C GLU B 298 0.82 32.25 30.74
N PHE B 299 0.61 31.19 29.96
CA PHE B 299 -0.46 30.24 30.23
C PHE B 299 -0.02 28.87 30.77
N ILE B 300 1.27 28.59 30.64
CA ILE B 300 1.83 27.29 30.98
C ILE B 300 3.33 27.45 31.21
N SER B 301 3.86 26.75 32.20
CA SER B 301 5.27 26.86 32.53
C SER B 301 6.09 25.93 31.63
N PRO B 302 7.38 26.26 31.43
CA PRO B 302 8.22 25.37 30.64
C PRO B 302 8.16 23.91 31.11
N GLU B 303 8.06 23.73 32.43
CA GLU B 303 8.02 22.39 33.05
C GLU B 303 6.69 21.71 32.74
N GLU B 304 5.58 22.42 32.93
CA GLU B 304 4.26 21.92 32.55
C GLU B 304 4.20 21.55 31.04
N ALA B 305 4.82 22.39 30.20
CA ALA B 305 4.84 22.15 28.77
C ALA B 305 5.62 20.89 28.41
N GLU B 306 6.78 20.69 29.06
CA GLU B 306 7.55 19.47 28.82
C GLU B 306 6.72 18.24 29.15
N ARG B 307 6.06 18.27 30.30
CA ARG B 307 5.27 17.11 30.74
C ARG B 307 4.14 16.81 29.75
N GLU B 308 3.46 17.85 29.27
CA GLU B 308 2.36 17.67 28.31
C GLU B 308 2.85 17.13 26.96
N LEU B 309 4.01 17.59 26.54
CA LEU B 309 4.61 17.10 25.31
C LEU B 309 4.98 15.61 25.46
N ARG B 310 5.77 15.31 26.51
CA ARG B 310 6.17 13.94 26.85
C ARG B 310 4.97 12.99 26.90
N SER B 311 3.91 13.40 27.60
CA SER B 311 2.68 12.61 27.70
C SER B 311 2.10 12.26 26.35
N THR B 312 2.22 13.19 25.41
CA THR B 312 1.53 13.11 24.14
C THR B 312 2.27 12.25 23.13
N VAL B 313 3.60 12.36 23.09
CA VAL B 313 4.34 11.70 22.01
C VAL B 313 5.36 10.67 22.46
N ALA B 314 5.80 10.75 23.72
CA ALA B 314 6.76 9.78 24.23
C ALA B 314 6.64 9.51 25.74
N PRO B 315 5.51 8.91 26.17
CA PRO B 315 5.32 8.67 27.61
C PRO B 315 6.37 7.70 28.16
N GLY B 316 6.98 8.05 29.30
CA GLY B 316 7.98 7.21 29.94
C GLY B 316 9.36 7.21 29.32
N ARG B 317 9.55 7.96 28.24
CA ARG B 317 10.82 7.95 27.52
C ARG B 317 11.82 8.98 28.06
N ASP B 318 12.17 8.85 29.32
CA ASP B 318 13.07 9.83 29.94
C ASP B 318 14.53 9.70 29.49
N ASP B 319 14.83 8.68 28.70
CA ASP B 319 16.09 8.63 27.95
C ASP B 319 16.19 9.78 26.93
N LEU B 320 15.06 10.25 26.44
CA LEU B 320 15.04 11.32 25.44
C LEU B 320 15.13 12.72 26.06
N GLU B 321 16.13 13.45 25.63
CA GLU B 321 16.42 14.78 26.14
C GLU B 321 15.51 15.85 25.52
N ALA B 322 14.99 16.74 26.36
CA ALA B 322 14.15 17.83 25.91
C ALA B 322 15.00 19.08 25.62
N ASN B 323 14.69 19.75 24.51
CA ASN B 323 15.40 20.94 24.08
C ASN B 323 14.47 22.14 24.28
N HIS B 324 14.87 23.06 25.15
CA HIS B 324 14.07 24.24 25.48
C HIS B 324 14.67 25.49 24.83
N ILE B 325 13.80 26.31 24.23
CA ILE B 325 14.21 27.46 23.40
C ILE B 325 13.27 28.63 23.69
N GLN B 326 13.84 29.79 23.95
CA GLN B 326 13.07 31.03 23.95
C GLN B 326 13.08 31.63 22.56
N MET B 327 11.94 32.18 22.14
CA MET B 327 11.79 32.73 20.79
C MET B 327 11.64 34.25 20.81
N ARG B 328 12.37 34.96 19.95
CA ARG B 328 12.11 36.38 19.73
C ARG B 328 11.13 36.54 18.53
N ILE B 329 9.91 36.95 18.82
CA ILE B 329 8.82 36.97 17.83
C ILE B 329 8.53 38.38 17.36
N GLY B 330 8.70 38.61 16.07
CA GLY B 330 8.48 39.91 15.49
C GLY B 330 9.46 40.17 14.36
N ARG B 331 9.74 41.45 14.13
CA ARG B 331 10.66 41.83 13.08
C ARG B 331 11.34 43.16 13.38
N ASN B 332 12.55 43.29 12.89
CA ASN B 332 13.19 44.58 12.81
C ASN B 332 12.38 45.56 11.93
N GLU B 333 12.28 46.82 12.35
CA GLU B 333 11.68 47.86 11.50
C GLU B 333 12.35 47.84 10.13
N ARG B 334 13.69 47.81 10.15
CA ARG B 334 14.49 47.73 8.94
C ARG B 334 15.51 46.63 9.15
N THR B 335 15.58 45.70 8.20
CA THR B 335 16.59 44.64 8.26
C THR B 335 17.88 45.05 7.54
N TRP B 336 17.83 46.15 6.78
CA TRP B 336 19.02 46.68 6.13
C TRP B 336 19.30 48.10 6.63
N ILE B 337 20.38 48.24 7.41
CA ILE B 337 20.79 49.55 7.98
C ILE B 337 22.25 49.75 7.66
N ASN B 338 22.57 50.95 7.16
CA ASN B 338 23.90 51.27 6.66
C ASN B 338 24.37 50.20 5.70
N ASN B 339 25.52 49.58 5.98
CA ASN B 339 26.07 48.49 5.16
C ASN B 339 25.87 47.13 5.83
N CYS B 340 24.81 47.03 6.64
CA CYS B 340 24.48 45.76 7.25
C CYS B 340 23.06 45.28 6.89
N VAL B 341 22.96 44.04 6.45
CA VAL B 341 21.65 43.38 6.22
C VAL B 341 21.49 42.17 7.11
N ALA B 342 20.35 42.08 7.79
CA ALA B 342 20.06 40.94 8.66
C ALA B 342 19.31 39.91 7.85
N VAL B 343 19.69 38.64 7.96
CA VAL B 343 19.01 37.54 7.27
C VAL B 343 18.76 36.44 8.27
N GLY B 344 17.51 35.99 8.38
CA GLY B 344 17.18 34.92 9.31
C GLY B 344 16.59 35.47 10.60
N LEU B 345 16.79 34.74 11.69
CA LEU B 345 16.26 35.09 12.99
C LEU B 345 16.70 36.45 13.49
N SER B 346 17.87 36.92 13.04
CA SER B 346 18.33 38.28 13.36
C SER B 346 17.39 39.31 12.76
N ALA B 347 16.81 38.98 11.61
CA ALA B 347 15.92 39.89 10.91
C ALA B 347 14.51 39.86 11.49
N ALA B 348 13.97 38.65 11.64
CA ALA B 348 12.57 38.50 12.00
C ALA B 348 12.31 37.05 12.39
N PHE B 349 11.17 36.80 13.02
CA PHE B 349 10.74 35.41 13.24
C PHE B 349 9.32 35.40 13.74
N VAL B 350 8.55 34.43 13.25
CA VAL B 350 7.23 34.13 13.79
C VAL B 350 7.21 32.62 14.10
N GLU B 351 6.30 32.19 14.98
CA GLU B 351 6.22 30.78 15.34
C GLU B 351 6.07 29.92 14.07
N PRO B 352 6.61 28.68 14.09
CA PRO B 352 6.68 27.87 12.85
C PRO B 352 5.36 27.22 12.43
N LEU B 353 4.25 27.87 12.76
CA LEU B 353 2.93 27.32 12.46
C LEU B 353 2.71 27.09 10.96
N GLU B 354 3.37 27.87 10.11
CA GLU B 354 3.29 27.66 8.69
C GLU B 354 4.66 27.51 8.02
N SER B 355 5.68 27.06 8.78
CA SER B 355 7.01 26.81 8.24
C SER B 355 7.58 27.96 7.38
N THR B 356 7.78 29.12 7.99
CA THR B 356 8.24 30.28 7.24
C THR B 356 9.70 30.72 7.44
N GLY B 357 10.40 30.20 8.45
CA GLY B 357 11.78 30.60 8.75
C GLY B 357 12.74 30.55 7.55
N ILE B 358 12.81 29.41 6.89
CA ILE B 358 13.71 29.25 5.76
C ILE B 358 13.18 30.02 4.55
N PHE B 359 11.84 30.10 4.46
CA PHE B 359 11.23 30.96 3.43
C PHE B 359 11.67 32.43 3.60
N PHE B 360 11.59 32.98 4.82
CA PHE B 360 12.17 34.32 5.08
C PHE B 360 13.65 34.43 4.68
N ILE B 361 14.44 33.39 4.94
CA ILE B 361 15.86 33.46 4.64
C ILE B 361 16.06 33.54 3.14
N GLN B 362 15.47 32.59 2.42
CA GLN B 362 15.52 32.56 0.95
C GLN B 362 15.03 33.85 0.30
N HIS B 363 13.90 34.36 0.76
CA HIS B 363 13.38 35.54 0.11
C HIS B 363 14.27 36.76 0.41
N ALA B 364 14.77 36.84 1.64
CA ALA B 364 15.66 37.93 1.99
C ALA B 364 16.93 37.87 1.14
N ILE B 365 17.37 36.67 0.79
CA ILE B 365 18.60 36.49 0.01
C ILE B 365 18.40 36.75 -1.47
N GLU B 366 17.30 36.20 -2.02
CA GLU B 366 16.90 36.46 -3.41
C GLU B 366 16.78 37.96 -3.65
N GLN B 367 16.15 38.65 -2.71
CA GLN B 367 15.94 40.07 -2.84
C GLN B 367 17.20 40.87 -2.57
N LEU B 368 18.14 40.29 -1.79
CA LEU B 368 19.43 40.94 -1.56
C LEU B 368 20.16 40.98 -2.88
N VAL B 369 20.14 39.86 -3.61
CA VAL B 369 20.78 39.84 -4.91
C VAL B 369 20.12 40.87 -5.84
N LYS B 370 18.79 40.97 -5.84
CA LYS B 370 18.10 41.97 -6.65
C LYS B 370 18.43 43.41 -6.25
N HIS B 371 18.58 43.61 -4.95
CA HIS B 371 18.87 44.94 -4.43
C HIS B 371 20.33 45.07 -4.05
N PHE B 372 21.20 44.28 -4.68
CA PHE B 372 22.62 44.32 -4.32
C PHE B 372 23.13 45.72 -4.50
N PRO B 373 23.91 46.23 -3.52
CA PRO B 373 24.41 47.60 -3.61
C PRO B 373 25.58 47.76 -4.55
N GLY B 374 25.66 48.92 -5.21
CA GLY B 374 26.86 49.32 -5.94
C GLY B 374 27.57 50.25 -4.99
N GLU B 375 28.63 50.91 -5.42
CA GLU B 375 29.38 51.74 -4.50
C GLU B 375 28.66 53.01 -3.98
N ARG B 376 27.60 53.45 -4.65
CA ARG B 376 26.85 54.63 -4.17
C ARG B 376 25.90 54.35 -3.02
N TRP B 377 25.72 53.06 -2.73
CA TRP B 377 24.74 52.61 -1.74
C TRP B 377 23.46 53.42 -1.88
N ASP B 378 22.70 53.11 -2.91
CA ASP B 378 21.53 53.87 -3.22
C ASP B 378 20.44 53.67 -2.12
N PRO B 379 20.17 54.74 -1.34
CA PRO B 379 19.21 54.63 -0.22
C PRO B 379 17.81 54.31 -0.71
N VAL B 380 17.48 54.70 -1.94
CA VAL B 380 16.12 54.45 -2.45
C VAL B 380 15.97 52.95 -2.70
N LEU B 381 17.04 52.33 -3.17
CA LEU B 381 17.05 50.88 -3.40
C LEU B 381 17.02 50.09 -2.09
N ILE B 382 17.76 50.58 -1.09
CA ILE B 382 17.72 49.98 0.23
C ILE B 382 16.32 50.08 0.84
N SER B 383 15.71 51.24 0.72
CA SER B 383 14.40 51.46 1.27
C SER B 383 13.36 50.52 0.58
N ALA B 384 13.55 50.23 -0.70
CA ALA B 384 12.66 49.30 -1.38
C ALA B 384 12.83 47.90 -0.83
N TYR B 385 14.08 47.55 -0.54
CA TYR B 385 14.39 46.24 0.09
C TYR B 385 13.69 46.15 1.47
N ASN B 386 13.80 47.18 2.28
CA ASN B 386 13.21 47.16 3.60
C ASN B 386 11.68 47.04 3.58
N GLU B 387 11.03 47.77 2.69
CA GLU B 387 9.58 47.61 2.51
C GLU B 387 9.21 46.18 2.16
N ARG B 388 9.92 45.58 1.20
CA ARG B 388 9.62 44.20 0.82
C ARG B 388 9.78 43.25 2.01
N MET B 389 10.86 43.41 2.80
CA MET B 389 11.03 42.55 3.97
C MET B 389 9.94 42.77 5.02
N ALA B 390 9.50 44.00 5.21
CA ALA B 390 8.46 44.28 6.19
C ALA B 390 7.15 43.65 5.79
N HIS B 391 6.81 43.76 4.49
CA HIS B 391 5.55 43.18 3.98
C HIS B 391 5.58 41.67 4.06
N MET B 392 6.72 41.08 3.77
CA MET B 392 6.82 39.61 3.74
C MET B 392 6.40 39.04 5.12
N VAL B 393 6.92 39.62 6.19
CA VAL B 393 6.65 39.17 7.52
C VAL B 393 5.28 39.63 8.01
N ASP B 394 4.89 40.90 7.72
CA ASP B 394 3.58 41.36 8.18
C ASP B 394 2.43 40.58 7.55
N GLY B 395 2.61 40.10 6.33
CA GLY B 395 1.60 39.29 5.68
C GLY B 395 1.42 37.95 6.40
N VAL B 396 2.54 37.30 6.75
CA VAL B 396 2.50 36.03 7.39
C VAL B 396 1.94 36.23 8.79
N LYS B 397 2.29 37.34 9.44
CA LYS B 397 1.82 37.59 10.79
C LYS B 397 0.30 37.58 10.77
N GLU B 398 -0.24 38.26 9.79
CA GLU B 398 -1.67 38.43 9.70
C GLU B 398 -2.35 37.10 9.41
N PHE B 399 -1.81 36.36 8.43
CA PHE B 399 -2.21 34.98 8.16
C PHE B 399 -2.19 34.12 9.43
N LEU B 400 -1.13 34.19 10.24
CA LEU B 400 -1.04 33.39 11.49
C LEU B 400 -2.13 33.74 12.47
N VAL B 401 -2.44 35.01 12.59
CA VAL B 401 -3.46 35.45 13.55
C VAL B 401 -4.77 34.84 13.14
N LEU B 402 -4.97 34.77 11.83
CA LEU B 402 -6.16 34.15 11.25
C LEU B 402 -6.34 32.70 11.74
N HIS B 403 -5.24 31.96 11.88
CA HIS B 403 -5.29 30.60 12.39
C HIS B 403 -5.93 30.58 13.78
N TYR B 404 -5.44 31.45 14.68
CA TYR B 404 -5.95 31.52 16.05
C TYR B 404 -7.39 32.02 16.08
N LYS B 405 -7.74 32.93 15.17
CA LYS B 405 -9.11 33.43 15.12
C LYS B 405 -10.09 32.41 14.52
N GLY B 406 -9.59 31.53 13.66
CA GLY B 406 -10.41 30.49 13.08
C GLY B 406 -10.62 29.30 14.01
N ALA B 407 -9.67 29.07 14.91
CA ALA B 407 -9.77 27.96 15.84
C ALA B 407 -11.07 28.10 16.62
N GLN B 408 -11.89 27.06 16.60
CA GLN B 408 -13.17 27.12 17.33
C GLN B 408 -13.14 26.66 18.78
N ARG B 409 -12.11 25.91 19.17
CA ARG B 409 -12.01 25.41 20.53
C ARG B 409 -11.87 26.55 21.54
N GLU B 410 -12.52 26.39 22.69
CA GLU B 410 -12.53 27.40 23.75
C GLU B 410 -12.42 26.77 25.13
N ASP B 411 -11.60 25.73 25.24
CA ASP B 411 -11.64 24.83 26.40
C ASP B 411 -10.63 25.11 27.47
N THR B 412 -9.66 25.98 27.22
CA THR B 412 -8.67 26.33 28.23
C THR B 412 -8.57 27.86 28.26
N PRO B 413 -7.98 28.43 29.32
CA PRO B 413 -7.83 29.89 29.31
C PRO B 413 -7.07 30.40 28.05
N TYR B 414 -6.13 29.60 27.56
CA TYR B 414 -5.37 29.97 26.38
C TYR B 414 -6.31 30.20 25.21
N TRP B 415 -7.18 29.22 24.95
CA TRP B 415 -8.05 29.28 23.78
C TRP B 415 -9.14 30.33 23.91
N LYS B 416 -9.54 30.60 25.13
CA LYS B 416 -10.49 31.66 25.40
C LYS B 416 -9.86 33.02 25.11
N ALA B 417 -8.60 33.15 25.50
CA ALA B 417 -7.88 34.40 25.31
C ALA B 417 -7.60 34.64 23.83
N ALA B 418 -7.32 33.56 23.09
CA ALA B 418 -7.04 33.65 21.66
C ALA B 418 -8.25 34.22 20.93
N LYS B 419 -9.44 33.91 21.44
CA LYS B 419 -10.67 34.36 20.82
C LYS B 419 -10.91 35.86 20.92
N THR B 420 -10.42 36.50 21.97
CA THR B 420 -10.70 37.91 22.20
C THR B 420 -9.50 38.83 21.96
N ARG B 421 -8.33 38.23 21.73
CA ARG B 421 -7.08 38.98 21.61
C ARG B 421 -7.14 39.93 20.42
N ALA B 422 -6.52 41.10 20.59
CA ALA B 422 -6.40 42.11 19.53
C ALA B 422 -5.85 41.50 18.23
N MET B 423 -6.22 42.11 17.10
CA MET B 423 -5.79 41.67 15.77
C MET B 423 -4.97 42.76 15.06
N PRO B 424 -4.09 42.38 14.12
CA PRO B 424 -3.50 43.40 13.23
C PRO B 424 -4.60 44.13 12.46
N ASP B 425 -4.34 45.41 12.16
CA ASP B 425 -5.16 46.19 11.21
C ASP B 425 -5.37 45.42 9.93
N GLY B 426 -6.61 45.40 9.45
CA GLY B 426 -6.92 44.74 8.20
C GLY B 426 -7.53 43.37 8.38
N LEU B 427 -7.22 42.67 9.47
CA LEU B 427 -7.75 41.33 9.67
C LEU B 427 -9.26 41.37 9.92
N ALA B 428 -9.73 42.36 10.69
CA ALA B 428 -11.16 42.39 11.01
C ALA B 428 -11.96 42.39 9.73
N ARG B 429 -11.54 43.21 8.78
CA ARG B 429 -12.20 43.33 7.48
C ARG B 429 -12.19 42.00 6.72
N LYS B 430 -11.05 41.30 6.72
CA LYS B 430 -10.96 39.98 6.06
C LYS B 430 -11.91 38.96 6.72
N LEU B 431 -12.04 39.00 8.05
CA LEU B 431 -12.98 38.09 8.72
C LEU B 431 -14.43 38.44 8.38
N GLU B 432 -14.77 39.74 8.34
CA GLU B 432 -16.11 40.11 7.90
C GLU B 432 -16.40 39.61 6.49
N LEU B 433 -15.45 39.75 5.57
CA LEU B 433 -15.72 39.33 4.20
C LEU B 433 -15.99 37.84 4.23
N SER B 434 -15.20 37.11 5.02
CA SER B 434 -15.18 35.65 5.01
C SER B 434 -16.50 35.04 5.52
N ALA B 435 -17.26 35.82 6.28
CA ALA B 435 -18.54 35.34 6.81
C ALA B 435 -19.63 35.47 5.73
N SER B 436 -19.32 36.27 4.71
CA SER B 436 -20.22 36.50 3.60
C SER B 436 -19.78 35.77 2.33
N HIS B 437 -18.48 35.75 2.03
CA HIS B 437 -18.00 35.01 0.82
C HIS B 437 -16.51 34.76 0.94
N LEU B 438 -15.93 33.92 0.07
CA LEU B 438 -14.51 33.59 0.14
C LEU B 438 -13.61 34.79 -0.18
N LEU B 439 -12.52 34.94 0.59
CA LEU B 439 -11.44 35.82 0.23
C LEU B 439 -10.93 35.47 -1.16
N ASP B 440 -10.30 36.44 -1.83
CA ASP B 440 -9.65 36.20 -3.11
C ASP B 440 -8.43 37.08 -3.25
N GLU B 441 -7.79 37.02 -4.43
CA GLU B 441 -6.56 37.76 -4.69
C GLU B 441 -6.65 39.24 -4.33
N GLN B 442 -7.84 39.81 -4.43
CA GLN B 442 -8.00 41.21 -4.15
C GLN B 442 -8.23 41.50 -2.69
N THR B 443 -8.61 40.50 -1.91
CA THR B 443 -8.96 40.76 -0.52
C THR B 443 -8.04 40.12 0.53
N ILE B 444 -7.10 39.28 0.08
CA ILE B 444 -6.09 38.77 1.02
C ILE B 444 -5.04 39.89 1.26
N TYR B 445 -3.96 39.59 1.98
CA TYR B 445 -2.89 40.57 2.15
C TYR B 445 -2.27 40.85 0.77
N PRO B 446 -2.17 42.12 0.39
CA PRO B 446 -1.89 42.40 -1.03
C PRO B 446 -0.42 42.33 -1.45
N TYR B 447 0.52 42.38 -0.50
CA TYR B 447 1.93 42.33 -0.85
C TYR B 447 2.49 40.93 -0.70
N TYR B 448 3.62 40.67 -1.35
CA TYR B 448 4.13 39.31 -1.38
C TYR B 448 4.49 38.85 0.02
N HIS B 449 3.94 37.71 0.42
CA HIS B 449 4.20 37.11 1.71
C HIS B 449 4.24 35.58 1.60
N GLY B 450 4.60 35.07 0.43
CA GLY B 450 4.70 33.64 0.21
C GLY B 450 3.37 32.99 -0.12
N PHE B 451 2.38 33.18 0.73
CA PHE B 451 1.09 32.51 0.54
C PHE B 451 0.17 33.12 -0.51
N GLU B 452 -0.55 32.25 -1.23
CA GLU B 452 -1.53 32.61 -2.24
C GLU B 452 -2.94 32.50 -1.70
N THR B 453 -3.92 32.91 -2.51
CA THR B 453 -5.32 32.86 -2.12
C THR B 453 -5.78 31.51 -1.58
N TYR B 454 -5.38 30.40 -2.20
CA TYR B 454 -5.92 29.10 -1.79
C TYR B 454 -5.54 28.80 -0.32
N SER B 455 -4.36 29.26 0.11
CA SER B 455 -3.91 29.08 1.48
C SER B 455 -4.80 29.79 2.48
N TRP B 456 -5.18 31.03 2.18
CA TRP B 456 -6.06 31.77 3.05
C TRP B 456 -7.42 31.10 3.12
N ILE B 457 -7.93 30.68 1.96
CA ILE B 457 -9.24 30.04 1.83
C ILE B 457 -9.27 28.72 2.59
N THR B 458 -8.26 27.90 2.34
CA THR B 458 -8.14 26.57 2.91
C THR B 458 -8.14 26.62 4.43
N MET B 459 -7.36 27.56 4.99
CA MET B 459 -7.33 27.73 6.46
C MET B 459 -8.69 28.14 7.00
N ASN B 460 -9.33 29.11 6.36
CA ASN B 460 -10.68 29.50 6.77
C ASN B 460 -11.69 28.33 6.75
N LEU B 461 -11.74 27.61 5.63
CA LEU B 461 -12.71 26.50 5.48
C LEU B 461 -12.41 25.33 6.43
N GLY B 462 -11.13 25.02 6.59
CA GLY B 462 -10.71 23.96 7.49
C GLY B 462 -11.00 24.27 8.93
N LEU B 463 -10.79 25.53 9.34
CA LEU B 463 -10.95 25.90 10.73
C LEU B 463 -12.40 26.14 11.06
N GLY B 464 -13.20 26.51 10.07
CA GLY B 464 -14.62 26.74 10.31
C GLY B 464 -15.12 28.15 10.03
N ILE B 465 -14.33 28.97 9.34
CA ILE B 465 -14.80 30.31 8.98
C ILE B 465 -15.31 30.20 7.55
N VAL B 466 -16.61 29.96 7.48
CA VAL B 466 -17.29 29.50 6.30
C VAL B 466 -18.33 30.55 5.88
N PRO B 467 -18.48 30.80 4.56
CA PRO B 467 -19.55 31.75 4.22
C PRO B 467 -20.91 31.24 4.69
N GLU B 468 -21.77 32.17 5.08
CA GLU B 468 -23.09 31.83 5.54
C GLU B 468 -23.87 31.02 4.50
N ARG B 469 -23.78 31.46 3.24
CA ARG B 469 -24.39 30.74 2.10
C ARG B 469 -23.43 30.63 0.92
N PRO B 470 -23.73 29.72 -0.04
CA PRO B 470 -22.92 29.64 -1.26
C PRO B 470 -23.04 30.95 -2.06
N ARG B 471 -22.12 31.15 -3.00
CA ARG B 471 -22.20 32.31 -3.85
C ARG B 471 -23.44 32.29 -4.75
N PRO B 472 -24.27 33.33 -4.62
CA PRO B 472 -25.58 33.31 -5.28
C PRO B 472 -25.51 33.08 -6.80
N ALA B 473 -24.45 33.57 -7.46
CA ALA B 473 -24.29 33.35 -8.90
C ALA B 473 -24.43 31.87 -9.24
N LEU B 474 -23.92 31.01 -8.35
CA LEU B 474 -23.80 29.57 -8.66
C LEU B 474 -25.15 28.91 -8.83
N LEU B 475 -26.17 29.41 -8.13
CA LEU B 475 -27.53 28.87 -8.28
C LEU B 475 -28.11 29.13 -9.67
N HIS B 476 -27.59 30.14 -10.38
CA HIS B 476 -28.01 30.43 -11.73
C HIS B 476 -27.22 29.65 -12.79
N MET B 477 -26.39 28.70 -12.36
CA MET B 477 -25.46 28.06 -13.29
C MET B 477 -25.64 26.55 -13.32
N ASP B 478 -25.20 25.94 -14.42
CA ASP B 478 -25.23 24.49 -14.57
C ASP B 478 -24.16 23.87 -13.65
N PRO B 479 -24.58 23.06 -12.66
CA PRO B 479 -23.61 22.42 -11.76
C PRO B 479 -22.87 21.23 -12.34
N ALA B 480 -23.26 20.74 -13.52
CA ALA B 480 -22.73 19.47 -14.03
C ALA B 480 -21.21 19.47 -14.19
N PRO B 481 -20.62 20.52 -14.83
CA PRO B 481 -19.17 20.50 -14.98
C PRO B 481 -18.38 20.40 -13.66
N ALA B 482 -18.86 21.11 -12.63
CA ALA B 482 -18.22 21.07 -11.31
C ALA B 482 -18.32 19.69 -10.70
N LEU B 483 -19.53 19.12 -10.77
CA LEU B 483 -19.74 17.75 -10.31
C LEU B 483 -18.84 16.74 -11.01
N ALA B 484 -18.64 16.91 -12.31
CA ALA B 484 -17.73 16.07 -13.07
C ALA B 484 -16.30 16.26 -12.56
N GLU B 485 -15.93 17.51 -12.24
CA GLU B 485 -14.58 17.80 -11.77
C GLU B 485 -14.31 17.14 -10.38
N PHE B 486 -15.28 17.22 -9.49
CA PHE B 486 -15.18 16.55 -8.22
C PHE B 486 -14.95 15.03 -8.37
N GLU B 487 -15.63 14.43 -9.35
CA GLU B 487 -15.49 13.02 -9.67
C GLU B 487 -14.13 12.74 -10.25
N ARG B 488 -13.64 13.59 -11.16
CA ARG B 488 -12.29 13.44 -11.68
C ARG B 488 -11.27 13.39 -10.52
N LEU B 489 -11.43 14.30 -9.57
CA LEU B 489 -10.49 14.44 -8.47
C LEU B 489 -10.47 13.19 -7.59
N ARG B 490 -11.65 12.65 -7.31
CA ARG B 490 -11.75 11.42 -6.56
C ARG B 490 -11.12 10.24 -7.32
N ARG B 491 -11.41 10.16 -8.61
CA ARG B 491 -10.87 9.14 -9.49
C ARG B 491 -9.34 9.23 -9.57
N GLU B 492 -8.82 10.41 -9.93
CA GLU B 492 -7.39 10.63 -10.07
C GLU B 492 -6.66 10.35 -8.75
N GLY B 493 -7.28 10.71 -7.64
CA GLY B 493 -6.78 10.34 -6.32
C GLY B 493 -6.62 8.82 -6.09
N ASP B 494 -7.71 8.08 -6.34
CA ASP B 494 -7.68 6.62 -6.27
C ASP B 494 -6.49 6.10 -7.07
N GLU B 495 -6.33 6.57 -8.31
CA GLU B 495 -5.32 6.03 -9.22
C GLU B 495 -3.89 6.33 -8.76
N LEU B 496 -3.70 7.51 -8.22
CA LEU B 496 -2.39 7.93 -7.77
C LEU B 496 -1.91 7.13 -6.56
N ILE B 497 -2.80 6.86 -5.58
CA ILE B 497 -2.39 6.09 -4.41
C ILE B 497 -2.09 4.63 -4.74
N ALA B 498 -2.69 4.12 -5.81
CA ALA B 498 -2.42 2.76 -6.27
C ALA B 498 -1.09 2.68 -7.00
N ALA B 499 -0.67 3.77 -7.62
CA ALA B 499 0.53 3.77 -8.46
C ALA B 499 1.81 4.22 -7.75
N LEU B 500 1.66 5.08 -6.74
CA LEU B 500 2.80 5.69 -6.07
C LEU B 500 3.36 4.82 -4.93
N PRO B 501 4.68 4.85 -4.75
CA PRO B 501 5.32 4.22 -3.58
C PRO B 501 5.07 5.04 -2.31
N SER B 502 5.35 4.46 -1.17
CA SER B 502 5.18 5.18 0.08
C SER B 502 6.24 6.26 0.19
N CYS B 503 6.02 7.19 1.10
CA CYS B 503 7.00 8.23 1.38
C CYS B 503 8.38 7.61 1.70
N TYR B 504 8.42 6.70 2.67
CA TYR B 504 9.64 5.96 2.99
C TYR B 504 10.21 5.12 1.83
N GLU B 505 9.36 4.37 1.13
CA GLU B 505 9.84 3.57 0.01
C GLU B 505 10.68 4.40 -0.94
N TYR B 506 10.14 5.53 -1.39
CA TYR B 506 10.86 6.35 -2.36
C TYR B 506 12.15 6.88 -1.78
N LEU B 507 12.11 7.37 -0.54
CA LEU B 507 13.31 7.91 0.10
C LEU B 507 14.38 6.85 0.27
N ALA B 508 13.98 5.65 0.69
CA ALA B 508 14.93 4.55 0.83
C ALA B 508 15.66 4.30 -0.49
N SER B 509 14.93 4.40 -1.60
CA SER B 509 15.45 4.03 -2.92
C SER B 509 16.46 5.03 -3.46
N ILE B 510 16.58 6.19 -2.80
CA ILE B 510 17.53 7.21 -3.25
C ILE B 510 18.66 7.48 -2.26
N GLN B 511 18.64 6.80 -1.12
CA GLN B 511 19.66 6.98 -0.08
C GLN B 511 21.04 6.65 -0.64
N MET C 1 -33.24 33.68 -4.46
CA MET C 1 -32.93 33.98 -5.89
C MET C 1 -33.67 35.22 -6.49
N ILE C 2 -32.92 36.14 -7.10
CA ILE C 2 -33.56 37.23 -7.89
C ILE C 2 -33.73 36.79 -9.36
N ARG C 3 -34.72 37.31 -10.06
CA ARG C 3 -35.11 36.74 -11.35
C ARG C 3 -34.84 37.66 -12.55
N SER C 4 -34.99 38.97 -12.35
CA SER C 4 -35.08 39.86 -13.47
C SER C 4 -34.17 41.09 -13.41
N VAL C 5 -33.53 41.35 -14.55
CA VAL C 5 -32.64 42.44 -14.72
C VAL C 5 -33.23 43.40 -15.76
N VAL C 6 -33.17 44.69 -15.46
CA VAL C 6 -33.54 45.69 -16.42
C VAL C 6 -32.32 46.54 -16.72
N ILE C 7 -31.88 46.49 -17.97
CA ILE C 7 -30.78 47.33 -18.42
C ILE C 7 -31.35 48.58 -19.12
N VAL C 8 -30.90 49.75 -18.68
CA VAL C 8 -31.27 50.98 -19.34
C VAL C 8 -30.07 51.53 -20.10
N GLY C 9 -30.20 51.59 -21.42
CA GLY C 9 -29.11 52.01 -22.29
C GLY C 9 -28.69 50.90 -23.23
N GLY C 10 -28.47 51.25 -24.51
CA GLY C 10 -28.13 50.28 -25.53
C GLY C 10 -26.88 50.67 -26.28
N GLY C 11 -25.89 51.20 -25.59
CA GLY C 11 -24.55 51.37 -26.19
C GLY C 11 -23.78 50.08 -26.04
N THR C 12 -22.47 50.15 -26.15
CA THR C 12 -21.63 48.97 -25.87
C THR C 12 -21.83 48.40 -24.42
N ALA C 13 -22.00 49.31 -23.45
CA ALA C 13 -22.17 48.91 -22.07
C ALA C 13 -23.41 48.04 -21.94
N GLY C 14 -24.56 48.55 -22.38
CA GLY C 14 -25.84 47.83 -22.29
C GLY C 14 -25.80 46.48 -23.00
N TRP C 15 -25.29 46.42 -24.24
CA TRP C 15 -25.30 45.15 -24.97
C TRP C 15 -24.30 44.10 -24.49
N MET C 16 -23.12 44.54 -24.06
CA MET C 16 -22.18 43.64 -23.38
C MET C 16 -22.79 43.04 -22.12
N THR C 17 -23.48 43.85 -21.33
CA THR C 17 -24.10 43.35 -20.10
C THR C 17 -25.21 42.32 -20.42
N ALA C 18 -26.11 42.69 -21.34
CA ALA C 18 -27.15 41.80 -21.78
C ALA C 18 -26.62 40.44 -22.27
N SER C 19 -25.64 40.48 -23.16
CA SER C 19 -25.06 39.28 -23.75
C SER C 19 -24.41 38.41 -22.70
N TYR C 20 -23.57 39.05 -21.87
CA TYR C 20 -22.81 38.32 -20.87
C TYR C 20 -23.76 37.66 -19.89
N LEU C 21 -24.78 38.39 -19.45
CA LEU C 21 -25.74 37.80 -18.48
C LEU C 21 -26.40 36.53 -19.01
N LYS C 22 -26.86 36.59 -20.26
CA LYS C 22 -27.41 35.42 -20.93
C LYS C 22 -26.39 34.32 -21.14
N ALA C 23 -25.15 34.66 -21.45
CA ALA C 23 -24.15 33.62 -21.61
C ALA C 23 -23.87 32.96 -20.25
N ALA C 24 -24.01 33.72 -19.16
CA ALA C 24 -23.64 33.21 -17.86
C ALA C 24 -24.75 32.35 -17.30
N PHE C 25 -25.98 32.84 -17.43
CA PHE C 25 -27.10 32.30 -16.68
C PHE C 25 -28.16 31.67 -17.57
N ASP C 26 -28.02 31.83 -18.88
CA ASP C 26 -28.99 31.37 -19.89
C ASP C 26 -30.45 31.66 -19.48
N ASP C 27 -31.27 30.63 -19.35
CA ASP C 27 -32.68 30.89 -19.04
C ASP C 27 -32.97 31.02 -17.53
N ARG C 28 -31.91 30.99 -16.73
CA ARG C 28 -32.06 31.21 -15.28
C ARG C 28 -31.99 32.70 -14.89
N ILE C 29 -32.14 33.58 -15.88
CA ILE C 29 -32.24 35.02 -15.66
C ILE C 29 -33.15 35.61 -16.75
N ASP C 30 -34.06 36.51 -16.38
CA ASP C 30 -34.79 37.31 -17.37
C ASP C 30 -34.18 38.72 -17.47
N VAL C 31 -33.96 39.15 -18.71
CA VAL C 31 -33.27 40.38 -19.02
C VAL C 31 -34.08 41.18 -20.02
N THR C 32 -34.33 42.43 -19.68
CA THR C 32 -34.93 43.42 -20.56
C THR C 32 -33.96 44.60 -20.72
N LEU C 33 -33.74 45.02 -21.96
CA LEU C 33 -32.96 46.21 -22.27
C LEU C 33 -33.83 47.28 -22.91
N VAL C 34 -33.79 48.47 -22.32
CA VAL C 34 -34.50 49.65 -22.79
C VAL C 34 -33.52 50.70 -23.27
N GLU C 35 -33.67 51.13 -24.51
CA GLU C 35 -32.78 52.15 -25.07
C GLU C 35 -33.60 53.16 -25.84
N SER C 36 -33.15 54.39 -25.78
CA SER C 36 -33.73 55.49 -26.55
C SER C 36 -33.52 55.36 -28.06
N GLY C 37 -34.57 55.68 -28.82
CA GLY C 37 -34.48 55.72 -30.28
C GLY C 37 -33.86 57.00 -30.81
N ASN C 38 -33.68 58.01 -29.96
CA ASN C 38 -33.16 59.29 -30.41
C ASN C 38 -31.93 59.86 -29.70
N VAL C 39 -31.61 59.38 -28.50
CA VAL C 39 -30.30 59.68 -27.89
C VAL C 39 -29.26 58.67 -28.39
N ARG C 40 -28.28 59.18 -29.15
CA ARG C 40 -27.29 58.32 -29.82
C ARG C 40 -26.24 57.82 -28.84
N ARG C 41 -25.85 56.55 -29.01
CA ARG C 41 -24.70 55.98 -28.33
C ARG C 41 -23.41 56.54 -28.95
N ILE C 42 -22.34 56.51 -28.17
CA ILE C 42 -21.01 56.88 -28.64
C ILE C 42 -20.60 55.88 -29.72
N GLY C 43 -20.25 56.39 -30.91
CA GLY C 43 -20.11 55.55 -32.11
C GLY C 43 -18.78 55.52 -32.84
N VAL C 44 -17.74 56.11 -32.24
CA VAL C 44 -16.42 56.16 -32.88
C VAL C 44 -15.77 54.77 -33.11
N GLY C 45 -14.66 54.74 -33.85
CA GLY C 45 -13.75 53.58 -33.83
C GLY C 45 -13.10 53.51 -32.45
N GLN C 46 -12.91 52.30 -31.92
CA GLN C 46 -12.37 52.10 -30.60
C GLN C 46 -11.30 51.03 -30.52
N ALA C 47 -10.33 51.24 -29.62
CA ALA C 47 -9.29 50.27 -29.33
C ALA C 47 -9.63 49.51 -28.04
N THR C 48 -9.08 48.32 -27.89
CA THR C 48 -9.40 47.52 -26.73
C THR C 48 -8.14 47.08 -25.97
N PHE C 49 -8.32 46.45 -24.81
CA PHE C 49 -7.24 45.99 -23.96
C PHE C 49 -7.17 44.46 -24.03
N SER C 50 -6.11 43.86 -23.51
CA SER C 50 -5.81 42.44 -23.76
C SER C 50 -6.82 41.46 -23.20
N THR C 51 -7.60 41.89 -22.20
CA THR C 51 -8.60 41.00 -21.61
C THR C 51 -9.81 40.75 -22.52
N VAL C 52 -9.98 41.56 -23.57
CA VAL C 52 -11.20 41.52 -24.36
C VAL C 52 -11.48 40.16 -25.05
N ARG C 53 -10.42 39.42 -25.42
CA ARG C 53 -10.55 38.05 -25.95
C ARG C 53 -11.40 37.17 -25.02
N HIS C 54 -11.24 37.33 -23.71
CA HIS C 54 -11.97 36.50 -22.76
C HIS C 54 -13.45 36.78 -22.82
N PHE C 55 -13.82 38.02 -23.13
CA PHE C 55 -15.23 38.36 -23.22
C PHE C 55 -15.87 37.62 -24.42
N PHE C 56 -15.29 37.75 -25.61
CA PHE C 56 -15.76 36.99 -26.76
C PHE C 56 -15.70 35.47 -26.60
N ASP C 57 -14.62 34.94 -25.99
CA ASP C 57 -14.54 33.49 -25.76
C ASP C 57 -15.72 33.07 -24.88
N TYR C 58 -15.96 33.85 -23.84
CA TYR C 58 -17.03 33.54 -22.92
C TYR C 58 -18.41 33.47 -23.61
N LEU C 59 -18.63 34.37 -24.56
CA LEU C 59 -19.83 34.41 -25.36
C LEU C 59 -19.88 33.27 -26.39
N GLY C 60 -18.73 32.61 -26.59
CA GLY C 60 -18.61 31.49 -27.53
C GLY C 60 -18.37 31.93 -28.96
N LEU C 61 -17.76 33.10 -29.13
CA LEU C 61 -17.55 33.71 -30.43
C LEU C 61 -16.08 33.72 -30.84
N ASP C 62 -15.78 33.13 -31.99
CA ASP C 62 -14.45 33.16 -32.56
C ASP C 62 -14.22 34.49 -33.25
N GLU C 63 -12.97 34.97 -33.22
CA GLU C 63 -12.66 36.27 -33.85
C GLU C 63 -12.99 36.32 -35.35
N ARG C 64 -12.81 35.20 -36.06
CA ARG C 64 -13.14 35.10 -37.49
C ARG C 64 -14.61 35.39 -37.75
N GLU C 65 -15.43 35.18 -36.71
CA GLU C 65 -16.86 35.39 -36.80
C GLU C 65 -17.23 36.85 -36.52
N TRP C 66 -16.80 37.39 -35.38
CA TRP C 66 -17.27 38.71 -34.97
C TRP C 66 -16.49 39.88 -35.56
N LEU C 67 -15.18 39.72 -35.71
CA LEU C 67 -14.30 40.84 -36.09
C LEU C 67 -14.62 41.50 -37.45
N PRO C 68 -14.84 40.69 -38.52
CA PRO C 68 -15.23 41.25 -39.82
C PRO C 68 -16.56 42.00 -39.80
N ARG C 69 -17.50 41.55 -38.97
CA ARG C 69 -18.78 42.23 -38.87
C ARG C 69 -18.74 43.57 -38.10
N CYS C 70 -17.58 43.90 -37.54
CA CYS C 70 -17.42 45.15 -36.79
C CYS C 70 -16.32 46.04 -37.35
N ALA C 71 -16.06 45.91 -38.66
CA ALA C 71 -15.00 46.64 -39.34
C ALA C 71 -13.67 46.53 -38.58
N GLY C 72 -13.45 45.37 -37.99
CA GLY C 72 -12.36 45.15 -37.06
C GLY C 72 -10.93 45.17 -37.60
N GLY C 73 -10.01 45.60 -36.75
CA GLY C 73 -8.58 45.48 -36.99
C GLY C 73 -7.86 44.90 -35.79
N TYR C 74 -6.54 44.74 -35.91
CA TYR C 74 -5.76 44.20 -34.81
C TYR C 74 -5.00 45.27 -34.06
N LYS C 75 -4.90 45.09 -32.75
CA LYS C 75 -4.07 45.97 -31.92
C LYS C 75 -3.03 45.12 -31.23
N LEU C 76 -1.79 45.30 -31.63
CA LEU C 76 -0.66 44.62 -31.01
C LEU C 76 -0.07 45.46 -29.87
N GLY C 77 -0.50 46.72 -29.81
CA GLY C 77 0.05 47.64 -28.87
C GLY C 77 -0.33 49.04 -29.23
N ILE C 78 0.32 50.01 -28.57
CA ILE C 78 0.14 51.42 -28.83
C ILE C 78 1.49 52.03 -29.18
N ARG C 79 1.55 52.73 -30.31
CA ARG C 79 2.71 53.52 -30.64
C ARG C 79 2.56 54.92 -30.08
N PHE C 80 3.49 55.30 -29.20
CA PHE C 80 3.53 56.64 -28.60
C PHE C 80 4.51 57.55 -29.33
N GLU C 81 3.98 58.62 -29.91
CA GLU C 81 4.73 59.46 -30.83
C GLU C 81 4.78 60.90 -30.35
N ASN C 82 5.99 61.48 -30.32
CA ASN C 82 6.20 62.90 -30.01
C ASN C 82 5.94 63.31 -28.56
N TRP C 83 5.97 62.36 -27.63
CA TRP C 83 5.76 62.71 -26.23
C TRP C 83 6.99 63.35 -25.62
N SER C 84 8.16 62.99 -26.15
CA SER C 84 9.45 63.41 -25.58
C SER C 84 10.37 64.00 -26.66
N GLU C 85 11.24 63.19 -27.25
CA GLU C 85 12.00 63.66 -28.44
C GLU C 85 11.04 63.72 -29.63
N PRO C 86 11.02 64.86 -30.36
CA PRO C 86 10.22 64.98 -31.60
C PRO C 86 10.65 63.96 -32.66
N GLY C 87 9.68 63.49 -33.43
CA GLY C 87 9.92 62.46 -34.46
C GLY C 87 10.27 61.08 -33.91
N GLU C 88 10.63 61.04 -32.62
CA GLU C 88 10.87 59.77 -31.94
C GLU C 88 9.58 59.22 -31.37
N TYR C 89 9.57 57.92 -31.24
CA TYR C 89 8.41 57.22 -30.77
C TYR C 89 8.85 55.91 -30.16
N PHE C 90 7.90 55.19 -29.58
CA PHE C 90 8.16 53.86 -29.04
C PHE C 90 6.84 53.12 -28.96
N TYR C 91 6.92 51.80 -28.82
CA TYR C 91 5.73 50.99 -28.65
C TYR C 91 5.52 50.57 -27.21
N HIS C 92 4.25 50.54 -26.79
CA HIS C 92 3.80 49.85 -25.60
C HIS C 92 3.01 48.65 -26.10
N PRO C 93 3.64 47.49 -26.13
CA PRO C 93 3.06 46.31 -26.75
C PRO C 93 2.31 45.44 -25.76
N PHE C 94 1.47 44.55 -26.27
CA PHE C 94 0.87 43.53 -25.48
C PHE C 94 1.76 42.31 -25.55
N GLU C 95 2.76 42.26 -24.68
CA GLU C 95 3.81 41.23 -24.69
C GLU C 95 4.57 41.30 -23.36
N ARG C 96 4.72 40.15 -22.71
CA ARG C 96 5.44 40.08 -21.46
C ARG C 96 6.94 40.05 -21.73
N LEU C 97 7.70 40.61 -20.81
CA LEU C 97 9.14 40.59 -20.87
C LEU C 97 9.68 39.22 -20.52
N ARG C 98 10.69 38.77 -21.26
CA ARG C 98 11.34 37.52 -20.93
C ARG C 98 12.25 37.73 -19.71
N VAL C 99 12.52 36.63 -19.01
CA VAL C 99 13.33 36.69 -17.82
C VAL C 99 14.55 35.80 -18.01
N VAL C 100 15.73 36.37 -17.76
CA VAL C 100 16.99 35.64 -17.85
C VAL C 100 17.73 35.73 -16.54
N ASP C 101 17.97 34.57 -15.95
CA ASP C 101 18.65 34.45 -14.66
C ASP C 101 18.07 35.36 -13.58
N GLY C 102 16.75 35.39 -13.50
CA GLY C 102 16.05 36.13 -12.45
C GLY C 102 15.85 37.62 -12.69
N PHE C 103 16.34 38.14 -13.81
CA PHE C 103 16.06 39.54 -14.17
C PHE C 103 15.38 39.67 -15.51
N ASN C 104 14.42 40.60 -15.62
CA ASN C 104 13.71 40.77 -16.88
C ASN C 104 14.57 41.48 -17.93
N MET C 105 14.18 41.38 -19.20
CA MET C 105 15.03 41.90 -20.29
C MET C 105 15.22 43.42 -20.21
N ALA C 106 14.31 44.10 -19.52
CA ALA C 106 14.48 45.55 -19.35
C ALA C 106 15.68 45.83 -18.44
N GLU C 107 15.82 45.07 -17.38
CA GLU C 107 16.96 45.22 -16.50
C GLU C 107 18.24 44.93 -17.28
N TRP C 108 18.24 43.84 -18.05
CA TRP C 108 19.40 43.49 -18.86
C TRP C 108 19.70 44.57 -19.88
N TRP C 109 18.66 45.12 -20.49
CA TRP C 109 18.81 46.14 -21.51
C TRP C 109 19.56 47.33 -20.96
N LEU C 110 19.20 47.76 -19.76
CA LEU C 110 19.89 48.86 -19.11
C LEU C 110 21.36 48.56 -18.88
N ALA C 111 21.69 47.29 -18.65
CA ALA C 111 23.06 46.91 -18.32
C ALA C 111 23.91 46.65 -19.58
N VAL C 112 23.33 45.98 -20.57
CA VAL C 112 24.13 45.47 -21.71
C VAL C 112 23.53 45.75 -23.12
N GLY C 113 22.69 46.77 -23.25
CA GLY C 113 22.08 47.11 -24.56
C GLY C 113 22.91 48.03 -25.45
N THR C 117 19.82 51.14 -30.60
CA THR C 117 18.62 50.31 -30.41
C THR C 117 17.79 50.75 -29.20
N SER C 118 16.52 51.07 -29.45
CA SER C 118 15.59 51.46 -28.40
C SER C 118 15.20 50.26 -27.53
N PHE C 119 14.63 50.55 -26.36
CA PHE C 119 14.23 49.51 -25.44
C PHE C 119 13.18 48.55 -26.05
N SER C 120 12.11 49.09 -26.64
CA SER C 120 11.06 48.23 -27.17
C SER C 120 11.53 47.38 -28.35
N GLU C 121 12.41 47.95 -29.15
CA GLU C 121 12.98 47.23 -30.28
C GLU C 121 13.86 46.08 -29.83
N ALA C 122 14.66 46.31 -28.78
CA ALA C 122 15.48 45.23 -28.21
C ALA C 122 14.67 44.17 -27.48
N CYS C 123 13.64 44.59 -26.74
CA CYS C 123 12.98 43.66 -25.83
C CYS C 123 11.71 42.97 -26.30
N TYR C 124 11.08 43.48 -27.38
CA TYR C 124 9.82 42.89 -27.81
C TYR C 124 9.73 42.45 -29.27
N LEU C 125 9.28 41.23 -29.50
CA LEU C 125 8.93 40.80 -30.86
C LEU C 125 7.93 41.79 -31.48
N THR C 126 6.88 42.10 -30.74
CA THR C 126 5.79 42.93 -31.21
C THR C 126 6.28 44.21 -31.87
N HIS C 127 7.40 44.74 -31.41
CA HIS C 127 7.97 45.93 -32.04
C HIS C 127 8.19 45.74 -33.57
N ARG C 128 8.81 44.62 -33.94
CA ARG C 128 9.11 44.33 -35.33
C ARG C 128 7.85 44.06 -36.11
N LEU C 129 6.93 43.33 -35.49
CA LEU C 129 5.61 43.08 -36.10
C LEU C 129 4.89 44.37 -36.45
N CYS C 130 4.96 45.36 -35.58
CA CYS C 130 4.31 46.64 -35.81
C CYS C 130 4.98 47.39 -36.93
N GLU C 131 6.31 47.47 -36.88
CA GLU C 131 7.08 48.16 -37.90
C GLU C 131 6.84 47.58 -39.31
N ALA C 132 6.64 46.27 -39.39
CA ALA C 132 6.38 45.59 -40.64
C ALA C 132 4.88 45.46 -40.95
N LYS C 133 4.04 46.03 -40.08
CA LYS C 133 2.59 45.97 -40.26
C LYS C 133 2.03 44.55 -40.39
N ARG C 134 2.58 43.61 -39.62
CA ARG C 134 2.14 42.22 -39.69
C ARG C 134 0.84 41.96 -38.95
N ALA C 135 0.10 40.95 -39.42
CA ALA C 135 -0.99 40.38 -38.66
C ALA C 135 -0.42 39.44 -37.59
N PRO C 136 -1.15 39.22 -36.48
CA PRO C 136 -0.65 38.27 -35.49
C PRO C 136 -0.96 36.82 -35.86
N ARG C 137 -1.55 36.59 -37.02
CA ARG C 137 -1.89 35.22 -37.44
C ARG C 137 -1.35 34.89 -38.82
N MET C 138 -0.92 33.64 -39.00
CA MET C 138 -0.56 33.10 -40.30
C MET C 138 -1.84 32.94 -41.10
N LEU C 139 -1.71 32.90 -42.43
CA LEU C 139 -2.87 32.73 -43.29
C LEU C 139 -3.73 31.51 -42.99
N ASP C 140 -3.11 30.46 -42.44
CA ASP C 140 -3.87 29.27 -42.04
C ASP C 140 -4.66 29.46 -40.74
N GLY C 141 -4.54 30.65 -40.14
CA GLY C 141 -5.28 30.98 -38.92
C GLY C 141 -4.49 30.80 -37.63
N SER C 142 -3.33 30.16 -37.71
CA SER C 142 -2.55 29.88 -36.51
C SER C 142 -1.89 31.14 -35.94
N LEU C 143 -1.76 31.15 -34.61
CA LEU C 143 -1.14 32.23 -33.87
C LEU C 143 0.36 32.28 -34.11
N PHE C 144 0.93 33.49 -34.22
CA PHE C 144 2.36 33.62 -34.47
C PHE C 144 3.26 33.01 -33.38
N ALA C 145 2.77 33.01 -32.14
CA ALA C 145 3.47 32.42 -30.98
C ALA C 145 4.04 31.02 -31.24
N SER C 146 3.36 30.23 -32.06
CA SER C 146 3.86 28.91 -32.46
C SER C 146 4.71 28.98 -33.73
N GLU C 159 -2.76 30.38 -22.64
CA GLU C 159 -2.26 29.53 -23.71
C GLU C 159 -0.90 30.11 -24.19
N GLN C 160 -0.71 30.19 -25.50
CA GLN C 160 0.37 30.99 -26.09
C GLN C 160 -0.18 32.37 -26.37
N ARG C 161 -1.51 32.49 -26.26
CA ARG C 161 -2.23 33.75 -26.39
C ARG C 161 -1.98 34.72 -25.23
N ALA C 162 -1.66 34.18 -24.04
CA ALA C 162 -1.34 35.02 -22.87
C ALA C 162 0.04 35.68 -22.98
N GLN C 163 0.95 35.02 -23.70
CA GLN C 163 2.32 35.48 -23.85
C GLN C 163 2.42 36.69 -24.79
N PHE C 164 1.49 36.74 -25.77
CA PHE C 164 1.31 37.87 -26.70
C PHE C 164 -0.20 38.19 -26.78
N PRO C 165 -0.73 38.84 -25.74
CA PRO C 165 -2.17 39.01 -25.63
C PRO C 165 -2.70 40.24 -26.43
N TYR C 166 -2.65 40.14 -27.77
CA TYR C 166 -3.08 41.23 -28.64
C TYR C 166 -4.58 41.51 -28.51
N ALA C 167 -4.97 42.74 -28.81
CA ALA C 167 -6.38 43.13 -28.77
C ALA C 167 -6.86 43.59 -30.16
N TYR C 168 -7.92 44.41 -30.17
CA TYR C 168 -8.63 44.75 -31.39
C TYR C 168 -8.93 46.23 -31.51
N HIS C 169 -9.12 46.63 -32.77
CA HIS C 169 -9.77 47.88 -33.11
C HIS C 169 -11.11 47.52 -33.71
N PHE C 170 -12.15 48.27 -33.39
CA PHE C 170 -13.42 48.08 -34.07
C PHE C 170 -14.34 49.28 -34.04
N ASP C 171 -15.44 49.18 -34.77
CA ASP C 171 -16.48 50.19 -34.81
C ASP C 171 -17.46 49.98 -33.66
N ALA C 172 -17.64 51.00 -32.83
CA ALA C 172 -18.50 50.92 -31.63
C ALA C 172 -19.95 50.62 -31.98
N ASP C 173 -20.51 51.33 -32.95
CA ASP C 173 -21.86 51.03 -33.43
C ASP C 173 -22.01 49.59 -33.88
N GLU C 174 -21.07 49.11 -34.71
CA GLU C 174 -21.17 47.75 -35.23
C GLU C 174 -21.13 46.70 -34.15
N VAL C 175 -20.24 46.86 -33.16
CA VAL C 175 -20.17 45.88 -32.08
C VAL C 175 -21.46 45.86 -31.25
N ALA C 176 -22.00 47.03 -30.95
CA ALA C 176 -23.28 47.10 -30.26
C ALA C 176 -24.43 46.45 -31.07
N ARG C 177 -24.44 46.70 -32.37
CA ARG C 177 -25.43 46.10 -33.27
C ARG C 177 -25.31 44.57 -33.26
N TYR C 178 -24.08 44.09 -33.43
CA TYR C 178 -23.78 42.68 -33.34
C TYR C 178 -24.19 42.05 -31.99
N LEU C 179 -23.86 42.70 -30.87
CA LEU C 179 -24.21 42.13 -29.56
C LEU C 179 -25.71 42.13 -29.28
N SER C 180 -26.41 43.17 -29.74
CA SER C 180 -27.87 43.22 -29.56
C SER C 180 -28.54 42.03 -30.21
N GLU C 181 -27.97 41.62 -31.35
CA GLU C 181 -28.45 40.49 -32.08
C GLU C 181 -28.18 39.19 -31.30
N TYR C 182 -26.95 39.05 -30.80
CA TYR C 182 -26.56 37.92 -29.96
C TYR C 182 -27.50 37.78 -28.76
N ALA C 183 -27.78 38.90 -28.09
CA ALA C 183 -28.58 38.91 -26.87
C ALA C 183 -30.07 38.69 -27.13
N ILE C 184 -30.58 39.35 -28.14
CA ILE C 184 -31.98 39.17 -28.53
C ILE C 184 -32.20 37.73 -29.01
N ALA C 185 -31.22 37.15 -29.72
CA ALA C 185 -31.32 35.76 -30.15
C ALA C 185 -31.45 34.81 -28.94
N ARG C 186 -31.00 35.25 -27.78
CA ARG C 186 -30.99 34.43 -26.57
C ARG C 186 -32.05 34.83 -25.54
N GLY C 187 -33.04 35.61 -25.96
CA GLY C 187 -34.18 35.90 -25.11
C GLY C 187 -34.19 37.24 -24.37
N VAL C 188 -33.26 38.14 -24.69
CA VAL C 188 -33.35 39.46 -24.10
C VAL C 188 -34.52 40.24 -24.71
N ARG C 189 -35.45 40.70 -23.88
CA ARG C 189 -36.53 41.58 -24.33
C ARG C 189 -35.97 42.98 -24.68
N HIS C 190 -36.34 43.50 -25.83
CA HIS C 190 -35.79 44.75 -26.32
C HIS C 190 -36.89 45.78 -26.43
N VAL C 191 -36.70 46.93 -25.79
CA VAL C 191 -37.67 47.98 -25.81
C VAL C 191 -36.96 49.24 -26.27
N VAL C 192 -37.43 49.82 -27.36
CA VAL C 192 -36.89 51.07 -27.86
C VAL C 192 -37.86 52.16 -27.49
N ASP C 193 -37.44 53.02 -26.59
CA ASP C 193 -38.31 54.04 -25.95
C ASP C 193 -37.43 54.91 -25.06
N ASP C 194 -37.97 56.05 -24.63
CA ASP C 194 -37.25 56.91 -23.70
C ASP C 194 -37.75 56.68 -22.29
N VAL C 195 -36.80 56.58 -21.35
CA VAL C 195 -37.14 56.55 -19.94
C VAL C 195 -37.32 58.00 -19.50
N GLN C 196 -38.50 58.31 -18.99
CA GLN C 196 -38.85 59.69 -18.63
C GLN C 196 -38.73 59.95 -17.15
N HIS C 197 -39.03 58.93 -16.37
CA HIS C 197 -39.03 59.03 -14.93
C HIS C 197 -38.58 57.70 -14.37
N VAL C 198 -37.76 57.76 -13.32
CA VAL C 198 -37.33 56.58 -12.58
C VAL C 198 -38.08 56.52 -11.23
N GLY C 199 -38.89 55.47 -11.06
CA GLY C 199 -39.63 55.28 -9.80
C GLY C 199 -38.78 54.69 -8.69
N GLN C 200 -39.05 55.13 -7.47
CA GLN C 200 -38.39 54.63 -6.28
C GLN C 200 -39.43 54.13 -5.29
N ASP C 201 -39.12 53.08 -4.55
CA ASP C 201 -39.99 52.66 -3.49
C ASP C 201 -39.70 53.43 -2.24
N GLU C 202 -40.32 52.97 -1.16
CA GLU C 202 -40.27 53.65 0.12
C GLU C 202 -38.87 53.65 0.76
N ARG C 203 -37.95 52.89 0.21
CA ARG C 203 -36.59 52.83 0.77
C ARG C 203 -35.56 53.48 -0.10
N GLY C 204 -36.03 54.09 -1.19
CA GLY C 204 -35.16 54.72 -2.17
C GLY C 204 -34.63 53.73 -3.19
N TRP C 205 -35.13 52.50 -3.13
CA TRP C 205 -34.75 51.52 -4.14
C TRP C 205 -35.51 51.80 -5.43
N ILE C 206 -34.89 51.48 -6.56
CA ILE C 206 -35.56 51.66 -7.83
C ILE C 206 -36.64 50.61 -7.97
N SER C 207 -37.86 51.03 -8.29
CA SER C 207 -39.01 50.13 -8.43
C SER C 207 -39.30 49.84 -9.88
N GLY C 208 -38.96 50.79 -10.74
CA GLY C 208 -39.19 50.65 -12.17
C GLY C 208 -38.82 51.88 -12.96
N VAL C 209 -38.72 51.73 -14.27
CA VAL C 209 -38.50 52.87 -15.16
C VAL C 209 -39.76 53.17 -16.00
N HIS C 210 -40.18 54.43 -16.03
CA HIS C 210 -41.40 54.82 -16.76
C HIS C 210 -41.11 55.33 -18.16
N THR C 211 -41.58 54.59 -19.17
CA THR C 211 -41.30 54.96 -20.55
C THR C 211 -42.45 55.76 -21.18
N LYS C 212 -42.15 56.45 -22.28
CA LYS C 212 -43.16 57.21 -23.03
C LYS C 212 -44.32 56.36 -23.53
N GLN C 213 -44.03 55.18 -24.09
CA GLN C 213 -45.04 54.41 -24.83
C GLN C 213 -45.21 52.96 -24.37
N HIS C 214 -44.42 52.53 -23.40
CA HIS C 214 -44.46 51.12 -22.95
C HIS C 214 -44.75 50.98 -21.48
N GLY C 215 -45.26 52.04 -20.87
CA GLY C 215 -45.54 52.03 -19.42
C GLY C 215 -44.32 51.81 -18.54
N GLU C 216 -44.55 51.22 -17.37
CA GLU C 216 -43.49 50.99 -16.38
C GLU C 216 -42.83 49.67 -16.67
N ILE C 217 -41.51 49.66 -16.65
CA ILE C 217 -40.76 48.43 -16.74
C ILE C 217 -40.07 48.21 -15.39
N SER C 218 -40.29 47.03 -14.81
CA SER C 218 -39.77 46.70 -13.49
C SER C 218 -38.92 45.45 -13.52
N GLY C 219 -38.14 45.29 -12.46
CA GLY C 219 -37.28 44.12 -12.26
C GLY C 219 -36.61 44.22 -10.90
N ASP C 220 -35.82 43.19 -10.58
CA ASP C 220 -35.17 43.11 -9.29
C ASP C 220 -33.93 44.00 -9.26
N LEU C 221 -33.20 43.99 -10.39
CA LEU C 221 -31.89 44.63 -10.54
C LEU C 221 -31.90 45.56 -11.76
N PHE C 222 -31.44 46.78 -11.53
CA PHE C 222 -31.33 47.77 -12.59
C PHE C 222 -29.87 48.03 -12.89
N VAL C 223 -29.52 47.96 -14.18
CA VAL C 223 -28.18 48.28 -14.61
C VAL C 223 -28.26 49.60 -15.35
N ASP C 224 -27.51 50.58 -14.85
CA ASP C 224 -27.47 51.88 -15.45
C ASP C 224 -26.39 51.94 -16.56
N CYS C 225 -26.83 51.89 -17.80
CA CYS C 225 -25.90 52.01 -18.93
C CYS C 225 -26.24 53.24 -19.76
N THR C 226 -26.61 54.32 -19.07
CA THR C 226 -27.08 55.53 -19.75
C THR C 226 -25.97 56.49 -20.16
N GLY C 227 -24.70 56.09 -20.00
CA GLY C 227 -23.57 56.96 -20.38
C GLY C 227 -23.28 58.06 -19.34
N PHE C 228 -22.53 59.09 -19.76
CA PHE C 228 -22.11 60.21 -18.92
C PHE C 228 -23.20 60.79 -18.03
N ARG C 229 -24.41 60.67 -18.52
CA ARG C 229 -25.64 61.13 -17.94
C ARG C 229 -25.90 60.52 -16.54
N GLY C 230 -25.52 59.25 -16.34
CA GLY C 230 -25.86 58.49 -15.12
C GLY C 230 -27.28 58.70 -14.64
N LEU C 231 -28.26 58.43 -15.50
CA LEU C 231 -29.67 58.74 -15.20
C LEU C 231 -30.15 58.10 -13.88
N LEU C 232 -29.77 56.84 -13.65
CA LEU C 232 -30.15 56.13 -12.44
C LEU C 232 -29.19 56.44 -11.29
N ILE C 233 -27.90 56.17 -11.50
CA ILE C 233 -26.92 56.17 -10.44
C ILE C 233 -26.66 57.57 -9.89
N ASN C 234 -26.59 58.55 -10.79
CA ASN C 234 -26.38 59.94 -10.36
C ASN C 234 -27.66 60.78 -10.25
N GLN C 235 -28.50 60.77 -11.30
CA GLN C 235 -29.67 61.68 -11.32
C GLN C 235 -30.84 61.19 -10.46
N THR C 236 -30.96 59.89 -10.25
CA THR C 236 -32.02 59.38 -9.42
C THR C 236 -31.52 59.08 -7.99
N LEU C 237 -30.43 58.33 -7.90
CA LEU C 237 -29.94 57.87 -6.60
C LEU C 237 -29.01 58.82 -5.84
N GLY C 238 -28.54 59.90 -6.46
CA GLY C 238 -27.69 60.83 -5.76
C GLY C 238 -26.29 60.28 -5.52
N GLY C 239 -25.84 59.34 -6.34
CA GLY C 239 -24.47 58.91 -6.28
C GLY C 239 -23.56 60.10 -6.48
N ARG C 240 -22.49 60.15 -5.73
CA ARG C 240 -21.51 61.19 -5.88
C ARG C 240 -20.46 60.81 -6.91
N PHE C 241 -20.21 61.75 -7.83
CA PHE C 241 -19.16 61.61 -8.84
C PHE C 241 -17.90 62.33 -8.44
N GLN C 242 -16.79 61.62 -8.48
CA GLN C 242 -15.49 62.15 -8.11
C GLN C 242 -14.75 62.49 -9.41
N SER C 243 -14.52 63.78 -9.64
CA SER C 243 -13.81 64.22 -10.81
C SER C 243 -12.31 64.00 -10.69
N PHE C 244 -11.67 63.62 -11.80
CA PHE C 244 -10.21 63.57 -11.86
C PHE C 244 -9.56 64.80 -12.56
N SER C 245 -10.34 65.84 -12.82
CA SER C 245 -9.82 67.06 -13.49
C SER C 245 -8.56 67.68 -12.89
N ASP C 246 -8.41 67.60 -11.57
CA ASP C 246 -7.26 68.20 -10.92
C ASP C 246 -5.96 67.55 -11.36
N VAL C 247 -6.01 66.26 -11.76
CA VAL C 247 -4.78 65.57 -12.12
C VAL C 247 -4.76 65.23 -13.60
N LEU C 248 -5.94 65.21 -14.21
CA LEU C 248 -6.10 64.85 -15.61
C LEU C 248 -7.11 65.77 -16.26
N PRO C 249 -6.63 66.91 -16.80
CA PRO C 249 -7.57 67.96 -17.19
C PRO C 249 -8.29 67.77 -18.53
N ASN C 250 -7.81 66.88 -19.39
CA ASN C 250 -8.48 66.69 -20.70
C ASN C 250 -9.98 66.41 -20.53
N ASN C 251 -10.81 67.19 -21.22
CA ASN C 251 -12.27 67.16 -20.97
C ASN C 251 -13.10 67.14 -22.25
N ARG C 252 -12.43 67.20 -23.40
CA ARG C 252 -13.13 67.19 -24.67
C ARG C 252 -12.37 66.46 -25.74
N ALA C 253 -13.10 66.04 -26.77
CA ALA C 253 -12.53 65.35 -27.91
C ALA C 253 -13.19 65.79 -29.22
N VAL C 254 -12.40 65.79 -30.30
CA VAL C 254 -12.94 65.99 -31.63
C VAL C 254 -12.39 64.87 -32.50
N ALA C 255 -13.28 64.21 -33.24
CA ALA C 255 -12.90 63.06 -34.05
C ALA C 255 -13.24 63.21 -35.55
N LEU C 256 -12.42 62.58 -36.38
CA LEU C 256 -12.65 62.49 -37.80
C LEU C 256 -12.55 61.07 -38.26
N ARG C 257 -13.36 60.74 -39.24
CA ARG C 257 -13.40 59.43 -39.84
C ARG C 257 -12.68 59.51 -41.20
N VAL C 258 -11.41 59.11 -41.24
CA VAL C 258 -10.58 59.26 -42.44
C VAL C 258 -10.41 57.98 -43.28
N PRO C 259 -11.04 57.92 -44.47
CA PRO C 259 -10.86 56.74 -45.35
C PRO C 259 -9.41 56.58 -45.79
N ARG C 260 -8.97 55.34 -45.92
CA ARG C 260 -7.57 55.00 -46.20
C ARG C 260 -7.33 54.91 -47.71
N GLU C 261 -6.26 55.56 -48.17
CA GLU C 261 -5.89 55.52 -49.58
C GLU C 261 -5.51 54.09 -49.98
N ASN C 262 -4.36 53.63 -49.47
CA ASN C 262 -3.81 52.30 -49.76
C ASN C 262 -4.15 51.31 -48.63
N ASP C 263 -4.68 50.16 -49.00
CA ASP C 263 -5.04 49.13 -48.03
C ASP C 263 -3.82 48.67 -47.24
N GLU C 264 -2.69 48.51 -47.91
CA GLU C 264 -1.46 48.03 -47.26
C GLU C 264 -0.86 49.03 -46.27
N ASP C 265 -1.50 50.19 -46.08
CA ASP C 265 -1.05 51.12 -45.04
C ASP C 265 -1.68 50.80 -43.67
N MET C 266 -2.61 49.83 -43.65
CA MET C 266 -3.29 49.41 -42.42
C MET C 266 -2.29 48.91 -41.39
N ARG C 267 -2.30 49.57 -40.25
CA ARG C 267 -1.36 49.28 -39.18
C ARG C 267 -1.95 48.61 -37.93
N PRO C 268 -1.25 47.61 -37.36
CA PRO C 268 -1.94 46.56 -36.60
C PRO C 268 -1.70 47.09 -35.13
N TYR C 269 -1.90 48.40 -34.92
CA TYR C 269 -1.75 49.06 -33.62
C TYR C 269 -2.39 50.43 -33.61
N THR C 270 -2.65 50.94 -32.40
CA THR C 270 -3.18 52.27 -32.17
C THR C 270 -2.00 53.19 -32.09
N THR C 271 -2.16 54.43 -32.51
CA THR C 271 -1.11 55.41 -32.36
C THR C 271 -1.61 56.51 -31.45
N ALA C 272 -0.76 56.94 -30.53
CA ALA C 272 -1.10 58.05 -29.65
C ALA C 272 -0.04 59.11 -29.83
N THR C 273 -0.44 60.21 -30.47
CA THR C 273 0.48 61.28 -30.88
C THR C 273 0.24 62.50 -30.03
N ALA C 274 1.28 62.98 -29.35
CA ALA C 274 1.15 64.15 -28.51
C ALA C 274 0.98 65.38 -29.40
N MET C 275 0.00 66.20 -29.08
CA MET C 275 -0.31 67.36 -29.88
C MET C 275 0.08 68.56 -29.08
N SER C 276 -0.40 69.74 -29.44
CA SER C 276 0.04 70.98 -28.79
C SER C 276 -0.63 71.13 -27.43
N ALA C 277 -1.87 70.66 -27.30
CA ALA C 277 -2.61 70.83 -26.05
C ALA C 277 -3.43 69.58 -25.70
N GLY C 278 -2.81 68.42 -25.85
CA GLY C 278 -3.46 67.13 -25.64
C GLY C 278 -2.75 66.10 -26.51
N TRP C 279 -3.49 65.11 -26.97
CA TRP C 279 -2.94 64.07 -27.84
C TRP C 279 -4.02 63.56 -28.79
N MET C 280 -3.60 62.80 -29.79
CA MET C 280 -4.48 62.35 -30.84
C MET C 280 -4.35 60.87 -31.06
N TRP C 281 -5.47 60.18 -31.20
CA TRP C 281 -5.45 58.77 -31.52
C TRP C 281 -5.59 58.52 -33.00
N THR C 282 -5.01 57.41 -33.44
CA THR C 282 -5.26 56.86 -34.74
C THR C 282 -5.65 55.41 -34.51
N ILE C 283 -6.91 55.08 -34.83
CA ILE C 283 -7.42 53.73 -34.69
C ILE C 283 -7.76 53.15 -36.06
N PRO C 284 -6.89 52.26 -36.56
CA PRO C 284 -7.07 51.62 -37.86
C PRO C 284 -8.21 50.58 -37.93
N LEU C 285 -9.35 50.98 -38.46
CA LEU C 285 -10.39 50.03 -38.85
C LEU C 285 -10.10 49.39 -40.21
N PHE C 286 -10.95 48.43 -40.61
CA PHE C 286 -10.75 47.70 -41.86
C PHE C 286 -10.70 48.57 -43.12
N LYS C 287 -11.56 49.58 -43.16
CA LYS C 287 -11.74 50.36 -44.38
C LYS C 287 -11.36 51.83 -44.22
N ARG C 288 -10.95 52.21 -43.00
CA ARG C 288 -10.73 53.61 -42.66
C ARG C 288 -9.92 53.72 -41.36
N ASP C 289 -9.40 54.92 -41.08
CA ASP C 289 -8.71 55.25 -39.83
C ASP C 289 -9.58 56.24 -39.08
N GLY C 290 -9.82 55.98 -37.79
CA GLY C 290 -10.43 56.98 -36.92
C GLY C 290 -9.32 57.80 -36.29
N ASN C 291 -9.50 59.11 -36.19
CA ASN C 291 -8.54 60.03 -35.55
C ASN C 291 -9.29 60.95 -34.61
N GLY C 292 -8.78 61.11 -33.41
CA GLY C 292 -9.43 61.99 -32.46
C GLY C 292 -8.38 62.76 -31.73
N TYR C 293 -8.71 64.00 -31.41
CA TYR C 293 -7.82 64.85 -30.65
C TYR C 293 -8.49 65.00 -29.30
N VAL C 294 -7.82 64.45 -28.28
CA VAL C 294 -8.29 64.56 -26.91
C VAL C 294 -7.54 65.73 -26.28
N TYR C 295 -8.26 66.67 -25.67
CA TYR C 295 -7.62 67.95 -25.26
C TYR C 295 -8.31 68.56 -24.06
N SER C 296 -7.70 69.59 -23.48
CA SER C 296 -8.29 70.34 -22.40
C SER C 296 -8.69 71.69 -22.95
N ASP C 297 -9.98 72.02 -22.80
CA ASP C 297 -10.47 73.30 -23.24
C ASP C 297 -9.94 74.50 -22.44
N GLU C 298 -9.14 74.24 -21.39
CA GLU C 298 -8.47 75.32 -20.69
C GLU C 298 -7.34 75.88 -21.57
N PHE C 299 -6.75 75.04 -22.41
CA PHE C 299 -5.55 75.41 -23.17
C PHE C 299 -5.77 75.63 -24.68
N ILE C 300 -6.91 75.14 -25.18
CA ILE C 300 -7.24 75.23 -26.60
C ILE C 300 -8.76 75.14 -26.74
N SER C 301 -9.31 75.96 -27.65
CA SER C 301 -10.75 75.99 -27.91
C SER C 301 -11.15 74.82 -28.80
N PRO C 302 -12.43 74.42 -28.75
CA PRO C 302 -12.90 73.34 -29.62
C PRO C 302 -12.61 73.63 -31.10
N GLU C 303 -12.74 74.90 -31.49
CA GLU C 303 -12.49 75.35 -32.86
C GLU C 303 -11.00 75.23 -33.19
N GLU C 304 -10.14 75.74 -32.31
CA GLU C 304 -8.69 75.61 -32.49
C GLU C 304 -8.27 74.14 -32.59
N ALA C 305 -8.92 73.28 -31.79
CA ALA C 305 -8.62 71.85 -31.77
C ALA C 305 -9.00 71.15 -33.07
N GLU C 306 -10.19 71.46 -33.58
CA GLU C 306 -10.60 70.94 -34.89
C GLU C 306 -9.61 71.36 -35.98
N ARG C 307 -9.17 72.62 -35.96
CA ARG C 307 -8.26 73.08 -37.01
C ARG C 307 -6.93 72.34 -36.95
N GLU C 308 -6.39 72.16 -35.75
CA GLU C 308 -5.12 71.44 -35.56
C GLU C 308 -5.26 69.96 -35.97
N LEU C 309 -6.38 69.35 -35.65
CA LEU C 309 -6.63 67.95 -36.05
C LEU C 309 -6.71 67.84 -37.59
N ARG C 310 -7.57 68.64 -38.20
CA ARG C 310 -7.70 68.70 -39.67
C ARG C 310 -6.35 68.88 -40.39
N SER C 311 -5.56 69.85 -39.91
CA SER C 311 -4.22 70.11 -40.45
C SER C 311 -3.32 68.87 -40.44
N THR C 312 -3.48 68.06 -39.41
CA THR C 312 -2.54 66.99 -39.14
C THR C 312 -2.88 65.74 -39.93
N VAL C 313 -4.17 65.43 -40.08
CA VAL C 313 -4.56 64.16 -40.69
C VAL C 313 -5.42 64.24 -41.96
N ALA C 314 -6.05 65.38 -42.20
CA ALA C 314 -6.86 65.53 -43.40
C ALA C 314 -6.97 66.98 -43.92
N PRO C 315 -5.82 67.57 -44.31
CA PRO C 315 -5.86 68.98 -44.72
C PRO C 315 -6.72 69.20 -45.97
N GLY C 316 -7.60 70.21 -45.92
CA GLY C 316 -8.49 70.54 -47.03
C GLY C 316 -9.72 69.67 -47.19
N ARG C 317 -9.85 68.62 -46.35
CA ARG C 317 -10.93 67.65 -46.48
C ARG C 317 -12.19 68.07 -45.73
N ASP C 318 -12.75 69.20 -46.12
CA ASP C 318 -13.94 69.72 -45.45
C ASP C 318 -15.24 68.98 -45.77
N ASP C 319 -15.16 68.03 -46.70
CA ASP C 319 -16.22 67.03 -46.88
C ASP C 319 -16.39 66.15 -45.62
N LEU C 320 -15.31 65.96 -44.86
CA LEU C 320 -15.36 65.12 -43.67
C LEU C 320 -15.85 65.87 -42.43
N GLU C 321 -16.90 65.32 -41.84
CA GLU C 321 -17.56 65.91 -40.70
C GLU C 321 -16.79 65.63 -39.38
N ALA C 322 -16.67 66.67 -38.56
CA ALA C 322 -16.03 66.57 -37.26
C ALA C 322 -17.06 66.25 -36.16
N ASN C 323 -16.71 65.31 -35.28
CA ASN C 323 -17.57 64.90 -34.19
C ASN C 323 -17.01 65.43 -32.88
N HIS C 324 -17.75 66.30 -32.21
CA HIS C 324 -17.32 66.94 -30.98
C HIS C 324 -17.99 66.28 -29.79
N ILE C 325 -17.22 66.01 -28.74
CA ILE C 325 -17.72 65.31 -27.55
C ILE C 325 -17.18 65.95 -26.28
N GLN C 326 -18.04 66.14 -25.29
CA GLN C 326 -17.57 66.50 -23.94
C GLN C 326 -17.47 65.23 -23.10
N MET C 327 -16.38 65.13 -22.32
CA MET C 327 -16.14 63.91 -21.54
C MET C 327 -16.33 64.17 -20.05
N ARG C 328 -17.03 63.27 -19.35
CA ARG C 328 -17.06 63.30 -17.88
C ARG C 328 -15.98 62.38 -17.35
N ILE C 329 -14.94 62.96 -16.74
CA ILE C 329 -13.71 62.23 -16.35
C ILE C 329 -13.66 62.00 -14.85
N GLY C 330 -13.57 60.74 -14.45
CA GLY C 330 -13.57 60.40 -13.04
C GLY C 330 -14.35 59.13 -12.78
N ARG C 331 -14.91 59.02 -11.58
CA ARG C 331 -15.69 57.84 -11.24
C ARG C 331 -16.67 58.13 -10.16
N ASN C 332 -17.75 57.35 -10.15
CA ASN C 332 -18.65 57.38 -9.03
C ASN C 332 -17.95 56.83 -7.79
N GLU C 333 -18.26 57.40 -6.63
CA GLU C 333 -17.78 56.83 -5.34
C GLU C 333 -18.20 55.38 -5.22
N ARG C 334 -19.45 55.10 -5.47
CA ARG C 334 -19.99 53.74 -5.53
C ARG C 334 -20.73 53.55 -6.86
N THR C 335 -20.38 52.52 -7.61
CA THR C 335 -21.07 52.22 -8.85
C THR C 335 -22.25 51.30 -8.61
N TRP C 336 -22.30 50.67 -7.43
CA TRP C 336 -23.47 49.89 -7.02
C TRP C 336 -24.11 50.50 -5.75
N ILE C 337 -25.32 51.03 -5.96
CA ILE C 337 -26.16 51.62 -4.93
C ILE C 337 -27.55 50.98 -4.92
N ASN C 338 -28.00 50.56 -3.74
CA ASN C 338 -29.26 49.83 -3.61
C ASN C 338 -29.31 48.69 -4.62
N ASN C 339 -30.32 48.68 -5.49
CA ASN C 339 -30.45 47.64 -6.52
C ASN C 339 -30.06 48.17 -7.90
N CYS C 340 -29.16 49.15 -7.93
CA CYS C 340 -28.72 49.71 -9.19
C CYS C 340 -27.20 49.61 -9.33
N VAL C 341 -26.73 49.08 -10.45
CA VAL C 341 -25.30 49.02 -10.72
C VAL C 341 -25.02 49.79 -12.00
N ALA C 342 -24.08 50.71 -11.95
CA ALA C 342 -23.62 51.45 -13.13
C ALA C 342 -22.54 50.66 -13.87
N VAL C 343 -22.69 50.54 -15.19
CA VAL C 343 -21.67 49.90 -16.05
C VAL C 343 -21.39 50.84 -17.24
N GLY C 344 -20.12 51.08 -17.53
CA GLY C 344 -19.75 51.98 -18.59
C GLY C 344 -19.56 53.41 -18.15
N LEU C 345 -19.80 54.34 -19.06
CA LEU C 345 -19.57 55.75 -18.81
C LEU C 345 -20.40 56.30 -17.67
N SER C 346 -21.54 55.65 -17.37
CA SER C 346 -22.33 56.05 -16.18
C SER C 346 -21.53 55.79 -14.88
N ALA C 347 -20.62 54.80 -14.93
CA ALA C 347 -19.88 54.40 -13.76
C ALA C 347 -18.62 55.22 -13.60
N ALA C 348 -17.85 55.33 -14.68
CA ALA C 348 -16.53 55.96 -14.65
C ALA C 348 -16.03 56.22 -16.07
N PHE C 349 -14.98 57.02 -16.19
CA PHE C 349 -14.32 57.19 -17.46
C PHE C 349 -13.05 57.97 -17.28
N VAL C 350 -12.02 57.52 -18.00
CA VAL C 350 -10.78 58.26 -18.14
C VAL C 350 -10.50 58.39 -19.64
N GLU C 351 -9.73 59.41 -20.02
CA GLU C 351 -9.40 59.59 -21.44
C GLU C 351 -8.86 58.31 -22.06
N PRO C 352 -9.10 58.10 -23.35
CA PRO C 352 -8.76 56.78 -23.94
C PRO C 352 -7.28 56.58 -24.24
N LEU C 353 -6.40 57.20 -23.45
CA LEU C 353 -4.96 57.10 -23.68
C LEU C 353 -4.44 55.66 -23.68
N GLU C 354 -5.09 54.77 -22.93
CA GLU C 354 -4.69 53.37 -22.86
C GLU C 354 -5.86 52.40 -23.13
N SER C 355 -6.87 52.88 -23.84
CA SER C 355 -7.97 52.02 -24.31
C SER C 355 -8.62 51.22 -23.19
N THR C 356 -9.21 51.90 -22.22
CA THR C 356 -9.75 51.23 -21.03
C THR C 356 -11.27 51.16 -20.90
N GLY C 357 -12.00 51.90 -21.74
CA GLY C 357 -13.46 52.03 -21.62
C GLY C 357 -14.16 50.69 -21.62
N ILE C 358 -13.85 49.88 -22.63
CA ILE C 358 -14.47 48.57 -22.77
C ILE C 358 -13.91 47.60 -21.73
N PHE C 359 -12.62 47.76 -21.40
CA PHE C 359 -12.04 47.02 -20.26
C PHE C 359 -12.86 47.29 -18.96
N PHE C 360 -13.12 48.55 -18.63
CA PHE C 360 -13.97 48.85 -17.46
C PHE C 360 -15.34 48.20 -17.57
N ILE C 361 -15.91 48.15 -18.78
CA ILE C 361 -17.20 47.51 -18.94
C ILE C 361 -17.10 46.04 -18.62
N GLN C 362 -16.17 45.35 -19.27
CA GLN C 362 -16.06 43.91 -19.14
C GLN C 362 -15.74 43.50 -17.69
N HIS C 363 -14.82 44.22 -17.04
CA HIS C 363 -14.51 43.86 -15.69
C HIS C 363 -15.69 44.11 -14.76
N ALA C 364 -16.41 45.21 -14.96
CA ALA C 364 -17.60 45.49 -14.16
C ALA C 364 -18.61 44.35 -14.27
N ILE C 365 -18.76 43.85 -15.50
CA ILE C 365 -19.73 42.80 -15.78
C ILE C 365 -19.28 41.43 -15.24
N GLU C 366 -18.03 41.04 -15.54
CA GLU C 366 -17.46 39.84 -14.93
C GLU C 366 -17.65 39.87 -13.42
N GLN C 367 -17.31 41.00 -12.79
CA GLN C 367 -17.45 41.11 -11.35
C GLN C 367 -18.92 41.21 -10.89
N LEU C 368 -19.79 41.72 -11.74
CA LEU C 368 -21.21 41.69 -11.37
C LEU C 368 -21.70 40.23 -11.28
N VAL C 369 -21.29 39.41 -12.25
CA VAL C 369 -21.64 38.00 -12.17
C VAL C 369 -21.11 37.38 -10.87
N LYS C 370 -19.84 37.63 -10.53
CA LYS C 370 -19.25 37.09 -9.30
C LYS C 370 -19.98 37.58 -8.05
N HIS C 371 -20.41 38.83 -8.08
CA HIS C 371 -21.05 39.43 -6.92
C HIS C 371 -22.56 39.47 -7.12
N PHE C 372 -23.08 38.60 -7.97
CA PHE C 372 -24.49 38.69 -8.29
C PHE C 372 -25.31 38.52 -7.02
N PRO C 373 -26.35 39.35 -6.84
CA PRO C 373 -27.10 39.31 -5.59
C PRO C 373 -28.02 38.11 -5.53
N GLY C 374 -28.15 37.55 -4.33
CA GLY C 374 -29.24 36.62 -4.06
C GLY C 374 -30.52 37.36 -3.69
N GLU C 375 -31.60 36.57 -3.63
CA GLU C 375 -32.87 37.06 -3.08
C GLU C 375 -32.61 37.92 -1.81
N ARG C 376 -31.59 37.53 -1.04
CA ARG C 376 -31.06 38.43 0.01
C ARG C 376 -29.83 39.25 -0.43
N TRP C 377 -29.97 40.59 -0.51
CA TRP C 377 -28.96 41.55 -0.97
C TRP C 377 -27.92 41.75 0.12
N ASP C 378 -26.68 41.41 -0.15
CA ASP C 378 -25.67 41.33 0.89
C ASP C 378 -24.81 42.60 0.82
N PRO C 379 -25.01 43.52 1.79
CA PRO C 379 -24.22 44.75 1.72
C PRO C 379 -22.72 44.53 1.80
N VAL C 380 -22.28 43.45 2.44
CA VAL C 380 -20.84 43.20 2.51
C VAL C 380 -20.33 42.80 1.11
N LEU C 381 -21.09 41.99 0.40
CA LEU C 381 -20.73 41.61 -0.95
C LEU C 381 -20.73 42.86 -1.87
N ILE C 382 -21.70 43.73 -1.72
CA ILE C 382 -21.85 44.90 -2.58
C ILE C 382 -20.66 45.88 -2.34
N SER C 383 -20.35 46.06 -1.08
CA SER C 383 -19.21 46.86 -0.71
C SER C 383 -17.89 46.31 -1.31
N ALA C 384 -17.72 44.99 -1.34
CA ALA C 384 -16.56 44.39 -1.97
C ALA C 384 -16.51 44.69 -3.48
N TYR C 385 -17.67 44.63 -4.14
CA TYR C 385 -17.81 45.00 -5.56
C TYR C 385 -17.37 46.45 -5.77
N ASN C 386 -17.88 47.35 -4.93
CA ASN C 386 -17.56 48.77 -5.06
C ASN C 386 -16.09 49.04 -4.84
N GLU C 387 -15.44 48.37 -3.89
CA GLU C 387 -13.97 48.52 -3.75
C GLU C 387 -13.23 48.08 -5.00
N ARG C 388 -13.56 46.91 -5.51
CA ARG C 388 -12.94 46.45 -6.76
C ARG C 388 -13.08 47.45 -7.92
N MET C 389 -14.26 48.07 -8.07
CA MET C 389 -14.47 49.02 -9.17
C MET C 389 -13.71 50.32 -8.90
N ALA C 390 -13.57 50.70 -7.64
CA ALA C 390 -12.81 51.90 -7.31
C ALA C 390 -11.33 51.70 -7.60
N HIS C 391 -10.78 50.55 -7.23
CA HIS C 391 -9.38 50.25 -7.47
C HIS C 391 -9.04 50.15 -8.95
N MET C 392 -9.96 49.55 -9.70
CA MET C 392 -9.77 49.34 -11.12
C MET C 392 -9.49 50.68 -11.81
N VAL C 393 -10.29 51.68 -11.48
CA VAL C 393 -10.21 52.97 -12.13
C VAL C 393 -9.06 53.77 -11.55
N ASP C 394 -8.93 53.78 -10.21
CA ASP C 394 -7.86 54.56 -9.57
C ASP C 394 -6.48 54.09 -10.04
N GLY C 395 -6.31 52.79 -10.29
CA GLY C 395 -5.03 52.27 -10.76
C GLY C 395 -4.74 52.83 -12.16
N VAL C 396 -5.78 52.88 -13.00
CA VAL C 396 -5.58 53.35 -14.33
C VAL C 396 -5.32 54.85 -14.28
N LYS C 397 -6.04 55.55 -13.40
CA LYS C 397 -5.88 56.99 -13.28
C LYS C 397 -4.41 57.31 -13.01
N GLU C 398 -3.84 56.59 -12.05
CA GLU C 398 -2.47 56.83 -11.65
C GLU C 398 -1.48 56.48 -12.80
N PHE C 399 -1.72 55.38 -13.50
CA PHE C 399 -0.93 54.99 -14.66
C PHE C 399 -0.98 56.08 -15.75
N LEU C 400 -2.15 56.68 -15.95
CA LEU C 400 -2.27 57.73 -16.94
C LEU C 400 -1.48 58.98 -16.54
N VAL C 401 -1.53 59.34 -15.25
CA VAL C 401 -0.84 60.53 -14.82
C VAL C 401 0.65 60.31 -15.06
N LEU C 402 1.11 59.08 -14.84
CA LEU C 402 2.49 58.75 -15.12
C LEU C 402 2.86 59.07 -16.59
N HIS C 403 1.91 58.98 -17.52
CA HIS C 403 2.18 59.25 -18.94
C HIS C 403 2.55 60.73 -19.07
N TYR C 404 1.75 61.59 -18.44
CA TYR C 404 2.00 63.01 -18.51
C TYR C 404 3.25 63.42 -17.77
N LYS C 405 3.57 62.72 -16.68
CA LYS C 405 4.76 63.06 -15.93
C LYS C 405 6.00 62.55 -16.65
N GLY C 406 5.86 61.46 -17.40
CA GLY C 406 6.98 60.93 -18.16
C GLY C 406 7.32 61.72 -19.42
N ALA C 407 6.32 62.36 -20.00
CA ALA C 407 6.49 63.20 -21.20
C ALA C 407 7.52 64.29 -20.96
N GLN C 408 8.55 64.32 -21.80
CA GLN C 408 9.64 65.28 -21.59
C GLN C 408 9.48 66.60 -22.33
N ARG C 409 8.60 66.65 -23.32
CA ARG C 409 8.34 67.90 -24.03
C ARG C 409 7.77 68.98 -23.10
N GLU C 410 8.16 70.23 -23.36
CA GLU C 410 7.78 71.37 -22.52
C GLU C 410 7.58 72.61 -23.40
N ASP C 411 7.01 72.40 -24.58
CA ASP C 411 7.03 73.42 -25.62
C ASP C 411 5.79 74.29 -25.71
N THR C 412 4.71 73.92 -25.02
CA THR C 412 3.50 74.74 -25.04
C THR C 412 3.08 74.94 -23.60
N PRO C 413 2.18 75.90 -23.32
CA PRO C 413 1.71 76.03 -21.93
C PRO C 413 1.12 74.72 -21.37
N TYR C 414 0.46 73.94 -22.23
CA TYR C 414 -0.12 72.66 -21.83
C TYR C 414 0.93 71.71 -21.27
N TRP C 415 2.02 71.54 -22.00
CA TRP C 415 3.06 70.62 -21.57
C TRP C 415 3.86 71.11 -20.36
N LYS C 416 3.96 72.43 -20.23
CA LYS C 416 4.60 73.04 -19.07
C LYS C 416 3.75 72.79 -17.82
N ALA C 417 2.43 72.89 -17.96
CA ALA C 417 1.50 72.69 -16.87
C ALA C 417 1.44 71.20 -16.46
N ALA C 418 1.52 70.30 -17.43
CA ALA C 418 1.53 68.88 -17.17
C ALA C 418 2.70 68.50 -16.26
N LYS C 419 3.80 69.23 -16.40
CA LYS C 419 5.00 68.97 -15.63
C LYS C 419 4.86 69.31 -14.14
N THR C 420 4.06 70.32 -13.81
CA THR C 420 3.99 70.77 -12.43
C THR C 420 2.66 70.42 -11.80
N ARG C 421 1.76 69.83 -12.57
CA ARG C 421 0.43 69.51 -12.08
C ARG C 421 0.50 68.49 -10.92
N ALA C 422 -0.38 68.69 -9.93
CA ALA C 422 -0.55 67.78 -8.80
C ALA C 422 -0.73 66.33 -9.26
N MET C 423 -0.33 65.38 -8.42
CA MET C 423 -0.40 63.96 -8.70
C MET C 423 -1.30 63.26 -7.70
N PRO C 424 -1.85 62.07 -8.07
CA PRO C 424 -2.48 61.20 -7.06
C PRO C 424 -1.49 60.73 -6.03
N ASP C 425 -1.98 60.46 -4.81
CA ASP C 425 -1.18 59.88 -3.73
C ASP C 425 -0.54 58.60 -4.21
N GLY C 426 0.73 58.43 -3.92
CA GLY C 426 1.35 57.20 -4.32
C GLY C 426 2.23 57.32 -5.54
N LEU C 427 1.95 58.29 -6.41
CA LEU C 427 2.72 58.41 -7.66
C LEU C 427 4.10 58.99 -7.41
N ALA C 428 4.19 59.98 -6.51
CA ALA C 428 5.50 60.57 -6.17
C ALA C 428 6.51 59.51 -5.78
N ARG C 429 6.09 58.59 -4.91
CA ARG C 429 6.92 57.48 -4.50
C ARG C 429 7.32 56.60 -5.68
N LYS C 430 6.39 56.28 -6.57
CA LYS C 430 6.72 55.46 -7.74
C LYS C 430 7.74 56.17 -8.63
N LEU C 431 7.62 57.48 -8.76
CA LEU C 431 8.60 58.23 -9.56
C LEU C 431 9.99 58.28 -8.90
N GLU C 432 10.06 58.44 -7.58
CA GLU C 432 11.34 58.30 -6.89
C GLU C 432 11.97 56.95 -7.14
N LEU C 433 11.20 55.89 -6.96
CA LEU C 433 11.77 54.55 -7.15
C LEU C 433 12.32 54.45 -8.57
N SER C 434 11.54 54.93 -9.53
CA SER C 434 11.84 54.80 -10.95
C SER C 434 13.13 55.50 -11.37
N ALA C 435 13.53 56.54 -10.63
CA ALA C 435 14.80 57.24 -10.90
C ALA C 435 16.03 56.42 -10.41
N SER C 436 15.77 55.48 -9.50
CA SER C 436 16.78 54.62 -8.97
C SER C 436 16.74 53.20 -9.62
N HIS C 437 15.56 52.61 -9.78
CA HIS C 437 15.52 51.27 -10.40
C HIS C 437 14.14 51.05 -10.99
N LEU C 438 13.93 49.93 -11.67
CA LEU C 438 12.63 49.68 -12.26
C LEU C 438 11.54 49.33 -11.23
N LEU C 439 10.33 49.84 -11.44
CA LEU C 439 9.15 49.35 -10.75
C LEU C 439 9.00 47.86 -11.00
N ASP C 440 8.28 47.18 -10.10
CA ASP C 440 7.99 45.77 -10.22
C ASP C 440 6.67 45.51 -9.53
N GLU C 441 6.29 44.23 -9.45
CA GLU C 441 4.98 43.79 -8.95
C GLU C 441 4.68 44.36 -7.56
N GLN C 442 5.72 44.58 -6.77
CA GLN C 442 5.52 45.08 -5.41
C GLN C 442 5.40 46.57 -5.33
N THR C 443 5.82 47.27 -6.38
CA THR C 443 5.85 48.74 -6.29
C THR C 443 4.93 49.46 -7.27
N ILE C 444 4.30 48.75 -8.20
CA ILE C 444 3.25 49.38 -9.02
C ILE C 444 1.96 49.46 -8.20
N TYR C 445 0.87 49.94 -8.79
CA TYR C 445 -0.38 50.02 -8.11
C TYR C 445 -0.81 48.60 -7.75
N PRO C 446 -1.14 48.34 -6.45
CA PRO C 446 -1.20 46.94 -5.98
C PRO C 446 -2.51 46.20 -6.26
N TYR C 447 -3.60 46.90 -6.50
CA TYR C 447 -4.87 46.23 -6.75
C TYR C 447 -5.12 46.08 -8.23
N TYR C 448 -6.01 45.19 -8.61
CA TYR C 448 -6.19 44.90 -10.02
C TYR C 448 -6.67 46.13 -10.79
N HIS C 449 -5.97 46.51 -11.85
CA HIS C 449 -6.36 47.62 -12.69
C HIS C 449 -6.01 47.32 -14.16
N GLY C 450 -6.03 46.05 -14.54
CA GLY C 450 -5.78 45.65 -15.94
C GLY C 450 -4.32 45.46 -16.23
N PHE C 451 -3.53 46.51 -16.05
CA PHE C 451 -2.12 46.54 -16.40
C PHE C 451 -1.20 45.82 -15.41
N GLU C 452 -0.16 45.20 -15.98
CA GLU C 452 0.87 44.47 -15.26
C GLU C 452 2.14 45.32 -15.19
N THR C 453 3.12 44.78 -14.49
CA THR C 453 4.40 45.42 -14.36
C THR C 453 5.05 45.85 -15.68
N TYR C 454 5.03 45.01 -16.71
CA TYR C 454 5.74 45.39 -17.95
C TYR C 454 5.19 46.70 -18.53
N SER C 455 3.88 46.89 -18.42
CA SER C 455 3.25 48.13 -18.89
C SER C 455 3.77 49.36 -18.16
N TRP C 456 3.86 49.32 -16.83
CA TRP C 456 4.43 50.46 -16.09
C TRP C 456 5.87 50.74 -16.51
N ILE C 457 6.68 49.68 -16.60
CA ILE C 457 8.09 49.77 -16.95
C ILE C 457 8.27 50.31 -18.38
N THR C 458 7.45 49.81 -19.30
CA THR C 458 7.57 50.14 -20.71
C THR C 458 7.28 51.62 -20.88
N MET C 459 6.23 52.11 -20.20
CA MET C 459 5.92 53.51 -20.33
C MET C 459 7.05 54.35 -19.79
N ASN C 460 7.56 54.02 -18.58
CA ASN C 460 8.70 54.77 -18.04
C ASN C 460 9.91 54.84 -18.99
N LEU C 461 10.34 53.70 -19.52
CA LEU C 461 11.52 53.62 -20.36
C LEU C 461 11.32 54.32 -21.72
N GLY C 462 10.13 54.14 -22.28
CA GLY C 462 9.76 54.77 -23.54
C GLY C 462 9.71 56.27 -23.44
N LEU C 463 9.13 56.79 -22.35
CA LEU C 463 8.99 58.22 -22.15
C LEU C 463 10.26 58.90 -21.67
N GLY C 464 11.16 58.17 -21.03
CA GLY C 464 12.40 58.74 -20.54
C GLY C 464 12.61 58.74 -19.03
N ILE C 465 11.76 58.04 -18.28
CA ILE C 465 12.03 57.88 -16.84
C ILE C 465 12.83 56.59 -16.66
N VAL C 466 14.14 56.79 -16.62
CA VAL C 466 15.11 55.72 -16.73
C VAL C 466 15.94 55.68 -15.44
N PRO C 467 16.22 54.48 -14.91
CA PRO C 467 17.11 54.50 -13.75
C PRO C 467 18.44 55.20 -14.09
N GLU C 468 19.01 55.86 -13.10
CA GLU C 468 20.28 56.56 -13.28
C GLU C 468 21.37 55.60 -13.76
N ARG C 469 21.42 54.41 -13.16
CA ARG C 469 22.38 53.35 -13.52
C ARG C 469 21.71 51.97 -13.57
N PRO C 470 22.35 51.00 -14.23
CA PRO C 470 21.83 49.63 -14.24
C PRO C 470 21.76 49.09 -12.81
N ARG C 471 21.01 48.02 -12.62
CA ARG C 471 21.01 47.35 -11.35
C ARG C 471 22.39 46.80 -11.00
N PRO C 472 22.92 47.22 -9.85
CA PRO C 472 24.30 46.85 -9.51
C PRO C 472 24.58 45.35 -9.49
N ALA C 473 23.60 44.53 -9.11
CA ALA C 473 23.75 43.06 -9.14
C ALA C 473 24.31 42.57 -10.48
N LEU C 474 23.87 43.22 -11.55
CA LEU C 474 24.10 42.71 -12.90
C LEU C 474 25.58 42.72 -13.25
N LEU C 475 26.29 43.71 -12.74
CA LEU C 475 27.75 43.76 -12.92
C LEU C 475 28.51 42.57 -12.31
N HIS C 476 27.90 41.88 -11.35
CA HIS C 476 28.50 40.71 -10.75
C HIS C 476 28.14 39.43 -11.51
N MET C 477 27.40 39.55 -12.60
CA MET C 477 26.83 38.38 -13.26
C MET C 477 27.34 38.17 -14.69
N ASP C 478 27.32 36.93 -15.16
CA ASP C 478 27.71 36.61 -16.53
C ASP C 478 26.63 37.17 -17.48
N PRO C 479 27.01 38.08 -18.40
CA PRO C 479 26.05 38.68 -19.33
C PRO C 479 25.70 37.79 -20.51
N ALA C 480 26.44 36.71 -20.72
CA ALA C 480 26.28 35.88 -21.93
C ALA C 480 24.84 35.41 -22.19
N PRO C 481 24.15 34.81 -21.18
CA PRO C 481 22.76 34.35 -21.44
C PRO C 481 21.79 35.46 -21.89
N ALA C 482 21.89 36.64 -21.29
CA ALA C 482 21.08 37.79 -21.68
C ALA C 482 21.36 38.22 -23.12
N LEU C 483 22.65 38.35 -23.46
CA LEU C 483 23.07 38.69 -24.83
C LEU C 483 22.56 37.68 -25.84
N ALA C 484 22.60 36.39 -25.49
CA ALA C 484 22.04 35.34 -26.34
C ALA C 484 20.54 35.55 -26.53
N GLU C 485 19.84 35.92 -25.44
CA GLU C 485 18.41 36.15 -25.50
C GLU C 485 18.07 37.33 -26.38
N PHE C 486 18.83 38.42 -26.28
CA PHE C 486 18.63 39.55 -27.18
C PHE C 486 18.77 39.13 -28.65
N GLU C 487 19.77 38.30 -28.94
CA GLU C 487 19.98 37.78 -30.28
C GLU C 487 18.84 36.90 -30.75
N ARG C 488 18.36 36.02 -29.87
CA ARG C 488 17.18 35.23 -30.15
C ARG C 488 16.00 36.11 -30.57
N LEU C 489 15.76 37.17 -29.81
CA LEU C 489 14.64 38.05 -30.07
C LEU C 489 14.75 38.72 -31.43
N ARG C 490 15.95 39.18 -31.78
CA ARG C 490 16.16 39.81 -33.07
C ARG C 490 15.98 38.81 -34.21
N ARG C 491 16.48 37.60 -33.98
CA ARG C 491 16.36 36.50 -34.93
C ARG C 491 14.92 36.07 -35.14
N GLU C 492 14.21 35.81 -34.04
CA GLU C 492 12.81 35.39 -34.09
C GLU C 492 11.94 36.47 -34.74
N GLY C 493 12.30 37.73 -34.51
CA GLY C 493 11.65 38.86 -35.16
C GLY C 493 11.78 38.79 -36.66
N ASP C 494 13.03 38.72 -37.14
CA ASP C 494 13.34 38.57 -38.56
C ASP C 494 12.48 37.49 -39.22
N GLU C 495 12.41 36.33 -38.57
CA GLU C 495 11.70 35.17 -39.10
C GLU C 495 10.20 35.36 -39.16
N LEU C 496 9.65 36.00 -38.13
CA LEU C 496 8.22 36.23 -38.07
C LEU C 496 7.73 37.20 -39.14
N ILE C 497 8.48 38.27 -39.40
CA ILE C 497 8.03 39.26 -40.38
C ILE C 497 8.14 38.73 -41.81
N ALA C 498 9.03 37.75 -42.00
CA ALA C 498 9.16 37.06 -43.27
C ALA C 498 7.97 36.12 -43.51
N ALA C 499 7.48 35.49 -42.43
CA ALA C 499 6.47 34.43 -42.54
C ALA C 499 5.02 34.91 -42.47
N LEU C 500 4.79 36.03 -41.79
CA LEU C 500 3.42 36.49 -41.52
C LEU C 500 2.88 37.35 -42.65
N PRO C 501 1.56 37.28 -42.89
CA PRO C 501 0.89 38.17 -43.85
C PRO C 501 0.75 39.56 -43.24
N SER C 502 0.40 40.55 -44.04
CA SER C 502 0.19 41.89 -43.51
C SER C 502 -1.09 41.89 -42.70
N CYS C 503 -1.30 42.98 -41.96
CA CYS C 503 -2.48 43.13 -41.15
C CYS C 503 -3.70 43.07 -42.07
N TYR C 504 -3.72 43.91 -43.10
CA TYR C 504 -4.79 43.89 -44.11
C TYR C 504 -4.95 42.53 -44.81
N GLU C 505 -3.84 41.94 -45.25
CA GLU C 505 -3.90 40.63 -45.91
C GLU C 505 -4.73 39.64 -45.14
N TYR C 506 -4.40 39.45 -43.86
CA TYR C 506 -5.09 38.44 -43.07
C TYR C 506 -6.56 38.81 -42.91
N LEU C 507 -6.83 40.08 -42.66
CA LEU C 507 -8.22 40.54 -42.46
C LEU C 507 -9.05 40.33 -43.71
N ALA C 508 -8.49 40.67 -44.86
CA ALA C 508 -9.19 40.47 -46.12
C ALA C 508 -9.56 39.00 -46.32
N SER C 509 -8.68 38.09 -45.90
CA SER C 509 -8.88 36.66 -46.10
C SER C 509 -9.98 36.05 -45.23
N ILE C 510 -10.50 36.80 -44.26
CA ILE C 510 -11.55 36.27 -43.38
C ILE C 510 -12.87 37.03 -43.49
N GLN C 511 -12.90 38.06 -44.32
CA GLN C 511 -14.11 38.85 -44.53
C GLN C 511 -15.25 37.99 -45.06
N MET D 1 30.53 -26.47 14.70
CA MET D 1 30.62 -27.96 14.55
C MET D 1 31.15 -28.71 15.80
N ILE D 2 30.40 -29.70 16.28
CA ILE D 2 30.91 -30.55 17.34
C ILE D 2 31.80 -31.66 16.77
N ARG D 3 32.83 -31.93 17.57
CA ARG D 3 34.14 -32.36 17.12
C ARG D 3 33.43 -34.72 17.26
N SER D 4 33.20 -34.91 18.55
CA SER D 4 33.45 -36.19 19.19
C SER D 4 32.24 -36.68 19.98
N VAL D 5 31.97 -37.97 19.82
CA VAL D 5 30.89 -38.65 20.52
C VAL D 5 31.49 -39.73 21.39
N VAL D 6 31.02 -39.82 22.63
CA VAL D 6 31.40 -40.91 23.53
C VAL D 6 30.16 -41.75 23.83
N ILE D 7 30.18 -43.01 23.40
CA ILE D 7 29.09 -43.93 23.69
C ILE D 7 29.51 -44.80 24.86
N VAL D 8 28.64 -44.85 25.87
CA VAL D 8 28.87 -45.72 27.01
C VAL D 8 27.89 -46.86 26.95
N GLY D 9 28.41 -48.05 26.66
CA GLY D 9 27.57 -49.23 26.59
C GLY D 9 27.79 -49.93 25.28
N GLY D 10 27.90 -51.25 25.31
CA GLY D 10 28.24 -52.02 24.11
C GLY D 10 27.22 -53.10 23.82
N GLY D 11 25.96 -52.81 24.10
CA GLY D 11 24.87 -53.72 23.73
C GLY D 11 24.50 -53.46 22.29
N THR D 12 23.34 -53.96 21.87
CA THR D 12 22.83 -53.58 20.57
C THR D 12 22.68 -52.05 20.39
N ALA D 13 22.27 -51.37 21.48
CA ALA D 13 22.08 -49.94 21.46
C ALA D 13 23.38 -49.23 21.10
N GLY D 14 24.45 -49.51 21.86
CA GLY D 14 25.74 -48.88 21.62
C GLY D 14 26.31 -49.12 20.23
N TRP D 15 26.30 -50.37 19.77
CA TRP D 15 26.93 -50.67 18.50
C TRP D 15 26.11 -50.18 17.29
N MET D 16 24.79 -50.28 17.37
CA MET D 16 23.95 -49.65 16.35
C MET D 16 24.25 -48.15 16.23
N THR D 17 24.35 -47.45 17.36
CA THR D 17 24.67 -46.02 17.36
C THR D 17 26.04 -45.75 16.73
N ALA D 18 27.08 -46.44 17.22
CA ALA D 18 28.44 -46.32 16.66
C ALA D 18 28.44 -46.51 15.14
N SER D 19 27.89 -47.63 14.69
CA SER D 19 27.85 -47.99 13.28
C SER D 19 27.15 -46.92 12.46
N TYR D 20 25.97 -46.51 12.93
CA TYR D 20 25.16 -45.57 12.18
C TYR D 20 25.86 -44.22 12.08
N LEU D 21 26.38 -43.72 13.19
CA LEU D 21 27.13 -42.47 13.14
C LEU D 21 28.27 -42.46 12.11
N LYS D 22 29.02 -43.57 12.05
CA LYS D 22 30.10 -43.68 11.07
C LYS D 22 29.56 -43.76 9.65
N ALA D 23 28.48 -44.51 9.45
CA ALA D 23 27.89 -44.61 8.12
C ALA D 23 27.40 -43.25 7.69
N ALA D 24 26.91 -42.44 8.63
CA ALA D 24 26.30 -41.15 8.33
C ALA D 24 27.34 -40.07 8.09
N PHE D 25 28.38 -40.05 8.91
CA PHE D 25 29.31 -38.93 8.91
C PHE D 25 30.72 -39.32 8.49
N ASP D 26 30.98 -40.62 8.37
CA ASP D 26 32.32 -41.16 8.11
C ASP D 26 33.40 -40.47 8.96
N ASP D 27 34.41 -39.88 8.34
CA ASP D 27 35.53 -39.32 9.11
C ASP D 27 35.27 -37.88 9.58
N ARG D 28 34.03 -37.41 9.40
CA ARG D 28 33.63 -36.10 9.92
C ARG D 28 33.03 -36.19 11.33
N ILE D 29 33.21 -37.33 11.98
CA ILE D 29 32.87 -37.48 13.40
C ILE D 29 33.88 -38.44 14.05
N ASP D 30 34.31 -38.14 15.27
CA ASP D 30 35.09 -39.10 16.04
C ASP D 30 34.19 -39.79 17.06
N VAL D 31 34.28 -41.10 17.11
CA VAL D 31 33.44 -41.91 17.98
C VAL D 31 34.27 -42.86 18.81
N THR D 32 34.04 -42.83 20.12
CA THR D 32 34.63 -43.77 21.07
C THR D 32 33.50 -44.51 21.78
N LEU D 33 33.59 -45.84 21.84
CA LEU D 33 32.66 -46.65 22.62
C LEU D 33 33.37 -47.33 23.81
N VAL D 34 32.82 -47.13 25.00
CA VAL D 34 33.30 -47.72 26.22
C VAL D 34 32.27 -48.71 26.73
N GLU D 35 32.71 -49.96 26.93
CA GLU D 35 31.84 -51.01 27.44
C GLU D 35 32.54 -51.85 28.49
N SER D 36 31.76 -52.25 29.49
CA SER D 36 32.24 -53.09 30.56
C SER D 36 32.58 -54.50 30.06
N GLY D 37 33.68 -55.05 30.58
CA GLY D 37 34.07 -56.44 30.35
C GLY D 37 33.34 -57.45 31.22
N ASN D 38 32.62 -56.99 32.24
CA ASN D 38 31.93 -57.90 33.17
C ASN D 38 30.41 -57.70 33.41
N VAL D 39 29.88 -56.51 33.08
CA VAL D 39 28.41 -56.36 33.04
C VAL D 39 27.91 -56.81 31.65
N ARG D 40 27.13 -57.90 31.64
CA ARG D 40 26.67 -58.51 30.39
C ARG D 40 25.53 -57.72 29.72
N ARG D 41 25.59 -57.63 28.40
CA ARG D 41 24.48 -57.11 27.60
C ARG D 41 23.38 -58.15 27.55
N ILE D 42 22.14 -57.68 27.32
CA ILE D 42 20.98 -58.56 27.08
C ILE D 42 21.23 -59.39 25.80
N GLY D 43 21.15 -60.73 25.96
CA GLY D 43 21.67 -61.65 24.93
C GLY D 43 20.71 -62.64 24.27
N VAL D 44 19.42 -62.51 24.55
CA VAL D 44 18.40 -63.44 24.06
C VAL D 44 18.26 -63.41 22.51
N GLY D 45 17.51 -64.36 21.96
CA GLY D 45 16.99 -64.24 20.59
C GLY D 45 15.96 -63.11 20.54
N GLN D 46 16.00 -62.29 19.48
CA GLN D 46 15.11 -61.14 19.36
C GLN D 46 14.41 -61.04 18.00
N ALA D 47 13.21 -60.46 18.04
CA ALA D 47 12.44 -60.19 16.84
C ALA D 47 12.59 -58.71 16.51
N THR D 48 12.31 -58.35 15.26
CA THR D 48 12.44 -56.95 14.85
C THR D 48 11.15 -56.43 14.18
N PHE D 49 11.14 -55.15 13.86
CA PHE D 49 10.00 -54.50 13.23
C PHE D 49 10.37 -54.18 11.78
N SER D 50 9.39 -53.84 10.94
CA SER D 50 9.61 -53.69 9.49
C SER D 50 10.61 -52.64 9.05
N THR D 51 10.84 -51.62 9.89
CA THR D 51 11.79 -50.56 9.54
C THR D 51 13.26 -51.04 9.54
N VAL D 52 13.53 -52.23 10.10
CA VAL D 52 14.92 -52.63 10.37
C VAL D 52 15.77 -52.83 9.10
N ARG D 53 15.12 -53.20 7.99
CA ARG D 53 15.78 -53.30 6.68
C ARG D 53 16.50 -52.01 6.35
N HIS D 54 15.89 -50.87 6.68
CA HIS D 54 16.44 -49.56 6.35
C HIS D 54 17.77 -49.35 7.07
N PHE D 55 17.86 -49.85 8.31
CA PHE D 55 19.09 -49.69 9.09
C PHE D 55 20.24 -50.42 8.43
N PHE D 56 20.03 -51.69 8.09
CA PHE D 56 21.06 -52.44 7.38
C PHE D 56 21.38 -51.90 5.99
N ASP D 57 20.36 -51.47 5.22
CA ASP D 57 20.63 -50.85 3.92
C ASP D 57 21.52 -49.64 4.12
N TYR D 58 21.23 -48.85 5.14
CA TYR D 58 21.94 -47.60 5.35
C TYR D 58 23.41 -47.88 5.64
N LEU D 59 23.65 -48.96 6.36
CA LEU D 59 25.00 -49.41 6.66
C LEU D 59 25.69 -50.04 5.44
N GLY D 60 24.91 -50.29 4.39
CA GLY D 60 25.42 -50.87 3.15
C GLY D 60 25.55 -52.37 3.22
N LEU D 61 24.76 -53.00 4.08
CA LEU D 61 24.83 -54.45 4.29
C LEU D 61 23.64 -55.19 3.70
N ASP D 62 23.91 -56.18 2.85
CA ASP D 62 22.87 -57.06 2.30
C ASP D 62 22.50 -58.14 3.32
N GLU D 63 21.23 -58.55 3.36
CA GLU D 63 20.79 -59.57 4.32
C GLU D 63 21.55 -60.90 4.18
N ARG D 64 21.92 -61.28 2.95
CA ARG D 64 22.70 -62.50 2.71
C ARG D 64 24.04 -62.46 3.43
N GLU D 65 24.51 -61.25 3.71
CA GLU D 65 25.77 -61.04 4.39
C GLU D 65 25.61 -61.12 5.92
N TRP D 66 24.69 -60.34 6.47
CA TRP D 66 24.63 -60.19 7.92
C TRP D 66 23.82 -61.26 8.64
N LEU D 67 22.70 -61.65 8.04
CA LEU D 67 21.72 -62.56 8.67
C LEU D 67 22.28 -63.93 9.09
N PRO D 68 23.06 -64.61 8.21
CA PRO D 68 23.66 -65.88 8.62
C PRO D 68 24.66 -65.74 9.78
N ARG D 69 25.34 -64.61 9.87
CA ARG D 69 26.30 -64.40 10.95
C ARG D 69 25.67 -64.08 12.31
N CYS D 70 24.34 -63.93 12.33
CA CYS D 70 23.62 -63.64 13.57
C CYS D 70 22.57 -64.69 13.88
N ALA D 71 22.80 -65.91 13.40
CA ALA D 71 21.88 -67.05 13.58
C ALA D 71 20.46 -66.67 13.14
N GLY D 72 20.38 -65.87 12.09
CA GLY D 72 19.15 -65.18 11.71
C GLY D 72 18.01 -66.04 11.18
N GLY D 73 16.79 -65.51 11.34
CA GLY D 73 15.59 -66.09 10.74
C GLY D 73 14.68 -65.00 10.21
N TYR D 74 13.58 -65.41 9.58
CA TYR D 74 12.63 -64.46 9.02
C TYR D 74 11.40 -64.24 9.86
N LYS D 75 10.95 -62.99 9.89
CA LYS D 75 9.72 -62.66 10.60
C LYS D 75 8.78 -62.03 9.62
N LEU D 76 7.74 -62.78 9.24
CA LEU D 76 6.70 -62.27 8.34
C LEU D 76 5.61 -61.57 9.15
N GLY D 77 5.60 -61.79 10.45
CA GLY D 77 4.56 -61.26 11.31
C GLY D 77 4.61 -61.94 12.67
N ILE D 78 3.54 -61.78 13.43
CA ILE D 78 3.42 -62.42 14.71
C ILE D 78 2.13 -63.22 14.72
N ARG D 79 2.23 -64.47 15.17
CA ARG D 79 1.07 -65.31 15.42
C ARG D 79 0.60 -65.15 16.87
N PHE D 80 -0.62 -64.67 17.07
CA PHE D 80 -1.18 -64.48 18.41
C PHE D 80 -2.10 -65.62 18.78
N GLU D 81 -1.73 -66.35 19.83
CA GLU D 81 -2.33 -67.64 20.15
C GLU D 81 -2.95 -67.56 21.55
N ASN D 82 -4.21 -68.00 21.67
CA ASN D 82 -4.88 -68.22 22.97
C ASN D 82 -5.26 -66.96 23.72
N TRP D 83 -5.30 -65.81 23.02
CA TRP D 83 -5.63 -64.53 23.66
C TRP D 83 -7.11 -64.40 23.93
N SER D 84 -7.94 -64.93 23.04
CA SER D 84 -9.39 -64.79 23.24
C SER D 84 -10.05 -66.13 23.42
N GLU D 85 -10.54 -66.70 22.32
CA GLU D 85 -11.08 -68.04 22.36
C GLU D 85 -9.91 -69.02 22.52
N PRO D 86 -10.05 -69.99 23.44
CA PRO D 86 -9.02 -70.99 23.66
C PRO D 86 -8.73 -71.73 22.36
N GLY D 87 -7.44 -71.93 22.05
CA GLY D 87 -7.06 -72.61 20.82
C GLY D 87 -7.24 -71.81 19.54
N GLU D 88 -7.80 -70.61 19.63
CA GLU D 88 -7.90 -69.79 18.45
C GLU D 88 -6.67 -68.89 18.32
N TYR D 89 -6.15 -68.79 17.10
CA TYR D 89 -5.05 -67.89 16.83
C TYR D 89 -5.31 -67.02 15.60
N PHE D 90 -4.43 -66.04 15.37
CA PHE D 90 -4.47 -65.22 14.16
C PHE D 90 -3.10 -64.62 13.92
N TYR D 91 -2.91 -64.07 12.73
CA TYR D 91 -1.65 -63.43 12.41
C TYR D 91 -1.76 -61.92 12.36
N HIS D 92 -0.74 -61.25 12.90
CA HIS D 92 -0.52 -59.83 12.65
C HIS D 92 0.69 -59.74 11.72
N PRO D 93 0.45 -59.61 10.40
CA PRO D 93 1.50 -59.70 9.40
C PRO D 93 2.11 -58.36 9.10
N PHE D 94 3.30 -58.36 8.51
CA PHE D 94 3.85 -57.18 7.85
C PHE D 94 3.34 -57.15 6.40
N GLU D 95 2.16 -56.57 6.21
CA GLU D 95 1.54 -56.54 4.89
C GLU D 95 0.39 -55.55 4.90
N ARG D 96 0.39 -54.65 3.93
CA ARG D 96 -0.65 -53.65 3.87
C ARG D 96 -1.91 -54.24 3.29
N LEU D 97 -3.06 -53.73 3.72
CA LEU D 97 -4.34 -54.14 3.16
C LEU D 97 -4.51 -53.54 1.77
N ARG D 98 -5.04 -54.35 0.85
CA ARG D 98 -5.40 -53.84 -0.45
C ARG D 98 -6.68 -53.02 -0.33
N VAL D 99 -6.88 -52.13 -1.31
CA VAL D 99 -8.01 -51.22 -1.32
C VAL D 99 -8.81 -51.44 -2.61
N VAL D 100 -10.12 -51.64 -2.46
CA VAL D 100 -11.03 -51.82 -3.57
C VAL D 100 -12.13 -50.77 -3.45
N ASP D 101 -12.25 -49.96 -4.50
CA ASP D 101 -13.27 -48.92 -4.61
C ASP D 101 -13.33 -48.00 -3.39
N GLY D 102 -12.16 -47.63 -2.86
CA GLY D 102 -12.11 -46.71 -1.73
C GLY D 102 -12.16 -47.34 -0.33
N PHE D 103 -12.37 -48.66 -0.25
CA PHE D 103 -12.41 -49.31 1.05
C PHE D 103 -11.39 -50.42 1.11
N ASN D 104 -10.69 -50.55 2.25
CA ASN D 104 -9.73 -51.64 2.42
C ASN D 104 -10.45 -52.98 2.61
N MET D 105 -9.70 -54.07 2.40
CA MET D 105 -10.27 -55.43 2.42
C MET D 105 -10.88 -55.79 3.76
N ALA D 106 -10.41 -55.18 4.84
CA ALA D 106 -11.03 -55.45 6.15
C ALA D 106 -12.48 -54.97 6.18
N GLU D 107 -12.73 -53.79 5.63
CA GLU D 107 -14.10 -53.29 5.52
C GLU D 107 -14.92 -54.25 4.65
N TRP D 108 -14.35 -54.67 3.53
CA TRP D 108 -15.06 -55.59 2.66
C TRP D 108 -15.30 -56.93 3.35
N TRP D 109 -14.32 -57.37 4.14
CA TRP D 109 -14.40 -58.67 4.79
C TRP D 109 -15.60 -58.68 5.71
N LEU D 110 -15.80 -57.59 6.44
CA LEU D 110 -16.93 -57.48 7.34
C LEU D 110 -18.26 -57.51 6.58
N ALA D 111 -18.25 -57.05 5.34
CA ALA D 111 -19.47 -56.97 4.57
C ALA D 111 -19.77 -58.28 3.82
N VAL D 112 -18.74 -58.88 3.22
CA VAL D 112 -18.94 -59.99 2.28
C VAL D 112 -18.02 -61.21 2.46
N GLY D 113 -17.51 -61.44 3.66
CA GLY D 113 -16.65 -62.61 3.92
C GLY D 113 -17.37 -63.93 4.21
N THR D 117 -13.77 -68.78 7.24
CA THR D 117 -12.51 -68.07 6.96
C THR D 117 -12.27 -66.88 7.92
N SER D 118 -11.11 -66.90 8.58
CA SER D 118 -10.74 -65.80 9.47
C SER D 118 -10.36 -64.54 8.65
N PHE D 119 -10.38 -63.39 9.34
CA PHE D 119 -9.97 -62.14 8.74
C PHE D 119 -8.56 -62.20 8.10
N SER D 120 -7.55 -62.64 8.84
CA SER D 120 -6.17 -62.61 8.33
C SER D 120 -5.96 -63.57 7.17
N GLU D 121 -6.63 -64.72 7.24
CA GLU D 121 -6.58 -65.70 6.15
C GLU D 121 -7.20 -65.15 4.88
N ALA D 122 -8.33 -64.45 5.00
CA ALA D 122 -8.98 -63.86 3.84
C ALA D 122 -8.19 -62.67 3.29
N CYS D 123 -7.61 -61.85 4.18
CA CYS D 123 -7.07 -60.56 3.75
C CYS D 123 -5.59 -60.46 3.43
N TYR D 124 -4.79 -61.44 3.88
CA TYR D 124 -3.35 -61.33 3.70
C TYR D 124 -2.69 -62.56 3.09
N LEU D 125 -1.86 -62.35 2.06
CA LEU D 125 -0.97 -63.40 1.54
C LEU D 125 -0.13 -64.04 2.66
N THR D 126 0.51 -63.19 3.45
CA THR D 126 1.40 -63.59 4.53
C THR D 126 0.82 -64.70 5.39
N HIS D 127 -0.50 -64.71 5.55
CA HIS D 127 -1.15 -65.76 6.36
C HIS D 127 -0.81 -67.15 5.83
N ARG D 128 -0.97 -67.34 4.52
CA ARG D 128 -0.66 -68.61 3.88
C ARG D 128 0.81 -68.93 3.96
N LEU D 129 1.65 -67.94 3.68
CA LEU D 129 3.10 -68.11 3.77
C LEU D 129 3.50 -68.62 5.16
N CYS D 130 2.90 -68.07 6.21
CA CYS D 130 3.18 -68.52 7.57
C CYS D 130 2.74 -69.95 7.81
N GLU D 131 1.51 -70.24 7.44
CA GLU D 131 0.94 -71.59 7.62
C GLU D 131 1.79 -72.66 6.93
N ALA D 132 2.31 -72.33 5.75
CA ALA D 132 3.17 -73.21 4.96
C ALA D 132 4.67 -73.07 5.29
N LYS D 133 5.00 -72.20 6.25
CA LYS D 133 6.40 -72.02 6.68
C LYS D 133 7.34 -71.66 5.52
N ARG D 134 6.87 -70.78 4.63
CA ARG D 134 7.66 -70.32 3.51
C ARG D 134 8.67 -69.22 3.86
N ALA D 135 9.77 -69.21 3.13
CA ALA D 135 10.67 -68.06 3.11
C ALA D 135 10.08 -66.96 2.25
N PRO D 136 10.48 -65.71 2.50
CA PRO D 136 9.94 -64.63 1.67
C PRO D 136 10.70 -64.47 0.35
N ARG D 137 11.68 -65.33 0.13
CA ARG D 137 12.48 -65.25 -1.09
C ARG D 137 12.55 -66.56 -1.85
N MET D 138 12.54 -66.47 -3.17
CA MET D 138 12.80 -67.62 -4.04
C MET D 138 14.25 -67.99 -3.88
N LEU D 139 14.59 -69.22 -4.25
CA LEU D 139 15.97 -69.72 -4.16
C LEU D 139 16.98 -68.88 -4.93
N ASP D 140 16.54 -68.22 -5.99
CA ASP D 140 17.43 -67.33 -6.75
C ASP D 140 17.67 -65.99 -6.05
N GLY D 141 17.00 -65.78 -4.91
CA GLY D 141 17.19 -64.59 -4.10
C GLY D 141 16.12 -63.53 -4.28
N SER D 142 15.26 -63.69 -5.29
CA SER D 142 14.23 -62.69 -5.59
C SER D 142 13.08 -62.70 -4.58
N LEU D 143 12.55 -61.51 -4.33
CA LEU D 143 11.47 -61.25 -3.40
C LEU D 143 10.18 -61.87 -3.93
N PHE D 144 9.36 -62.43 -3.04
CA PHE D 144 8.12 -63.08 -3.46
C PHE D 144 7.13 -62.10 -4.13
N ALA D 145 7.19 -60.82 -3.74
CA ALA D 145 6.32 -59.77 -4.28
C ALA D 145 6.24 -59.73 -5.81
N SER D 146 7.34 -60.12 -6.47
CA SER D 146 7.39 -60.26 -7.94
C SER D 146 7.01 -61.67 -8.40
N GLU D 159 9.80 -49.92 -2.42
CA GLU D 159 9.93 -50.81 -3.57
C GLU D 159 8.68 -51.76 -3.62
N GLN D 160 8.91 -53.04 -3.84
CA GLN D 160 7.90 -54.08 -3.60
C GLN D 160 8.10 -54.60 -2.16
N ARG D 161 9.25 -54.23 -1.59
CA ARG D 161 9.61 -54.51 -0.21
C ARG D 161 8.70 -53.77 0.81
N ALA D 162 8.19 -52.59 0.42
CA ALA D 162 7.28 -51.81 1.28
C ALA D 162 5.90 -52.44 1.40
N GLN D 163 5.48 -53.13 0.34
CA GLN D 163 4.16 -53.76 0.28
C GLN D 163 4.06 -55.00 1.19
N PHE D 164 5.20 -55.71 1.34
CA PHE D 164 5.37 -56.84 2.28
C PHE D 164 6.67 -56.65 3.11
N PRO D 165 6.60 -55.75 4.09
CA PRO D 165 7.83 -55.33 4.73
C PRO D 165 8.24 -56.27 5.87
N TYR D 166 8.67 -57.49 5.51
CA TYR D 166 9.07 -58.48 6.52
C TYR D 166 10.31 -58.07 7.31
N ALA D 167 10.44 -58.66 8.51
CA ALA D 167 11.59 -58.37 9.37
C ALA D 167 12.33 -59.64 9.72
N TYR D 168 13.06 -59.62 10.84
CA TYR D 168 14.00 -60.69 11.18
C TYR D 168 13.91 -61.17 12.62
N HIS D 169 14.40 -62.38 12.82
CA HIS D 169 14.74 -62.90 14.13
C HIS D 169 16.25 -63.04 14.11
N PHE D 170 16.88 -62.72 15.23
CA PHE D 170 18.31 -62.96 15.37
C PHE D 170 18.80 -63.03 16.82
N ASP D 171 20.06 -63.44 16.96
CA ASP D 171 20.75 -63.49 18.23
C ASP D 171 21.32 -62.12 18.58
N ALA D 172 20.90 -61.61 19.74
CA ALA D 172 21.29 -60.26 20.19
C ALA D 172 22.79 -60.11 20.35
N ASP D 173 23.42 -61.11 20.98
CA ASP D 173 24.87 -61.10 21.12
C ASP D 173 25.56 -61.05 19.77
N GLU D 174 25.16 -61.93 18.86
CA GLU D 174 25.79 -62.01 17.57
C GLU D 174 25.70 -60.69 16.79
N VAL D 175 24.51 -60.06 16.78
CA VAL D 175 24.35 -58.81 16.04
C VAL D 175 25.22 -57.71 16.64
N ALA D 176 25.28 -57.61 17.96
CA ALA D 176 26.23 -56.67 18.60
C ALA D 176 27.70 -56.95 18.22
N ARG D 177 28.08 -58.22 18.25
CA ARG D 177 29.43 -58.65 17.90
C ARG D 177 29.73 -58.24 16.45
N TYR D 178 28.77 -58.49 15.57
CA TYR D 178 28.91 -58.17 14.16
C TYR D 178 28.99 -56.66 13.93
N LEU D 179 28.16 -55.89 14.62
CA LEU D 179 28.20 -54.42 14.46
C LEU D 179 29.45 -53.76 15.05
N SER D 180 29.94 -54.27 16.19
CA SER D 180 31.21 -53.76 16.76
C SER D 180 32.33 -53.92 15.74
N GLU D 181 32.31 -55.02 15.02
CA GLU D 181 33.30 -55.27 13.99
C GLU D 181 33.16 -54.25 12.86
N TYR D 182 31.92 -54.04 12.40
CA TYR D 182 31.63 -53.03 11.37
C TYR D 182 32.15 -51.66 11.80
N ALA D 183 31.79 -51.25 13.02
CA ALA D 183 32.10 -49.91 13.54
C ALA D 183 33.59 -49.71 13.81
N ILE D 184 34.23 -50.72 14.43
CA ILE D 184 35.67 -50.68 14.66
C ILE D 184 36.41 -50.62 13.30
N ALA D 185 35.97 -51.42 12.33
CA ALA D 185 36.57 -51.38 10.99
C ALA D 185 36.54 -49.96 10.38
N ARG D 186 35.65 -49.11 10.89
CA ARG D 186 35.48 -47.76 10.35
C ARG D 186 35.95 -46.65 11.28
N GLY D 187 36.77 -47.00 12.26
CA GLY D 187 37.43 -45.99 13.07
C GLY D 187 36.86 -45.70 14.44
N VAL D 188 35.90 -46.50 14.90
CA VAL D 188 35.42 -46.32 16.26
C VAL D 188 36.47 -46.80 17.27
N ARG D 189 36.91 -45.91 18.17
CA ARG D 189 37.81 -46.31 19.25
C ARG D 189 37.04 -47.16 20.26
N HIS D 190 37.59 -48.31 20.62
CA HIS D 190 36.90 -49.25 21.48
C HIS D 190 37.68 -49.32 22.77
N VAL D 191 36.98 -49.10 23.89
CA VAL D 191 37.58 -49.23 25.21
C VAL D 191 36.75 -50.24 26.02
N VAL D 192 37.43 -51.28 26.51
CA VAL D 192 36.79 -52.27 27.38
C VAL D 192 37.22 -51.95 28.81
N ASP D 193 36.28 -51.45 29.60
CA ASP D 193 36.56 -50.95 30.96
C ASP D 193 35.24 -50.59 31.62
N ASP D 194 35.26 -50.39 32.93
CA ASP D 194 34.07 -49.96 33.66
C ASP D 194 34.14 -48.47 33.91
N VAL D 195 33.04 -47.79 33.65
CA VAL D 195 32.91 -46.39 34.03
C VAL D 195 32.54 -46.38 35.50
N GLN D 196 33.32 -45.66 36.29
CA GLN D 196 33.15 -45.65 37.73
C GLN D 196 32.54 -44.38 38.22
N HIS D 197 32.84 -43.29 37.55
CA HIS D 197 32.32 -41.99 37.92
C HIS D 197 32.08 -41.18 36.64
N VAL D 198 30.99 -40.41 36.64
CA VAL D 198 30.68 -39.53 35.54
C VAL D 198 30.90 -38.09 36.00
N GLY D 199 31.84 -37.39 35.35
CA GLY D 199 32.15 -36.01 35.68
C GLY D 199 31.19 -35.00 35.07
N GLN D 200 30.90 -33.94 35.82
CA GLN D 200 30.05 -32.86 35.34
C GLN D 200 30.76 -31.52 35.47
N ASP D 201 30.54 -30.62 34.52
CA ASP D 201 31.07 -29.26 34.67
C ASP D 201 30.16 -28.39 35.53
N GLU D 202 30.47 -27.10 35.58
CA GLU D 202 29.74 -26.19 36.47
C GLU D 202 28.29 -25.94 36.07
N ARG D 203 27.86 -26.47 34.93
CA ARG D 203 26.49 -26.27 34.46
C ARG D 203 25.71 -27.56 34.51
N GLY D 204 26.34 -28.61 34.99
CA GLY D 204 25.68 -29.90 35.07
C GLY D 204 25.84 -30.70 33.80
N TRP D 205 26.60 -30.19 32.85
CA TRP D 205 26.85 -30.94 31.62
C TRP D 205 27.90 -32.02 31.89
N ILE D 206 27.81 -33.12 31.17
CA ILE D 206 28.79 -34.18 31.34
C ILE D 206 30.10 -33.74 30.71
N SER D 207 31.19 -33.86 31.47
CA SER D 207 32.52 -33.45 31.03
C SER D 207 33.37 -34.62 30.61
N GLY D 208 33.13 -35.78 31.24
CA GLY D 208 33.86 -37.00 30.93
C GLY D 208 33.38 -38.20 31.73
N VAL D 209 33.74 -39.39 31.27
CA VAL D 209 33.52 -40.59 32.05
C VAL D 209 34.87 -41.14 32.56
N HIS D 210 34.93 -41.43 33.87
CA HIS D 210 36.17 -41.91 34.51
C HIS D 210 36.18 -43.42 34.57
N THR D 211 37.17 -44.02 33.90
CA THR D 211 37.28 -45.48 33.88
C THR D 211 38.31 -46.03 34.88
N LYS D 212 38.23 -47.32 35.17
CA LYS D 212 39.14 -47.99 36.12
C LYS D 212 40.59 -47.93 35.66
N GLN D 213 40.82 -48.23 34.38
CA GLN D 213 42.17 -48.42 33.86
C GLN D 213 42.53 -47.53 32.65
N HIS D 214 41.62 -46.70 32.18
CA HIS D 214 41.91 -45.86 31.00
C HIS D 214 41.73 -44.37 31.22
N GLY D 215 41.76 -43.93 32.48
CA GLY D 215 41.55 -42.54 32.83
C GLY D 215 40.20 -41.98 32.40
N GLU D 216 40.17 -40.65 32.23
CA GLU D 216 38.96 -39.94 31.82
C GLU D 216 38.80 -39.94 30.31
N ILE D 217 37.60 -40.29 29.85
CA ILE D 217 37.29 -40.21 28.44
C ILE D 217 36.28 -39.09 28.21
N SER D 218 36.63 -38.15 27.34
CA SER D 218 35.83 -36.96 27.11
C SER D 218 35.42 -36.80 25.65
N GLY D 219 34.43 -35.94 25.46
CA GLY D 219 33.90 -35.67 24.13
C GLY D 219 32.81 -34.63 24.24
N ASP D 220 32.23 -34.26 23.10
CA ASP D 220 31.23 -33.20 23.04
C ASP D 220 29.85 -33.72 23.42
N LEU D 221 29.55 -34.92 22.90
CA LEU D 221 28.26 -35.56 23.06
C LEU D 221 28.41 -36.96 23.66
N PHE D 222 27.62 -37.22 24.70
CA PHE D 222 27.59 -38.50 25.36
C PHE D 222 26.29 -39.22 25.05
N VAL D 223 26.43 -40.47 24.61
CA VAL D 223 25.28 -41.30 24.37
C VAL D 223 25.23 -42.35 25.47
N ASP D 224 24.13 -42.39 26.22
CA ASP D 224 23.97 -43.35 27.30
C ASP D 224 23.31 -44.61 26.76
N CYS D 225 24.10 -45.66 26.60
CA CYS D 225 23.62 -46.97 26.16
C CYS D 225 23.89 -48.01 27.26
N THR D 226 23.70 -47.59 28.51
CA THR D 226 23.99 -48.46 29.65
C THR D 226 22.83 -49.36 30.10
N GLY D 227 21.75 -49.44 29.32
CA GLY D 227 20.64 -50.31 29.67
C GLY D 227 19.76 -49.75 30.78
N PHE D 228 18.90 -50.62 31.32
CA PHE D 228 17.94 -50.26 32.39
C PHE D 228 18.48 -49.30 33.46
N ARG D 229 19.78 -49.44 33.68
CA ARG D 229 20.57 -48.72 34.64
C ARG D 229 20.55 -47.19 34.46
N GLY D 230 20.58 -46.76 33.19
CA GLY D 230 20.60 -45.34 32.85
C GLY D 230 21.65 -44.56 33.61
N LEU D 231 22.89 -45.01 33.51
CA LEU D 231 23.98 -44.50 34.35
C LEU D 231 24.16 -42.99 34.20
N LEU D 232 24.10 -42.50 32.94
CA LEU D 232 24.23 -41.09 32.69
C LEU D 232 22.90 -40.36 32.86
N ILE D 233 21.88 -40.80 32.11
CA ILE D 233 20.63 -40.06 32.00
C ILE D 233 19.85 -40.03 33.32
N ASN D 234 19.80 -41.17 34.02
CA ASN D 234 19.12 -41.24 35.31
C ASN D 234 20.01 -41.07 36.55
N GLN D 235 21.11 -41.81 36.63
CA GLN D 235 21.90 -41.80 37.86
C GLN D 235 22.78 -40.55 38.00
N THR D 236 23.23 -40.00 36.87
CA THR D 236 24.02 -38.78 36.91
C THR D 236 23.15 -37.55 36.72
N LEU D 237 22.31 -37.54 35.68
CA LEU D 237 21.57 -36.29 35.33
C LEU D 237 20.24 -36.09 36.06
N GLY D 238 19.76 -37.10 36.75
CA GLY D 238 18.51 -36.96 37.51
C GLY D 238 17.31 -36.94 36.58
N GLY D 239 17.43 -37.58 35.43
CA GLY D 239 16.32 -37.62 34.52
C GLY D 239 15.21 -38.40 35.18
N ARG D 240 13.97 -37.94 35.04
CA ARG D 240 12.85 -38.62 35.64
C ARG D 240 12.33 -39.73 34.74
N PHE D 241 12.13 -40.89 35.32
CA PHE D 241 11.58 -42.04 34.63
C PHE D 241 10.12 -42.18 34.97
N GLN D 242 9.32 -42.32 33.91
CA GLN D 242 7.87 -42.43 33.99
C GLN D 242 7.57 -43.91 33.77
N SER D 243 7.04 -44.53 34.82
CA SER D 243 6.68 -45.94 34.80
C SER D 243 5.33 -46.14 34.08
N PHE D 244 5.22 -47.19 33.27
CA PHE D 244 3.90 -47.58 32.72
C PHE D 244 3.19 -48.69 33.52
N SER D 245 3.69 -49.05 34.70
CA SER D 245 3.13 -50.19 35.47
C SER D 245 1.63 -50.13 35.72
N ASP D 246 1.11 -48.93 35.86
CA ASP D 246 -0.30 -48.72 36.13
C ASP D 246 -1.19 -49.23 34.98
N VAL D 247 -0.67 -49.20 33.75
CA VAL D 247 -1.45 -49.70 32.59
C VAL D 247 -0.86 -50.98 31.97
N LEU D 248 0.41 -51.27 32.26
CA LEU D 248 1.11 -52.45 31.73
C LEU D 248 1.99 -53.09 32.82
N PRO D 249 1.41 -53.97 33.64
CA PRO D 249 2.10 -54.41 34.84
C PRO D 249 3.21 -55.45 34.63
N ASN D 250 3.32 -56.08 33.45
CA ASN D 250 4.40 -57.07 33.25
C ASN D 250 5.77 -56.47 33.59
N ASN D 251 6.54 -57.15 34.43
CA ASN D 251 7.76 -56.56 34.98
C ASN D 251 8.94 -57.53 35.03
N ARG D 252 8.70 -58.76 34.58
CA ARG D 252 9.75 -59.78 34.58
C ARG D 252 9.59 -60.72 33.42
N ALA D 253 10.69 -61.43 33.15
CA ALA D 253 10.75 -62.43 32.10
C ALA D 253 11.66 -63.59 32.52
N VAL D 254 11.31 -64.78 32.06
CA VAL D 254 12.19 -65.91 32.16
C VAL D 254 12.28 -66.56 30.77
N ALA D 255 13.51 -66.80 30.31
CA ALA D 255 13.75 -67.32 28.97
C ALA D 255 14.48 -68.67 28.95
N LEU D 256 14.15 -69.49 27.94
CA LEU D 256 14.87 -70.72 27.65
C LEU D 256 15.30 -70.73 26.20
N ARG D 257 16.48 -71.30 25.94
CA ARG D 257 16.93 -71.58 24.56
C ARG D 257 16.69 -73.06 24.26
N VAL D 258 15.80 -73.36 23.33
CA VAL D 258 15.45 -74.76 23.05
C VAL D 258 15.90 -75.21 21.64
N PRO D 259 16.79 -76.23 21.58
CA PRO D 259 17.15 -76.81 20.29
C PRO D 259 15.92 -77.44 19.61
N ARG D 260 15.83 -77.24 18.31
CA ARG D 260 14.73 -77.75 17.52
C ARG D 260 15.24 -79.03 16.88
N GLU D 261 14.61 -80.16 17.19
CA GLU D 261 15.08 -81.45 16.66
C GLU D 261 14.86 -81.51 15.15
N ASN D 262 13.75 -80.93 14.69
CA ASN D 262 13.45 -80.86 13.27
C ASN D 262 13.84 -79.53 12.66
N ASP D 263 14.53 -79.60 11.51
CA ASP D 263 14.84 -78.40 10.75
C ASP D 263 13.56 -77.82 10.13
N GLU D 264 12.78 -78.67 9.48
CA GLU D 264 11.59 -78.21 8.75
C GLU D 264 10.56 -77.49 9.60
N ASP D 265 10.69 -77.61 10.92
CA ASP D 265 9.76 -76.97 11.83
C ASP D 265 10.02 -75.46 12.00
N MET D 266 11.11 -74.95 11.41
CA MET D 266 11.46 -73.54 11.52
C MET D 266 10.38 -72.68 10.92
N ARG D 267 9.80 -71.83 11.75
CA ARG D 267 8.68 -70.97 11.39
C ARG D 267 9.15 -69.54 11.08
N PRO D 268 8.63 -68.93 9.99
CA PRO D 268 9.08 -67.62 9.55
C PRO D 268 8.26 -66.52 10.22
N TYR D 269 8.08 -66.63 11.54
CA TYR D 269 7.30 -65.68 12.32
C TYR D 269 7.50 -65.90 13.81
N THR D 270 7.21 -64.86 14.56
CA THR D 270 7.28 -64.87 16.01
C THR D 270 5.91 -65.34 16.48
N THR D 271 5.86 -66.05 17.60
CA THR D 271 4.60 -66.49 18.16
C THR D 271 4.44 -65.83 19.52
N ALA D 272 3.24 -65.35 19.82
CA ALA D 272 2.96 -64.76 21.12
C ALA D 272 1.75 -65.49 21.70
N THR D 273 2.03 -66.32 22.70
CA THR D 273 1.03 -67.20 23.26
C THR D 273 0.63 -66.71 24.64
N ALA D 274 -0.64 -66.41 24.79
CA ALA D 274 -1.14 -65.96 26.08
C ALA D 274 -1.04 -67.09 27.12
N MET D 275 -0.44 -66.80 28.28
CA MET D 275 -0.23 -67.76 29.35
C MET D 275 -1.15 -67.39 30.51
N SER D 276 -0.92 -67.99 31.67
CA SER D 276 -1.86 -67.84 32.77
C SER D 276 -1.73 -66.46 33.40
N ALA D 277 -0.53 -65.92 33.40
CA ALA D 277 -0.31 -64.62 34.04
C ALA D 277 0.64 -63.71 33.25
N GLY D 278 0.49 -63.71 31.93
CA GLY D 278 1.38 -62.99 31.03
C GLY D 278 1.32 -63.66 29.68
N TRP D 279 2.41 -63.64 28.93
CA TRP D 279 2.40 -64.30 27.61
C TRP D 279 3.79 -64.77 27.30
N MET D 280 3.90 -65.61 26.28
CA MET D 280 5.17 -66.24 25.97
C MET D 280 5.55 -66.04 24.53
N TRP D 281 6.82 -65.70 24.29
CA TRP D 281 7.31 -65.59 22.93
C TRP D 281 7.93 -66.86 22.45
N THR D 282 7.86 -67.07 21.14
CA THR D 282 8.68 -68.07 20.47
C THR D 282 9.38 -67.35 19.33
N ILE D 283 10.70 -67.26 19.40
CA ILE D 283 11.49 -66.60 18.37
C ILE D 283 12.40 -67.62 17.69
N PRO D 284 12.06 -68.02 16.46
CA PRO D 284 12.81 -69.02 15.71
C PRO D 284 14.12 -68.52 15.13
N LEU D 285 15.22 -68.91 15.75
CA LEU D 285 16.56 -68.70 15.18
C LEU D 285 16.96 -69.85 14.28
N PHE D 286 18.12 -69.75 13.65
CA PHE D 286 18.53 -70.74 12.64
C PHE D 286 18.62 -72.22 13.12
N LYS D 287 19.18 -72.49 14.29
CA LYS D 287 19.28 -73.88 14.75
C LYS D 287 18.44 -74.16 16.02
N ARG D 288 17.86 -73.11 16.59
CA ARG D 288 17.08 -73.17 17.85
C ARG D 288 15.90 -72.18 17.90
N ASP D 289 15.03 -72.39 18.88
CA ASP D 289 13.94 -71.47 19.20
C ASP D 289 14.20 -70.86 20.56
N GLY D 290 14.06 -69.54 20.67
CA GLY D 290 14.05 -68.89 21.97
C GLY D 290 12.61 -68.83 22.46
N ASN D 291 12.42 -69.09 23.75
CA ASN D 291 11.12 -68.97 24.37
C ASN D 291 11.21 -68.15 25.64
N GLY D 292 10.28 -67.22 25.82
CA GLY D 292 10.30 -66.39 27.01
C GLY D 292 8.90 -66.16 27.55
N TYR D 293 8.76 -66.21 28.87
CA TYR D 293 7.49 -65.96 29.50
C TYR D 293 7.60 -64.58 30.15
N VAL D 294 6.86 -63.62 29.58
CA VAL D 294 6.77 -62.28 30.11
C VAL D 294 5.58 -62.27 31.07
N TYR D 295 5.80 -61.82 32.31
CA TYR D 295 4.74 -61.86 33.30
C TYR D 295 4.79 -60.72 34.31
N SER D 296 3.73 -60.61 35.09
CA SER D 296 3.69 -59.72 36.23
C SER D 296 3.91 -60.48 37.54
N ASP D 297 4.91 -60.10 38.32
CA ASP D 297 5.17 -60.81 39.58
C ASP D 297 4.13 -60.50 40.65
N GLU D 298 3.16 -59.64 40.33
CA GLU D 298 2.00 -59.49 41.21
C GLU D 298 1.10 -60.73 41.14
N PHE D 299 1.09 -61.45 40.02
CA PHE D 299 0.14 -62.56 39.82
C PHE D 299 0.77 -63.95 39.83
N ILE D 300 2.10 -64.01 39.69
CA ILE D 300 2.82 -65.26 39.62
C ILE D 300 4.26 -65.03 40.07
N SER D 301 4.83 -65.97 40.83
CA SER D 301 6.23 -65.83 41.29
C SER D 301 7.19 -66.24 40.17
N PRO D 302 8.43 -65.75 40.23
CA PRO D 302 9.44 -66.14 39.24
C PRO D 302 9.59 -67.65 39.13
N GLU D 303 9.46 -68.35 40.27
CA GLU D 303 9.57 -69.79 40.35
C GLU D 303 8.37 -70.46 39.67
N GLU D 304 7.16 -70.01 40.01
CA GLU D 304 5.94 -70.49 39.34
C GLU D 304 6.00 -70.27 37.82
N ALA D 305 6.57 -69.12 37.40
CA ALA D 305 6.69 -68.77 36.00
C ALA D 305 7.66 -69.70 35.26
N GLU D 306 8.81 -69.96 35.86
CA GLU D 306 9.76 -70.92 35.27
C GLU D 306 9.10 -72.28 35.07
N ARG D 307 8.36 -72.73 36.08
CA ARG D 307 7.73 -74.04 36.00
C ARG D 307 6.71 -74.09 34.85
N GLU D 308 5.91 -73.03 34.72
CA GLU D 308 4.88 -72.97 33.67
C GLU D 308 5.49 -72.89 32.26
N LEU D 309 6.57 -72.13 32.13
CA LEU D 309 7.34 -72.09 30.89
C LEU D 309 7.89 -73.47 30.53
N ARG D 310 8.67 -74.06 31.45
CA ARG D 310 9.27 -75.39 31.27
C ARG D 310 8.23 -76.42 30.82
N SER D 311 7.09 -76.46 31.51
CA SER D 311 6.00 -77.41 31.22
C SER D 311 5.49 -77.30 29.80
N THR D 312 5.49 -76.06 29.28
CA THR D 312 4.89 -75.73 28.01
C THR D 312 5.81 -76.04 26.83
N VAL D 313 7.10 -75.78 26.97
CA VAL D 313 8.00 -75.85 25.81
C VAL D 313 9.13 -76.86 25.92
N ALA D 314 9.48 -77.22 27.15
CA ALA D 314 10.59 -78.17 27.36
C ALA D 314 10.42 -79.01 28.65
N PRO D 315 9.37 -79.84 28.71
CA PRO D 315 9.16 -80.64 29.93
C PRO D 315 10.32 -81.64 30.16
N GLY D 316 10.80 -81.69 31.40
CA GLY D 316 11.89 -82.58 31.80
C GLY D 316 13.30 -82.14 31.40
N ARG D 317 13.41 -81.03 30.67
CA ARG D 317 14.70 -80.61 30.11
C ARG D 317 15.49 -79.73 31.07
N ASP D 318 15.80 -80.27 32.25
CA ASP D 318 16.53 -79.50 33.26
C ASP D 318 18.02 -79.28 32.97
N ASP D 319 18.52 -79.91 31.91
CA ASP D 319 19.80 -79.54 31.30
C ASP D 319 19.80 -78.10 30.79
N LEU D 320 18.62 -77.60 30.41
CA LEU D 320 18.50 -76.23 29.87
C LEU D 320 18.33 -75.17 30.95
N GLU D 321 19.27 -74.23 30.96
CA GLU D 321 19.31 -73.15 31.93
C GLU D 321 18.26 -72.05 31.65
N ALA D 322 17.60 -71.62 32.71
CA ALA D 322 16.62 -70.54 32.64
C ALA D 322 17.27 -69.19 32.93
N ASN D 323 16.95 -68.20 32.11
CA ASN D 323 17.49 -66.85 32.24
C ASN D 323 16.39 -65.94 32.78
N HIS D 324 16.62 -65.36 33.96
CA HIS D 324 15.63 -64.49 34.62
C HIS D 324 16.05 -63.04 34.51
N ILE D 325 15.07 -62.19 34.16
CA ILE D 325 15.35 -60.77 33.92
C ILE D 325 14.25 -59.94 34.56
N GLN D 326 14.66 -58.86 35.25
CA GLN D 326 13.71 -57.80 35.62
C GLN D 326 13.69 -56.69 34.55
N MET D 327 12.51 -56.19 34.25
CA MET D 327 12.37 -55.17 33.19
C MET D 327 11.98 -53.82 33.77
N ARG D 328 12.64 -52.75 33.33
CA ARG D 328 12.19 -51.40 33.68
C ARG D 328 11.25 -50.93 32.56
N ILE D 329 9.95 -50.83 32.85
CA ILE D 329 8.92 -50.55 31.84
C ILE D 329 8.46 -49.11 31.88
N GLY D 330 8.66 -48.39 30.78
CA GLY D 330 8.25 -46.98 30.72
C GLY D 330 9.25 -46.18 29.92
N ARG D 331 9.39 -44.90 30.25
CA ARG D 331 10.30 -44.06 29.48
C ARG D 331 10.70 -42.91 30.35
N ASN D 332 11.91 -42.42 30.08
CA ASN D 332 12.34 -41.12 30.57
C ASN D 332 11.49 -40.00 30.01
N GLU D 333 11.19 -38.99 30.84
CA GLU D 333 10.48 -37.77 30.38
C GLU D 333 11.20 -37.14 29.21
N ARG D 334 12.52 -37.03 29.33
CA ARG D 334 13.38 -36.53 28.27
C ARG D 334 14.51 -37.52 28.10
N THR D 335 14.72 -38.02 26.87
CA THR D 335 15.84 -38.89 26.62
C THR D 335 17.10 -38.11 26.26
N TRP D 336 16.95 -36.82 26.00
CA TRP D 336 18.09 -35.95 25.72
C TRP D 336 18.08 -34.84 26.75
N ILE D 337 19.06 -34.88 27.66
CA ILE D 337 19.28 -33.84 28.64
C ILE D 337 20.72 -33.31 28.52
N ASN D 338 20.87 -31.98 28.57
CA ASN D 338 22.17 -31.35 28.35
C ASN D 338 22.86 -31.95 27.12
N ASN D 339 24.07 -32.48 27.30
CA ASN D 339 24.83 -33.08 26.20
C ASN D 339 24.80 -34.60 26.28
N CYS D 340 23.73 -35.13 26.86
CA CYS D 340 23.58 -36.56 26.94
C CYS D 340 22.28 -37.05 26.27
N VAL D 341 22.40 -38.02 25.37
CA VAL D 341 21.22 -38.65 24.79
C VAL D 341 21.17 -40.13 25.15
N ALA D 342 20.03 -40.59 25.67
CA ALA D 342 19.86 -41.99 25.99
C ALA D 342 19.30 -42.75 24.78
N VAL D 343 19.92 -43.88 24.45
CA VAL D 343 19.44 -44.69 23.33
C VAL D 343 19.28 -46.12 23.83
N GLY D 344 18.14 -46.75 23.59
CA GLY D 344 17.92 -48.13 24.08
C GLY D 344 17.23 -48.14 25.44
N LEU D 345 17.50 -49.19 26.21
CA LEU D 345 16.80 -49.46 27.45
C LEU D 345 17.05 -48.38 28.51
N SER D 346 18.14 -47.64 28.36
CA SER D 346 18.34 -46.47 29.21
C SER D 346 17.27 -45.42 28.96
N ALA D 347 16.73 -45.39 27.74
CA ALA D 347 15.79 -44.34 27.33
C ALA D 347 14.39 -44.75 27.69
N ALA D 348 14.04 -45.99 27.34
CA ALA D 348 12.66 -46.44 27.46
C ALA D 348 12.61 -47.92 27.22
N PHE D 349 11.48 -48.54 27.55
CA PHE D 349 11.26 -49.94 27.22
C PHE D 349 9.83 -50.32 27.52
N VAL D 350 9.27 -51.11 26.61
CA VAL D 350 8.00 -51.74 26.86
C VAL D 350 8.19 -53.25 26.63
N GLU D 351 7.33 -54.10 27.20
CA GLU D 351 7.41 -55.56 26.97
C GLU D 351 7.45 -55.85 25.48
N PRO D 352 8.14 -56.93 25.06
CA PRO D 352 8.37 -57.21 23.64
C PRO D 352 7.21 -57.83 22.90
N LEU D 353 6.00 -57.47 23.29
CA LEU D 353 4.79 -58.02 22.69
C LEU D 353 4.67 -57.70 21.19
N GLU D 354 5.23 -56.57 20.77
CA GLU D 354 5.27 -56.21 19.34
C GLU D 354 6.66 -55.92 18.83
N SER D 355 7.70 -56.48 19.47
CA SER D 355 9.09 -56.38 19.00
C SER D 355 9.56 -54.96 18.70
N THR D 356 9.55 -54.10 19.72
CA THR D 356 9.84 -52.68 19.51
C THR D 356 11.19 -52.16 19.98
N GLY D 357 11.92 -52.98 20.74
CA GLY D 357 13.19 -52.58 21.36
C GLY D 357 14.21 -52.05 20.37
N ILE D 358 14.46 -52.82 19.31
CA ILE D 358 15.43 -52.40 18.31
C ILE D 358 14.86 -51.28 17.42
N PHE D 359 13.55 -51.30 17.22
CA PHE D 359 12.86 -50.20 16.57
C PHE D 359 13.11 -48.88 17.32
N PHE D 360 12.86 -48.85 18.62
CA PHE D 360 13.19 -47.68 19.42
C PHE D 360 14.66 -47.24 19.26
N ILE D 361 15.59 -48.20 19.21
CA ILE D 361 16.99 -47.85 19.05
C ILE D 361 17.22 -47.19 17.71
N GLN D 362 16.81 -47.86 16.64
CA GLN D 362 16.99 -47.33 15.28
C GLN D 362 16.37 -45.95 15.10
N HIS D 363 15.13 -45.77 15.53
CA HIS D 363 14.48 -44.47 15.37
C HIS D 363 15.18 -43.40 16.17
N ALA D 364 15.56 -43.70 17.42
CA ALA D 364 16.25 -42.71 18.25
C ALA D 364 17.51 -42.24 17.55
N ILE D 365 18.18 -43.17 16.85
CA ILE D 365 19.46 -42.92 16.20
C ILE D 365 19.25 -42.12 14.92
N GLU D 366 18.33 -42.59 14.07
CA GLU D 366 17.98 -41.85 12.84
C GLU D 366 17.64 -40.41 13.25
N GLN D 367 16.84 -40.27 14.30
CA GLN D 367 16.43 -38.92 14.70
C GLN D 367 17.54 -38.13 15.36
N LEU D 368 18.52 -38.84 15.95
CA LEU D 368 19.70 -38.16 16.52
C LEU D 368 20.51 -37.59 15.39
N VAL D 369 20.66 -38.34 14.30
CA VAL D 369 21.33 -37.79 13.15
C VAL D 369 20.59 -36.54 12.65
N LYS D 370 19.25 -36.59 12.59
CA LYS D 370 18.47 -35.45 12.07
C LYS D 370 18.57 -34.25 13.00
N HIS D 371 18.63 -34.53 14.30
CA HIS D 371 18.69 -33.49 15.31
C HIS D 371 20.12 -33.31 15.83
N PHE D 372 21.10 -33.78 15.07
CA PHE D 372 22.49 -33.65 15.51
C PHE D 372 22.84 -32.21 15.90
N PRO D 373 23.50 -32.04 17.06
CA PRO D 373 23.78 -30.69 17.55
C PRO D 373 24.94 -30.03 16.84
N GLY D 374 24.85 -28.73 16.64
CA GLY D 374 26.00 -27.93 16.19
C GLY D 374 26.68 -27.37 17.43
N GLU D 375 27.69 -26.54 17.19
CA GLU D 375 28.42 -25.91 18.30
C GLU D 375 27.52 -25.01 19.19
N ARG D 376 26.42 -24.51 18.61
CA ARG D 376 25.36 -23.89 19.38
C ARG D 376 24.27 -24.95 19.57
N TRP D 377 24.31 -25.59 20.74
CA TRP D 377 23.32 -26.55 21.17
C TRP D 377 21.99 -25.81 21.12
N ASP D 378 21.06 -26.31 20.34
CA ASP D 378 19.82 -25.62 20.12
C ASP D 378 18.72 -26.29 20.99
N PRO D 379 18.29 -25.61 22.05
CA PRO D 379 17.29 -26.18 22.93
C PRO D 379 15.95 -26.41 22.26
N VAL D 380 15.62 -25.62 21.23
CA VAL D 380 14.38 -25.84 20.50
C VAL D 380 14.51 -27.12 19.68
N LEU D 381 15.66 -27.36 19.05
CA LEU D 381 15.90 -28.62 18.31
C LEU D 381 15.86 -29.84 19.24
N ILE D 382 16.43 -29.70 20.41
CA ILE D 382 16.53 -30.80 21.37
C ILE D 382 15.11 -31.18 21.89
N SER D 383 14.32 -30.15 22.18
CA SER D 383 12.96 -30.34 22.60
C SER D 383 12.11 -31.03 21.50
N ALA D 384 12.35 -30.68 20.23
CA ALA D 384 11.70 -31.40 19.14
C ALA D 384 12.09 -32.88 19.15
N TYR D 385 13.36 -33.18 19.41
CA TYR D 385 13.83 -34.55 19.47
C TYR D 385 13.10 -35.25 20.60
N ASN D 386 13.06 -34.64 21.78
CA ASN D 386 12.41 -35.22 22.95
C ASN D 386 10.92 -35.50 22.72
N GLU D 387 10.19 -34.59 22.07
CA GLU D 387 8.78 -34.85 21.71
C GLU D 387 8.65 -36.07 20.83
N ARG D 388 9.46 -36.15 19.78
CA ARG D 388 9.42 -37.32 18.92
C ARG D 388 9.63 -38.63 19.72
N MET D 389 10.60 -38.64 20.63
CA MET D 389 10.89 -39.87 21.37
C MET D 389 9.74 -40.20 22.32
N ALA D 390 9.15 -39.16 22.91
CA ALA D 390 8.00 -39.40 23.79
C ALA D 390 6.84 -40.04 23.03
N HIS D 391 6.52 -39.48 21.85
CA HIS D 391 5.39 -39.95 21.04
C HIS D 391 5.65 -41.37 20.54
N MET D 392 6.87 -41.64 20.15
CA MET D 392 7.20 -42.96 19.64
C MET D 392 6.79 -44.05 20.67
N VAL D 393 7.17 -43.86 21.93
CA VAL D 393 6.92 -44.85 22.95
C VAL D 393 5.47 -44.78 23.42
N ASP D 394 4.92 -43.57 23.56
CA ASP D 394 3.54 -43.45 24.04
C ASP D 394 2.56 -44.08 23.06
N GLY D 395 2.85 -44.03 21.76
CA GLY D 395 2.00 -44.62 20.75
C GLY D 395 2.04 -46.11 20.90
N VAL D 396 3.23 -46.68 21.07
CA VAL D 396 3.35 -48.11 21.25
C VAL D 396 2.72 -48.56 22.56
N LYS D 397 2.92 -47.80 23.63
CA LYS D 397 2.30 -48.15 24.91
C LYS D 397 0.78 -48.30 24.71
N GLU D 398 0.17 -47.31 24.06
CA GLU D 398 -1.26 -47.35 23.83
C GLU D 398 -1.67 -48.57 22.99
N PHE D 399 -0.92 -48.86 21.95
CA PHE D 399 -1.18 -50.01 21.09
C PHE D 399 -1.09 -51.31 21.92
N LEU D 400 -0.11 -51.40 22.79
CA LEU D 400 0.02 -52.56 23.65
C LEU D 400 -1.16 -52.73 24.62
N VAL D 401 -1.59 -51.64 25.25
CA VAL D 401 -2.72 -51.77 26.15
C VAL D 401 -3.92 -52.31 25.38
N LEU D 402 -4.08 -51.88 24.12
CA LEU D 402 -5.14 -52.38 23.24
C LEU D 402 -5.10 -53.91 23.16
N HIS D 403 -3.89 -54.49 23.15
CA HIS D 403 -3.80 -55.97 23.08
C HIS D 403 -4.49 -56.61 24.31
N TYR D 404 -4.20 -56.08 25.48
CA TYR D 404 -4.82 -56.59 26.71
C TYR D 404 -6.30 -56.32 26.80
N LYS D 405 -6.74 -55.17 26.26
CA LYS D 405 -8.16 -54.86 26.26
C LYS D 405 -8.91 -55.69 25.25
N GLY D 406 -8.23 -56.07 24.18
CA GLY D 406 -8.87 -56.88 23.15
C GLY D 406 -9.00 -58.34 23.53
N ALA D 407 -8.10 -58.82 24.37
CA ALA D 407 -8.07 -60.22 24.77
C ALA D 407 -9.39 -60.54 25.46
N GLN D 408 -10.06 -61.58 24.98
CA GLN D 408 -11.35 -61.92 25.53
C GLN D 408 -11.33 -62.88 26.72
N ARG D 409 -10.22 -63.63 26.88
CA ARG D 409 -10.10 -64.63 27.95
C ARG D 409 -10.15 -63.95 29.32
N GLU D 410 -10.83 -64.60 30.27
CA GLU D 410 -11.03 -64.08 31.62
C GLU D 410 -10.92 -65.20 32.64
N ASP D 411 -9.94 -66.08 32.46
CA ASP D 411 -9.90 -67.36 33.17
C ASP D 411 -9.01 -67.38 34.42
N THR D 412 -8.11 -66.41 34.55
CA THR D 412 -7.27 -66.35 35.73
C THR D 412 -7.40 -64.94 36.31
N PRO D 413 -6.98 -64.75 37.59
CA PRO D 413 -7.01 -63.38 38.13
C PRO D 413 -6.27 -62.34 37.27
N TYR D 414 -5.20 -62.73 36.61
CA TYR D 414 -4.45 -61.85 35.71
C TYR D 414 -5.34 -61.31 34.57
N TRP D 415 -6.07 -62.20 33.90
CA TRP D 415 -6.88 -61.79 32.76
C TRP D 415 -8.12 -61.02 33.20
N LYS D 416 -8.65 -61.35 34.37
CA LYS D 416 -9.75 -60.58 34.93
C LYS D 416 -9.32 -59.15 35.26
N ALA D 417 -8.10 -59.00 35.77
CA ALA D 417 -7.57 -57.71 36.11
C ALA D 417 -7.23 -56.89 34.84
N ALA D 418 -6.75 -57.55 33.79
CA ALA D 418 -6.44 -56.86 32.55
C ALA D 418 -7.70 -56.22 31.97
N LYS D 419 -8.85 -56.87 32.20
CA LYS D 419 -10.11 -56.37 31.69
C LYS D 419 -10.53 -55.03 32.34
N THR D 420 -10.19 -54.82 33.61
CA THR D 420 -10.69 -53.66 34.31
C THR D 420 -9.62 -52.60 34.58
N ARG D 421 -8.38 -52.92 34.26
CA ARG D 421 -7.25 -52.03 34.49
C ARG D 421 -7.40 -50.71 33.73
N ALA D 422 -6.99 -49.63 34.39
CA ALA D 422 -6.94 -48.30 33.83
C ALA D 422 -6.22 -48.25 32.47
N MET D 423 -6.59 -47.27 31.63
CA MET D 423 -6.09 -47.14 30.26
C MET D 423 -5.38 -45.81 30.06
N PRO D 424 -4.43 -45.75 29.11
CA PRO D 424 -3.94 -44.40 28.71
C PRO D 424 -5.08 -43.55 28.16
N ASP D 425 -4.92 -42.22 28.29
CA ASP D 425 -5.83 -41.25 27.71
C ASP D 425 -5.92 -41.53 26.22
N GLY D 426 -7.13 -41.53 25.69
CA GLY D 426 -7.30 -41.68 24.27
C GLY D 426 -7.70 -43.08 23.84
N LEU D 427 -7.36 -44.08 24.65
CA LEU D 427 -7.70 -45.43 24.28
C LEU D 427 -9.18 -45.77 24.43
N ALA D 428 -9.83 -45.21 25.45
CA ALA D 428 -11.28 -45.39 25.60
C ALA D 428 -11.99 -44.99 24.33
N ARG D 429 -11.65 -43.81 23.80
CA ARG D 429 -12.24 -43.31 22.57
C ARG D 429 -12.00 -44.28 21.41
N LYS D 430 -10.79 -44.77 21.27
CA LYS D 430 -10.49 -45.68 20.17
C LYS D 430 -11.29 -46.98 20.28
N LEU D 431 -11.56 -47.41 21.51
CA LEU D 431 -12.40 -48.59 21.72
C LEU D 431 -13.87 -48.37 21.42
N GLU D 432 -14.42 -47.22 21.82
CA GLU D 432 -15.76 -46.85 21.36
C GLU D 432 -15.86 -46.87 19.84
N LEU D 433 -14.91 -46.20 19.15
CA LEU D 433 -14.96 -46.13 17.71
C LEU D 433 -14.99 -47.53 17.14
N SER D 434 -14.10 -48.37 17.65
CA SER D 434 -13.89 -49.74 17.16
C SER D 434 -15.11 -50.66 17.23
N ALA D 435 -15.99 -50.39 18.20
CA ALA D 435 -17.21 -51.17 18.35
C ALA D 435 -18.23 -50.78 17.27
N SER D 436 -18.05 -49.59 16.68
CA SER D 436 -18.95 -49.09 15.65
C SER D 436 -18.35 -49.33 14.28
N HIS D 437 -17.05 -49.03 14.09
CA HIS D 437 -16.44 -49.15 12.76
C HIS D 437 -14.93 -49.23 12.92
N LEU D 438 -14.23 -49.51 11.83
CA LEU D 438 -12.78 -49.64 11.89
C LEU D 438 -12.05 -48.33 12.12
N LEU D 439 -10.99 -48.39 12.93
CA LEU D 439 -10.04 -47.31 13.08
C LEU D 439 -9.40 -47.03 11.72
N ASP D 440 -8.93 -45.80 11.54
CA ASP D 440 -8.21 -45.43 10.33
C ASP D 440 -7.13 -44.42 10.69
N GLU D 441 -6.48 -43.87 9.66
CA GLU D 441 -5.36 -42.99 9.80
C GLU D 441 -5.65 -41.80 10.71
N GLN D 442 -6.91 -41.37 10.72
CA GLN D 442 -7.29 -40.20 11.48
C GLN D 442 -7.60 -40.55 12.93
N THR D 443 -7.85 -41.82 13.24
CA THR D 443 -8.34 -42.17 14.58
C THR D 443 -7.41 -43.09 15.36
N ILE D 444 -6.36 -43.59 14.72
CA ILE D 444 -5.30 -44.24 15.52
C ILE D 444 -4.44 -43.16 16.24
N TYR D 445 -3.41 -43.59 16.95
CA TYR D 445 -2.47 -42.64 17.56
C TYR D 445 -1.81 -41.78 16.45
N PRO D 446 -1.90 -40.44 16.58
CA PRO D 446 -1.60 -39.60 15.41
C PRO D 446 -0.11 -39.33 15.12
N TYR D 447 0.77 -39.58 16.09
CA TYR D 447 2.18 -39.29 15.89
C TYR D 447 2.94 -40.55 15.54
N TYR D 448 4.10 -40.39 14.95
CA TYR D 448 4.83 -41.58 14.49
C TYR D 448 5.17 -42.50 15.66
N HIS D 449 4.81 -43.78 15.53
CA HIS D 449 5.09 -44.79 16.55
C HIS D 449 5.36 -46.13 15.87
N GLY D 450 5.88 -46.08 14.65
CA GLY D 450 6.17 -47.31 13.89
C GLY D 450 4.95 -47.91 13.20
N PHE D 451 3.92 -48.22 13.97
CA PHE D 451 2.75 -48.90 13.41
C PHE D 451 1.82 -48.04 12.57
N GLU D 452 1.19 -48.66 11.57
CA GLU D 452 0.26 -48.01 10.66
C GLU D 452 -1.13 -48.49 10.99
N THR D 453 -2.11 -47.91 10.29
CA THR D 453 -3.52 -48.28 10.47
C THR D 453 -3.76 -49.80 10.43
N TYR D 454 -3.19 -50.52 9.46
CA TYR D 454 -3.55 -51.95 9.33
C TYR D 454 -3.22 -52.74 10.60
N SER D 455 -2.11 -52.40 11.26
CA SER D 455 -1.75 -53.01 12.53
C SER D 455 -2.80 -52.80 13.62
N TRP D 456 -3.28 -51.56 13.78
CA TRP D 456 -4.35 -51.35 14.76
C TRP D 456 -5.62 -52.16 14.45
N ILE D 457 -6.01 -52.19 13.19
CA ILE D 457 -7.21 -52.89 12.72
C ILE D 457 -7.05 -54.38 12.91
N THR D 458 -5.88 -54.90 12.53
CA THR D 458 -5.64 -56.32 12.55
C THR D 458 -5.70 -56.83 13.99
N MET D 459 -5.10 -56.11 14.91
CA MET D 459 -5.17 -56.52 16.30
C MET D 459 -6.61 -56.52 16.79
N ASN D 460 -7.37 -55.46 16.52
CA ASN D 460 -8.77 -55.44 16.91
C ASN D 460 -9.56 -56.62 16.36
N LEU D 461 -9.43 -56.90 15.06
CA LEU D 461 -10.23 -57.95 14.42
C LEU D 461 -9.82 -59.34 14.91
N GLY D 462 -8.51 -59.55 15.05
CA GLY D 462 -8.00 -60.82 15.51
C GLY D 462 -8.38 -61.11 16.95
N LEU D 463 -8.27 -60.10 17.82
CA LEU D 463 -8.63 -60.28 19.23
C LEU D 463 -10.13 -60.33 19.49
N GLY D 464 -10.92 -59.72 18.59
CA GLY D 464 -12.37 -59.79 18.71
C GLY D 464 -13.07 -58.48 18.96
N ILE D 465 -12.36 -57.37 18.77
CA ILE D 465 -13.02 -56.07 18.81
C ILE D 465 -13.45 -55.77 17.39
N VAL D 466 -14.71 -56.08 17.10
CA VAL D 466 -15.24 -56.12 15.76
C VAL D 466 -16.43 -55.18 15.65
N PRO D 467 -16.54 -54.41 14.54
CA PRO D 467 -17.74 -53.55 14.44
C PRO D 467 -19.01 -54.38 14.55
N GLU D 468 -20.02 -53.80 15.20
CA GLU D 468 -21.30 -54.45 15.38
C GLU D 468 -21.87 -54.89 14.02
N ARG D 469 -21.75 -54.01 13.01
CA ARG D 469 -22.23 -54.30 11.64
C ARG D 469 -21.21 -53.76 10.62
N PRO D 470 -21.30 -54.24 9.38
CA PRO D 470 -20.45 -53.71 8.30
C PRO D 470 -20.70 -52.22 8.07
N ARG D 471 -19.78 -51.57 7.37
CA ARG D 471 -20.01 -50.19 7.01
C ARG D 471 -21.20 -50.00 6.06
N PRO D 472 -22.19 -49.19 6.48
CA PRO D 472 -23.44 -49.12 5.74
C PRO D 472 -23.26 -48.73 4.27
N ALA D 473 -22.30 -47.88 3.94
CA ALA D 473 -22.02 -47.53 2.54
C ALA D 473 -21.88 -48.76 1.63
N LEU D 474 -21.31 -49.82 2.19
CA LEU D 474 -20.99 -50.99 1.39
C LEU D 474 -22.23 -51.69 0.82
N LEU D 475 -23.35 -51.63 1.55
CA LEU D 475 -24.60 -52.22 1.08
C LEU D 475 -25.11 -51.52 -0.18
N HIS D 476 -24.72 -50.27 -0.37
CA HIS D 476 -25.11 -49.49 -1.56
C HIS D 476 -24.16 -49.67 -2.75
N MET D 477 -23.22 -50.59 -2.64
CA MET D 477 -22.18 -50.74 -3.65
C MET D 477 -22.14 -52.13 -4.25
N ASP D 478 -21.53 -52.24 -5.42
CA ASP D 478 -21.40 -53.51 -6.11
C ASP D 478 -20.29 -54.32 -5.42
N PRO D 479 -20.63 -55.49 -4.86
CA PRO D 479 -19.62 -56.30 -4.15
C PRO D 479 -18.66 -57.08 -5.06
N ALA D 480 -18.92 -57.10 -6.36
CA ALA D 480 -18.19 -57.97 -7.29
C ALA D 480 -16.67 -57.76 -7.30
N PRO D 481 -16.22 -56.49 -7.40
CA PRO D 481 -14.76 -56.26 -7.41
C PRO D 481 -14.03 -56.75 -6.14
N ALA D 482 -14.64 -56.54 -4.97
CA ALA D 482 -14.10 -57.05 -3.71
C ALA D 482 -14.04 -58.57 -3.67
N LEU D 483 -15.14 -59.22 -4.06
CA LEU D 483 -15.18 -60.69 -4.14
C LEU D 483 -14.08 -61.22 -5.07
N ALA D 484 -13.83 -60.50 -6.16
CA ALA D 484 -12.81 -60.88 -7.12
C ALA D 484 -11.44 -60.74 -6.46
N GLU D 485 -11.25 -59.66 -5.74
CA GLU D 485 -10.01 -59.45 -5.02
C GLU D 485 -9.74 -60.52 -3.96
N PHE D 486 -10.77 -60.92 -3.22
CA PHE D 486 -10.60 -62.01 -2.28
C PHE D 486 -10.15 -63.30 -2.97
N GLU D 487 -10.72 -63.56 -4.15
CA GLU D 487 -10.35 -64.72 -4.97
C GLU D 487 -8.92 -64.62 -5.48
N ARG D 488 -8.52 -63.44 -5.94
CA ARG D 488 -7.14 -63.19 -6.32
C ARG D 488 -6.18 -63.53 -5.17
N LEU D 489 -6.50 -63.06 -3.97
CA LEU D 489 -5.68 -63.29 -2.80
C LEU D 489 -5.52 -64.78 -2.48
N ARG D 490 -6.61 -65.53 -2.58
CA ARG D 490 -6.56 -66.96 -2.31
C ARG D 490 -5.74 -67.68 -3.38
N ARG D 491 -5.93 -67.25 -4.62
CA ARG D 491 -5.21 -67.78 -5.77
C ARG D 491 -3.70 -67.50 -5.71
N GLU D 492 -3.35 -66.23 -5.52
CA GLU D 492 -1.95 -65.82 -5.42
C GLU D 492 -1.27 -66.52 -4.25
N GLY D 493 -2.01 -66.72 -3.16
CA GLY D 493 -1.52 -67.49 -2.01
C GLY D 493 -1.14 -68.92 -2.40
N ASP D 494 -2.10 -69.64 -2.99
CA ASP D 494 -1.87 -70.99 -3.50
C ASP D 494 -0.58 -71.07 -4.32
N GLU D 495 -0.40 -70.12 -5.23
CA GLU D 495 0.74 -70.13 -6.14
C GLU D 495 2.06 -69.88 -5.43
N LEU D 496 2.05 -68.96 -4.48
CA LEU D 496 3.27 -68.62 -3.77
C LEU D 496 3.79 -69.75 -2.91
N ILE D 497 2.90 -70.49 -2.23
CA ILE D 497 3.35 -71.58 -1.37
C ILE D 497 3.86 -72.78 -2.18
N ALA D 498 3.41 -72.87 -3.43
CA ALA D 498 3.90 -73.90 -4.33
C ALA D 498 5.28 -73.53 -4.88
N ALA D 499 5.54 -72.24 -5.07
CA ALA D 499 6.80 -71.78 -5.68
C ALA D 499 7.95 -71.52 -4.70
N LEU D 500 7.62 -71.16 -3.46
CA LEU D 500 8.63 -70.72 -2.49
C LEU D 500 9.26 -71.88 -1.73
N PRO D 501 10.57 -71.76 -1.42
CA PRO D 501 11.22 -72.72 -0.54
C PRO D 501 10.75 -72.51 0.90
N SER D 502 11.05 -73.47 1.77
CA SER D 502 10.73 -73.29 3.18
C SER D 502 11.63 -72.21 3.77
N CYS D 503 11.27 -71.75 4.97
CA CYS D 503 12.04 -70.77 5.70
C CYS D 503 13.46 -71.31 5.88
N TYR D 504 13.58 -72.51 6.44
CA TYR D 504 14.89 -73.16 6.62
C TYR D 504 15.64 -73.38 5.29
N GLU D 505 14.94 -73.86 4.26
CA GLU D 505 15.57 -74.12 2.97
C GLU D 505 16.33 -72.91 2.49
N TYR D 506 15.66 -71.77 2.43
CA TYR D 506 16.32 -70.59 1.91
C TYR D 506 17.51 -70.20 2.79
N LEU D 507 17.32 -70.25 4.11
CA LEU D 507 18.37 -69.83 5.03
C LEU D 507 19.62 -70.73 4.90
N ALA D 508 19.39 -72.04 4.80
CA ALA D 508 20.48 -72.99 4.60
C ALA D 508 21.27 -72.69 3.34
N SER D 509 20.59 -72.20 2.30
CA SER D 509 21.23 -71.94 1.01
C SER D 509 22.12 -70.69 0.99
N ILE D 510 22.05 -69.88 2.05
CA ILE D 510 22.86 -68.66 2.10
C ILE D 510 23.88 -68.64 3.25
N GLN D 511 23.89 -69.70 4.05
CA GLN D 511 24.84 -69.81 5.17
C GLN D 511 26.28 -69.74 4.67
PA FAD E . -24.07 -21.12 -2.69
O1A FAD E . -24.42 -19.85 -1.97
O2A FAD E . -23.28 -20.93 -3.94
O5B FAD E . -25.43 -21.91 -3.02
C5B FAD E . -26.55 -21.85 -2.17
C4B FAD E . -27.70 -22.54 -2.88
O4B FAD E . -28.76 -22.74 -1.97
C3B FAD E . -28.26 -21.71 -4.03
O3B FAD E . -28.46 -22.59 -5.09
C2B FAD E . -29.57 -21.21 -3.47
O2B FAD E . -30.55 -21.01 -4.44
C1B FAD E . -29.96 -22.35 -2.56
N9A FAD E . -30.93 -21.95 -1.55
C8A FAD E . -30.74 -21.12 -0.49
N7A FAD E . -31.90 -21.04 0.17
C5A FAD E . -32.83 -21.81 -0.44
C6A FAD E . -34.16 -22.10 -0.18
N6A FAD E . -34.83 -21.53 0.81
N1A FAD E . -34.84 -22.95 -1.04
C2A FAD E . -34.21 -23.54 -2.12
N3A FAD E . -32.90 -23.24 -2.36
C4A FAD E . -32.22 -22.39 -1.53
N1 FAD E . -13.80 -21.84 -3.25
C2 FAD E . -12.75 -22.42 -3.91
O2 FAD E . -12.67 -23.65 -3.91
N3 FAD E . -11.86 -21.61 -4.59
C4 FAD E . -11.98 -20.22 -4.58
O4 FAD E . -11.14 -19.55 -5.19
C4X FAD E . -13.05 -19.66 -3.85
N5 FAD E . -13.24 -18.29 -3.79
C5X FAD E . -14.29 -17.75 -3.09
C6 FAD E . -14.43 -16.39 -3.02
C7 FAD E . -15.47 -15.81 -2.31
C7M FAD E . -15.57 -14.31 -2.31
C8 FAD E . -16.39 -16.63 -1.65
C8M FAD E . -17.56 -16.05 -0.86
C9 FAD E . -16.24 -18.01 -1.72
C9A FAD E . -15.19 -18.59 -2.43
N10 FAD E . -15.01 -19.96 -2.48
C10 FAD E . -13.95 -20.48 -3.19
C1' FAD E . -16.05 -20.87 -1.90
C2' FAD E . -17.07 -21.29 -2.95
O2' FAD E . -17.86 -20.18 -3.25
C3' FAD E . -17.96 -22.41 -2.44
O3' FAD E . -17.17 -23.35 -1.76
C4' FAD E . -18.77 -23.13 -3.53
O4' FAD E . -19.13 -22.32 -4.62
C5' FAD E . -20.04 -23.69 -2.95
O5' FAD E . -20.88 -22.74 -2.36
P FAD E . -22.30 -23.30 -1.87
O1P FAD E . -22.82 -24.29 -2.91
O2P FAD E . -22.09 -23.94 -0.52
O3P FAD E . -23.32 -22.07 -1.62
CL CL F . -11.66 -20.89 -0.92
PA FAD G . 21.11 30.40 14.31
O1A FAD G . 20.81 30.63 15.78
O2A FAD G . 20.80 29.00 13.85
O5B FAD G . 22.67 30.71 14.07
C5B FAD G . 23.34 31.74 14.76
C4B FAD G . 24.79 31.66 14.31
O4B FAD G . 25.48 32.84 14.67
C3B FAD G . 25.50 30.51 14.98
O3B FAD G . 26.34 29.91 14.01
C2B FAD G . 26.35 31.21 16.02
O2B FAD G . 27.51 30.49 16.32
C1B FAD G . 26.68 32.50 15.31
N9A FAD G . 27.05 33.53 16.26
C8A FAD G . 26.27 34.16 17.19
N7A FAD G . 27.07 35.06 17.84
C5A FAD G . 28.32 35.02 17.31
C6A FAD G . 29.50 35.71 17.58
N6A FAD G . 29.57 36.63 18.53
N1A FAD G . 30.64 35.41 16.85
C2A FAD G . 30.62 34.44 15.85
N3A FAD G . 29.44 33.78 15.59
C4A FAD G . 28.31 34.06 16.31
N1 FAD G . 12.22 27.38 10.10
C2 FAD G . 11.66 26.66 9.07
O2 FAD G . 11.87 27.03 7.91
N3 FAD G . 10.87 25.55 9.35
C4 FAD G . 10.62 25.13 10.64
O4 FAD G . 9.91 24.13 10.79
C4X FAD G . 11.20 25.88 11.69
N5 FAD G . 11.00 25.54 13.02
C5X FAD G . 11.58 26.29 14.03
C6 FAD G . 11.36 25.94 15.36
C7 FAD G . 11.91 26.68 16.39
C7M FAD G . 11.66 26.23 17.82
C8 FAD G . 12.72 27.79 16.11
C8M FAD G . 13.33 28.60 17.22
C9 FAD G . 12.94 28.15 14.79
C9A FAD G . 12.37 27.41 13.74
N10 FAD G . 12.57 27.76 12.40
C10 FAD G . 12.00 27.01 11.40
C1' FAD G . 13.52 28.85 12.05
C2' FAD G . 14.93 28.30 11.79
O2' FAD G . 15.47 27.82 12.99
C3' FAD G . 15.84 29.39 11.20
O3' FAD G . 15.12 30.12 10.23
C4' FAD G . 17.11 28.85 10.55
O4' FAD G . 17.58 27.63 11.11
C5' FAD G . 18.25 29.87 10.61
O5' FAD G . 18.56 30.34 11.90
P FAD G . 19.76 31.43 11.94
O1P FAD G . 20.81 30.96 10.96
O2P FAD G . 19.23 32.81 11.65
O3P FAD G . 20.29 31.52 13.48
CL CL H . 9.25 28.46 10.75
PA FAD I . -23.38 55.49 -24.45
O1A FAD I . -23.47 56.99 -24.34
O2A FAD I . -22.67 54.97 -25.67
O5B FAD I . -24.86 54.94 -24.43
C5B FAD I . -25.84 55.51 -23.60
C4B FAD I . -27.14 54.80 -23.93
O4B FAD I . -28.12 55.13 -22.95
C3B FAD I . -27.69 55.18 -25.31
O3B FAD I . -28.20 54.02 -25.94
C2B FAD I . -28.85 56.08 -24.94
O2B FAD I . -29.86 56.00 -25.91
C1B FAD I . -29.30 55.47 -23.64
N9A FAD I . -30.10 56.40 -22.87
C8A FAD I . -29.70 57.58 -22.27
N7A FAD I . -30.77 58.14 -21.65
C5A FAD I . -31.85 57.34 -21.85
C6A FAD I . -33.17 57.43 -21.46
N6A FAD I . -33.61 58.46 -20.74
N1A FAD I . -34.04 56.41 -21.82
C2A FAD I . -33.61 55.34 -22.58
N3A FAD I . -32.30 55.28 -22.95
C4A FAD I . -31.44 56.25 -22.60
N1 FAD I . -13.36 52.83 -25.05
C2 FAD I . -12.49 51.87 -25.48
O2 FAD I . -12.54 50.75 -25.00
N3 FAD I . -11.57 52.17 -26.45
C4 FAD I . -11.51 53.45 -26.99
O4 FAD I . -10.67 53.67 -27.86
C4X FAD I . -12.40 54.41 -26.55
N5 FAD I . -12.38 55.69 -27.04
C5X FAD I . -13.26 56.65 -26.58
C6 FAD I . -13.21 57.94 -27.10
C7 FAD I . -14.09 58.91 -26.64
C7M FAD I . -14.00 60.28 -27.25
C8 FAD I . -15.05 58.61 -25.69
C8M FAD I . -16.01 59.66 -25.19
C9 FAD I . -15.09 57.32 -25.16
C9A FAD I . -14.20 56.34 -25.60
N10 FAD I . -14.23 55.05 -25.10
C10 FAD I . -13.33 54.11 -25.58
C1' FAD I . -15.34 54.62 -24.19
C2' FAD I . -16.51 53.99 -24.96
O2' FAD I . -17.19 54.97 -25.71
C3' FAD I . -17.50 53.39 -23.96
O3' FAD I . -16.79 52.70 -22.98
C4' FAD I . -18.52 52.45 -24.60
O4' FAD I . -18.81 52.74 -25.96
C5' FAD I . -19.82 52.40 -23.81
O5' FAD I . -20.49 53.62 -23.59
P FAD I . -21.94 53.51 -22.86
O1P FAD I . -21.71 53.53 -21.37
O3P FAD I . -22.67 54.93 -23.09
CL CL J . -10.96 54.19 -23.45
PA FAD K . 22.16 -53.74 27.43
O1A FAD K . 21.83 -54.10 28.87
O2A FAD K . 22.09 -54.91 26.48
O5B FAD K . 23.67 -53.15 27.40
C5B FAD K . 24.14 -52.35 28.47
C4B FAD K . 25.62 -52.09 28.18
O4B FAD K . 26.12 -51.05 29.01
C3B FAD K . 26.47 -53.32 28.43
O3B FAD K . 27.37 -53.37 27.37
C2B FAD K . 27.18 -52.96 29.71
O2B FAD K . 28.46 -53.54 29.80
C1B FAD K . 27.31 -51.47 29.59
N9A FAD K . 27.51 -50.85 30.89
C8A FAD K . 26.64 -50.76 31.94
N7A FAD K . 27.25 -50.08 32.95
C5A FAD K . 28.49 -49.74 32.55
C6A FAD K . 29.55 -49.05 33.16
N6A FAD K . 29.52 -48.72 34.45
N1A FAD K . 30.71 -48.88 32.44
C2A FAD K . 30.85 -49.37 31.16
N3A FAD K . 29.82 -50.04 30.56
C4A FAD K . 28.66 -50.23 31.25
N1 FAD K . 14.03 -55.98 21.40
C2 FAD K . 13.63 -56.32 20.13
O2 FAD K . 13.81 -55.54 19.20
N3 FAD K . 13.02 -57.55 19.92
C4 FAD K . 12.81 -58.43 20.96
O4 FAD K . 12.27 -59.52 20.73
C4X FAD K . 13.20 -58.06 22.25
N5 FAD K . 13.01 -58.90 23.33
C5X FAD K . 13.42 -58.54 24.60
C6 FAD K . 13.19 -59.40 25.66
C7 FAD K . 13.58 -59.05 26.95
C7M FAD K . 13.33 -60.02 28.06
C8 FAD K . 14.19 -57.83 27.19
C8M FAD K . 14.63 -57.42 28.58
C9 FAD K . 14.41 -56.96 26.12
C9A FAD K . 14.02 -57.31 24.83
N10 FAD K . 14.23 -56.45 23.74
C10 FAD K . 13.82 -56.83 22.47
C1' FAD K . 15.02 -55.18 23.94
C2' FAD K . 16.49 -55.40 23.67
O2' FAD K . 17.01 -56.27 24.66
C3' FAD K . 17.26 -54.07 23.61
O3' FAD K . 16.51 -53.14 22.87
C4' FAD K . 18.64 -54.17 22.95
O4' FAD K . 19.27 -55.43 23.13
C5' FAD K . 19.58 -53.08 23.43
O5' FAD K . 19.85 -53.15 24.81
P FAD K . 20.83 -52.02 25.43
O1P FAD K . 22.01 -51.95 24.49
O2P FAD K . 20.11 -50.70 25.56
O3P FAD K . 21.20 -52.50 26.95
CL CL L . 10.93 -55.44 22.19
#